data_4LMV
#
_entry.id   4LMV
#
_cell.length_a   100.412
_cell.length_b   202.466
_cell.length_c   192.763
_cell.angle_alpha   90.00
_cell.angle_beta   90.00
_cell.angle_gamma   90.00
#
_symmetry.space_group_name_H-M   'C 2 2 21'
#
loop_
_entity.id
_entity.type
_entity.pdbx_description
1 polymer 'Glutathione transferase'
2 non-polymer 'CITRATE ANION'
3 non-polymer 'ACETATE ION'
#
_entity_poly.entity_id   1
_entity_poly.type   'polypeptide(L)'
_entity_poly.pdbx_seq_one_letter_code
;SQPIVFYDIPSNDTLKQSPWSPNTWKIRYALNIKGIKYKTEWVEYPDIEDVVKKLGGKPTGKKPDGRDHYTVPVIYDPNT
KTVVEDGIKIAKYLDDAYPDTPRLFPAGTDAFQAAFDDFVWSVTLAFPLLSLLLLDVSNSLPPRSSAYFRATREQQFGKR
LEEQGGEERWQQLEAGLGKFKGYLERNGAGNDLLLMGTQGGITYSDVQIASLFVWAKVVWGEGSEKWKRLMGFHGGKWAQ
FCAQFAEYERAD
;
_entity_poly.pdbx_strand_id   A,B,C,D,E,F
#
# COMPACT_ATOMS: atom_id res chain seq x y z
N SER A 1 -23.86 -52.37 4.83
CA SER A 1 -23.46 -51.09 5.44
C SER A 1 -23.97 -49.84 4.68
N GLN A 2 -24.59 -48.92 5.41
CA GLN A 2 -25.35 -47.81 4.82
C GLN A 2 -24.51 -46.61 4.42
N PRO A 3 -24.99 -45.84 3.43
CA PRO A 3 -24.29 -44.62 3.04
C PRO A 3 -24.24 -43.58 4.16
N ILE A 4 -23.09 -42.88 4.21
CA ILE A 4 -22.87 -41.77 5.14
C ILE A 4 -23.59 -40.58 4.55
N VAL A 5 -24.27 -39.81 5.39
CA VAL A 5 -24.94 -38.63 4.90
C VAL A 5 -23.97 -37.50 5.06
N PHE A 6 -23.74 -36.76 3.97
CA PHE A 6 -22.68 -35.77 3.84
C PHE A 6 -23.26 -34.43 3.44
N TYR A 7 -23.23 -33.46 4.34
CA TYR A 7 -23.84 -32.18 4.07
C TYR A 7 -22.89 -31.22 3.36
N ASP A 8 -23.30 -30.77 2.16
CA ASP A 8 -22.49 -29.89 1.30
C ASP A 8 -23.39 -28.66 0.90
N ILE A 9 -22.77 -27.53 0.52
CA ILE A 9 -23.49 -26.33 0.04
C ILE A 9 -23.53 -26.35 -1.47
N PRO A 10 -24.72 -26.16 -2.06
CA PRO A 10 -24.91 -26.36 -3.51
C PRO A 10 -24.53 -25.17 -4.35
N SER A 11 -24.46 -25.35 -5.67
CA SER A 11 -24.28 -24.22 -6.57
C SER A 11 -25.43 -24.14 -7.57
N ASN A 12 -25.52 -23.00 -8.26
CA ASN A 12 -26.57 -22.70 -9.22
C ASN A 12 -26.24 -23.27 -10.59
N ASP A 13 -27.01 -22.89 -11.60
CA ASP A 13 -26.90 -23.58 -12.86
C ASP A 13 -25.62 -23.21 -13.60
N THR A 14 -24.95 -22.15 -13.16
CA THR A 14 -23.75 -21.71 -13.87
C THR A 14 -22.57 -22.64 -13.59
N LEU A 15 -22.69 -23.48 -12.56
CA LEU A 15 -21.64 -24.44 -12.22
C LEU A 15 -22.21 -25.85 -12.33
N LYS A 16 -23.44 -25.93 -12.87
CA LYS A 16 -24.15 -27.19 -13.01
C LYS A 16 -24.27 -27.87 -11.67
N GLN A 17 -24.32 -27.06 -10.62
CA GLN A 17 -24.67 -27.56 -9.31
C GLN A 17 -23.63 -28.53 -8.79
N SER A 18 -22.45 -28.43 -9.42
CA SER A 18 -21.26 -29.10 -8.96
C SER A 18 -20.92 -28.60 -7.56
N PRO A 19 -20.45 -29.50 -6.66
CA PRO A 19 -20.04 -28.96 -5.36
C PRO A 19 -18.76 -28.14 -5.56
N TRP A 20 -18.57 -27.13 -4.71
CA TRP A 20 -17.50 -26.14 -4.93
C TRP A 20 -16.68 -25.85 -3.67
N SER A 21 -17.25 -25.97 -2.48
CA SER A 21 -16.60 -25.46 -1.26
C SER A 21 -15.29 -26.11 -0.93
N PRO A 22 -14.24 -25.30 -0.68
CA PRO A 22 -12.96 -25.94 -0.40
C PRO A 22 -13.05 -26.68 0.94
N ASN A 23 -13.94 -26.26 1.82
CA ASN A 23 -14.07 -26.96 3.08
C ASN A 23 -14.80 -28.30 2.97
N THR A 24 -15.89 -28.37 2.20
CA THR A 24 -16.58 -29.65 2.08
C THR A 24 -15.81 -30.55 1.15
N TRP A 25 -15.08 -29.99 0.21
CA TRP A 25 -14.38 -30.81 -0.75
C TRP A 25 -13.27 -31.59 -0.09
N LYS A 26 -12.81 -31.20 1.09
CA LYS A 26 -11.69 -31.94 1.61
C LYS A 26 -12.21 -33.21 2.19
N ILE A 27 -13.46 -33.19 2.63
CA ILE A 27 -14.12 -34.42 3.07
C ILE A 27 -14.72 -35.26 1.92
N ARG A 28 -15.19 -34.64 0.83
CA ARG A 28 -15.61 -35.41 -0.35
C ARG A 28 -14.45 -36.26 -0.86
N TYR A 29 -13.26 -35.66 -0.94
CA TYR A 29 -12.02 -36.31 -1.30
C TYR A 29 -11.70 -37.41 -0.33
N ALA A 30 -11.95 -37.19 0.94
CA ALA A 30 -11.65 -38.19 1.94
C ALA A 30 -12.50 -39.40 1.61
N LEU A 31 -13.80 -39.15 1.45
CA LEU A 31 -14.72 -40.24 1.16
C LEU A 31 -14.36 -40.95 -0.12
N ASN A 32 -14.04 -40.21 -1.16
CA ASN A 32 -13.72 -40.82 -2.44
C ASN A 32 -12.42 -41.66 -2.38
N ILE A 33 -11.37 -41.07 -1.79
CA ILE A 33 -10.11 -41.78 -1.65
C ILE A 33 -10.30 -43.04 -0.84
N LYS A 34 -11.13 -42.96 0.19
CA LYS A 34 -11.35 -44.10 1.09
C LYS A 34 -12.33 -45.09 0.51
N GLY A 35 -13.11 -44.67 -0.50
CA GLY A 35 -14.12 -45.50 -1.13
C GLY A 35 -15.27 -45.93 -0.23
N ILE A 36 -15.61 -45.08 0.73
CA ILE A 36 -16.73 -45.27 1.62
C ILE A 36 -17.98 -44.75 0.96
N LYS A 37 -19.10 -45.44 1.16
CA LYS A 37 -20.37 -45.06 0.51
C LYS A 37 -21.00 -43.89 1.20
N TYR A 38 -21.41 -42.91 0.39
CA TYR A 38 -22.03 -41.68 0.93
C TYR A 38 -23.05 -41.09 -0.03
N LYS A 39 -24.04 -40.35 0.49
CA LYS A 39 -24.94 -39.56 -0.36
C LYS A 39 -24.98 -38.15 0.14
N THR A 40 -24.86 -37.21 -0.80
CA THR A 40 -24.86 -35.80 -0.46
C THR A 40 -26.24 -35.29 -0.06
N GLU A 41 -26.32 -34.53 1.03
CA GLU A 41 -27.51 -33.81 1.38
C GLU A 41 -27.21 -32.38 1.12
N TRP A 42 -27.78 -31.73 0.11
CA TRP A 42 -27.52 -30.30 -0.08
C TRP A 42 -28.19 -29.39 0.97
N VAL A 43 -27.47 -28.36 1.43
CA VAL A 43 -28.04 -27.39 2.34
C VAL A 43 -27.63 -25.96 1.91
N GLU A 44 -28.52 -24.98 2.08
CA GLU A 44 -28.20 -23.61 1.73
C GLU A 44 -27.57 -22.91 2.92
N TYR A 45 -26.65 -22.02 2.63
CA TYR A 45 -25.96 -21.23 3.65
C TYR A 45 -26.85 -20.78 4.85
N PRO A 46 -27.96 -20.09 4.58
CA PRO A 46 -28.77 -19.63 5.71
C PRO A 46 -29.41 -20.75 6.49
N ASP A 47 -29.53 -21.93 5.90
CA ASP A 47 -30.19 -23.05 6.58
C ASP A 47 -29.20 -23.93 7.32
N ILE A 48 -27.91 -23.64 7.30
CA ILE A 48 -26.94 -24.54 7.90
C ILE A 48 -27.12 -24.55 9.40
N GLU A 49 -27.35 -23.40 10.03
CA GLU A 49 -27.43 -23.44 11.47
C GLU A 49 -28.54 -24.36 11.95
N ASP A 50 -29.69 -24.32 11.31
CA ASP A 50 -30.83 -25.07 11.83
C ASP A 50 -30.72 -26.51 11.49
N VAL A 51 -30.36 -26.80 10.25
CA VAL A 51 -30.07 -28.18 9.85
C VAL A 51 -29.09 -28.85 10.81
N VAL A 52 -27.94 -28.25 11.11
CA VAL A 52 -27.01 -28.92 12.00
C VAL A 52 -27.56 -28.99 13.44
N LYS A 53 -28.38 -28.06 13.87
CA LYS A 53 -28.90 -28.17 15.22
C LYS A 53 -29.94 -29.29 15.32
N LYS A 54 -30.89 -29.30 14.38
CA LYS A 54 -31.96 -30.29 14.33
C LYS A 54 -31.35 -31.67 14.23
N LEU A 55 -30.08 -31.73 13.80
CA LEU A 55 -29.39 -32.99 13.54
C LEU A 55 -28.63 -33.45 14.74
N GLY A 56 -28.51 -32.54 15.70
CA GLY A 56 -27.74 -32.77 16.91
C GLY A 56 -26.23 -32.50 16.79
N GLY A 57 -25.81 -31.78 15.75
CA GLY A 57 -24.40 -31.50 15.54
C GLY A 57 -23.91 -30.39 16.47
N LYS A 58 -22.59 -30.30 16.65
CA LYS A 58 -22.03 -29.25 17.46
C LYS A 58 -21.49 -28.12 16.59
N PRO A 59 -21.46 -26.88 17.12
CA PRO A 59 -20.84 -25.81 16.38
C PRO A 59 -19.32 -25.93 16.47
N THR A 60 -18.65 -25.44 15.43
CA THR A 60 -17.23 -25.61 15.27
C THR A 60 -16.46 -24.38 15.82
N GLY A 61 -17.15 -23.46 16.45
CA GLY A 61 -16.47 -22.29 16.89
C GLY A 61 -17.46 -21.25 17.36
N LYS A 62 -16.96 -20.03 17.54
CA LYS A 62 -17.76 -18.93 17.99
C LYS A 62 -17.60 -17.83 16.96
N LYS A 63 -18.66 -17.05 16.81
CA LYS A 63 -18.60 -15.86 15.98
C LYS A 63 -18.04 -14.78 16.91
N PRO A 64 -17.58 -13.66 16.36
CA PRO A 64 -17.16 -12.57 17.22
C PRO A 64 -18.26 -12.04 18.18
N ASP A 65 -19.55 -12.16 17.84
CA ASP A 65 -20.62 -11.82 18.79
C ASP A 65 -20.72 -12.82 19.93
N GLY A 66 -19.78 -13.77 19.99
CA GLY A 66 -19.83 -14.85 20.98
C GLY A 66 -20.96 -15.81 20.68
N ARG A 67 -21.60 -15.59 19.55
CA ARG A 67 -22.71 -16.39 19.11
C ARG A 67 -22.22 -17.72 18.49
N ASP A 68 -22.93 -18.82 18.72
CA ASP A 68 -22.45 -20.09 18.18
C ASP A 68 -22.33 -20.09 16.67
N HIS A 69 -21.17 -20.55 16.21
CA HIS A 69 -20.90 -20.68 14.79
C HIS A 69 -21.01 -22.14 14.25
N TYR A 70 -22.10 -22.46 13.50
CA TYR A 70 -22.28 -23.81 12.97
C TYR A 70 -21.85 -23.81 11.53
N THR A 71 -21.07 -24.83 11.14
CA THR A 71 -20.51 -24.87 9.77
C THR A 71 -20.61 -26.22 9.08
N VAL A 72 -20.41 -26.28 7.77
CA VAL A 72 -20.17 -27.54 7.06
C VAL A 72 -18.69 -27.58 6.68
N PRO A 73 -18.11 -28.77 6.39
CA PRO A 73 -18.72 -30.09 6.26
C PRO A 73 -19.22 -30.66 7.58
N VAL A 74 -20.20 -31.55 7.47
CA VAL A 74 -20.75 -32.29 8.61
C VAL A 74 -21.15 -33.64 8.10
N ILE A 75 -21.03 -34.68 8.92
CA ILE A 75 -21.52 -35.97 8.46
C ILE A 75 -22.35 -36.68 9.51
N TYR A 76 -23.36 -37.46 9.02
CA TYR A 76 -24.07 -38.43 9.83
C TYR A 76 -23.74 -39.81 9.31
N ASP A 77 -23.19 -40.61 10.22
CA ASP A 77 -22.83 -41.99 9.91
C ASP A 77 -23.85 -42.90 10.52
N PRO A 78 -24.77 -43.43 9.69
CA PRO A 78 -25.79 -44.34 10.23
C PRO A 78 -25.13 -45.55 10.91
N ASN A 79 -24.07 -46.07 10.29
CA ASN A 79 -23.42 -47.25 10.76
C ASN A 79 -22.86 -47.14 12.14
N THR A 80 -22.78 -45.96 12.74
CA THR A 80 -22.25 -45.84 14.08
C THR A 80 -23.05 -44.86 14.86
N LYS A 81 -24.14 -44.40 14.25
CA LYS A 81 -25.05 -43.49 14.92
C LYS A 81 -24.31 -42.29 15.51
N THR A 82 -23.36 -41.73 14.77
CA THR A 82 -22.67 -40.48 15.21
C THR A 82 -22.67 -39.35 14.17
N VAL A 83 -22.49 -38.14 14.69
CA VAL A 83 -22.52 -36.97 13.89
C VAL A 83 -21.22 -36.27 14.15
N VAL A 84 -20.38 -36.20 13.12
CA VAL A 84 -19.11 -35.52 13.20
C VAL A 84 -19.13 -34.19 12.43
N GLU A 85 -18.59 -33.16 13.08
CA GLU A 85 -18.53 -31.85 12.50
C GLU A 85 -17.09 -31.51 12.56
N ASP A 86 -16.69 -30.52 11.78
CA ASP A 86 -15.33 -30.01 11.73
C ASP A 86 -14.40 -30.87 10.89
N GLY A 87 -14.00 -30.34 9.76
CA GLY A 87 -13.35 -31.13 8.73
C GLY A 87 -12.17 -31.98 9.11
N ILE A 88 -11.31 -31.50 9.98
CA ILE A 88 -10.15 -32.27 10.34
C ILE A 88 -10.51 -33.34 11.37
N LYS A 89 -11.65 -33.18 12.03
CA LYS A 89 -12.10 -34.24 12.94
C LYS A 89 -12.80 -35.31 12.12
N ILE A 90 -13.62 -34.88 11.16
CA ILE A 90 -14.32 -35.77 10.28
C ILE A 90 -13.34 -36.66 9.53
N ALA A 91 -12.24 -36.11 9.06
CA ALA A 91 -11.26 -36.93 8.34
C ALA A 91 -10.63 -37.98 9.25
N LYS A 92 -10.30 -37.62 10.49
CA LYS A 92 -9.69 -38.55 11.41
C LYS A 92 -10.73 -39.59 11.79
N TYR A 93 -11.96 -39.16 11.97
CA TYR A 93 -13.04 -40.10 12.24
C TYR A 93 -13.10 -41.14 11.12
N LEU A 94 -13.14 -40.68 9.89
CA LEU A 94 -13.07 -41.62 8.79
C LEU A 94 -11.83 -42.51 8.80
N ASP A 95 -10.86 -42.17 9.61
CA ASP A 95 -9.70 -43.00 9.75
C ASP A 95 -10.04 -44.03 10.78
N ASP A 96 -10.43 -43.53 11.95
CA ASP A 96 -10.64 -44.38 13.10
C ASP A 96 -11.75 -45.37 12.90
N ALA A 97 -12.87 -44.93 12.40
CA ALA A 97 -14.02 -45.81 12.24
C ALA A 97 -14.00 -46.67 10.99
N TYR A 98 -13.00 -46.56 10.15
CA TYR A 98 -12.93 -47.36 8.94
C TYR A 98 -11.48 -47.63 8.66
N PRO A 99 -10.88 -48.44 9.49
CA PRO A 99 -9.43 -48.63 9.41
C PRO A 99 -8.88 -49.40 8.22
N ASP A 100 -9.68 -49.89 7.29
CA ASP A 100 -9.14 -50.66 6.19
C ASP A 100 -9.17 -49.84 4.96
N THR A 101 -9.48 -48.58 5.16
CA THR A 101 -9.47 -47.63 4.07
C THR A 101 -8.18 -46.88 4.28
N PRO A 102 -7.58 -46.38 3.19
CA PRO A 102 -6.33 -45.60 3.23
C PRO A 102 -6.30 -44.59 4.43
N ARG A 103 -5.21 -44.57 5.23
CA ARG A 103 -5.12 -43.67 6.36
C ARG A 103 -4.67 -42.32 5.96
N LEU A 104 -5.49 -41.34 6.27
CA LEU A 104 -5.18 -39.96 5.95
C LEU A 104 -4.29 -39.35 7.04
N PHE A 105 -4.28 -39.96 8.22
CA PHE A 105 -3.37 -39.53 9.30
C PHE A 105 -2.42 -40.63 9.75
N PRO A 106 -1.43 -40.95 8.91
CA PRO A 106 -0.41 -41.95 9.21
C PRO A 106 0.13 -41.75 10.61
N ALA A 107 0.70 -42.78 11.20
CA ALA A 107 1.09 -42.73 12.63
C ALA A 107 2.06 -41.60 12.95
N GLY A 108 1.79 -40.84 14.01
CA GLY A 108 2.72 -39.82 14.45
C GLY A 108 2.70 -38.56 13.60
N THR A 109 1.96 -38.60 12.50
CA THR A 109 1.79 -37.38 11.72
C THR A 109 0.66 -36.54 12.29
N ASP A 110 -0.05 -37.02 13.29
CA ASP A 110 -1.24 -36.33 13.75
C ASP A 110 -1.01 -34.86 14.15
N ALA A 111 0.06 -34.56 14.89
CA ALA A 111 0.33 -33.17 15.33
C ALA A 111 0.93 -32.33 14.19
N PHE A 112 1.77 -32.94 13.38
CA PHE A 112 2.35 -32.24 12.25
C PHE A 112 1.25 -31.76 11.31
N GLN A 113 0.21 -32.55 11.12
CA GLN A 113 -0.84 -32.22 10.15
C GLN A 113 -1.76 -31.12 10.69
N ALA A 114 -1.71 -30.95 12.01
CA ALA A 114 -2.53 -29.99 12.72
C ALA A 114 -1.84 -28.70 12.60
N ALA A 115 -0.52 -28.75 12.60
CA ALA A 115 0.28 -27.56 12.45
C ALA A 115 0.11 -27.08 11.04
N PHE A 116 0.23 -27.99 10.09
CA PHE A 116 0.06 -27.68 8.69
C PHE A 116 -1.29 -27.06 8.43
N ASP A 117 -2.24 -27.27 9.33
CA ASP A 117 -3.63 -26.85 9.11
C ASP A 117 -3.67 -25.34 9.29
N ASP A 118 -2.92 -24.84 10.27
CA ASP A 118 -2.79 -23.40 10.48
C ASP A 118 -1.98 -22.71 9.37
N PHE A 119 -1.14 -23.45 8.66
CA PHE A 119 -0.43 -22.88 7.55
C PHE A 119 -1.35 -22.64 6.42
N VAL A 120 -2.23 -23.59 6.15
CA VAL A 120 -3.14 -23.49 5.01
C VAL A 120 -4.13 -22.35 5.16
N TRP A 121 -4.86 -22.36 6.27
CA TRP A 121 -5.88 -21.36 6.52
C TRP A 121 -5.32 -20.12 7.20
N SER A 122 -4.63 -19.32 6.41
CA SER A 122 -3.93 -18.17 6.94
C SER A 122 -3.66 -17.18 5.85
N VAL A 123 -3.25 -15.99 6.27
CA VAL A 123 -3.02 -14.90 5.35
C VAL A 123 -1.97 -15.26 4.30
N THR A 124 -1.21 -16.31 4.59
CA THR A 124 -0.13 -16.78 3.73
C THR A 124 -0.65 -17.37 2.45
N LEU A 125 -1.75 -18.11 2.48
CA LEU A 125 -2.14 -18.95 1.34
C LEU A 125 -3.69 -19.06 1.03
N ALA A 126 -4.48 -19.59 1.94
CA ALA A 126 -5.90 -19.64 1.67
C ALA A 126 -6.61 -18.27 1.56
N PHE A 127 -6.20 -17.27 2.34
CA PHE A 127 -6.93 -16.01 2.34
C PHE A 127 -6.69 -15.21 1.09
N PRO A 128 -5.46 -15.12 0.63
CA PRO A 128 -5.30 -14.48 -0.68
C PRO A 128 -6.23 -15.05 -1.76
N LEU A 129 -6.24 -16.38 -1.88
CA LEU A 129 -7.09 -17.13 -2.84
C LEU A 129 -8.58 -16.93 -2.56
N LEU A 130 -8.92 -16.85 -1.29
CA LEU A 130 -10.27 -16.53 -0.98
C LEU A 130 -10.66 -15.22 -1.66
N SER A 131 -9.82 -14.19 -1.51
CA SER A 131 -10.11 -12.83 -1.98
C SER A 131 -10.34 -12.86 -3.48
N LEU A 132 -9.62 -13.74 -4.16
CA LEU A 132 -9.76 -13.85 -5.59
C LEU A 132 -11.05 -14.54 -5.98
N LEU A 133 -11.64 -15.23 -5.02
CA LEU A 133 -12.84 -16.02 -5.27
C LEU A 133 -14.10 -15.51 -4.58
N LEU A 134 -13.97 -14.61 -3.61
CA LEU A 134 -15.14 -14.14 -2.92
C LEU A 134 -16.28 -13.68 -3.84
N LEU A 135 -15.97 -12.89 -4.89
CA LEU A 135 -17.05 -12.40 -5.74
C LEU A 135 -17.64 -13.50 -6.57
N ASP A 136 -16.81 -14.28 -7.27
CA ASP A 136 -17.32 -15.31 -8.17
C ASP A 136 -18.13 -16.39 -7.44
N VAL A 137 -17.84 -16.59 -6.17
CA VAL A 137 -18.59 -17.53 -5.37
C VAL A 137 -20.00 -17.01 -5.14
N SER A 138 -20.10 -15.70 -4.89
CA SER A 138 -21.38 -15.06 -4.62
C SER A 138 -22.26 -15.26 -5.84
N ASN A 139 -21.68 -15.13 -7.01
CA ASN A 139 -22.40 -15.36 -8.26
C ASN A 139 -22.56 -16.82 -8.62
N SER A 140 -22.04 -17.72 -7.80
CA SER A 140 -22.20 -19.13 -8.09
C SER A 140 -23.13 -19.82 -7.11
N LEU A 141 -23.73 -19.07 -6.22
CA LEU A 141 -24.68 -19.66 -5.30
C LEU A 141 -26.18 -19.55 -5.75
N PRO A 142 -27.03 -20.50 -5.33
CA PRO A 142 -28.47 -20.23 -5.41
C PRO A 142 -28.80 -18.89 -4.76
N PRO A 143 -29.92 -18.29 -5.15
CA PRO A 143 -30.22 -16.93 -4.74
C PRO A 143 -30.22 -16.77 -3.23
N ARG A 144 -30.88 -17.62 -2.49
CA ARG A 144 -30.93 -17.42 -1.08
C ARG A 144 -29.56 -17.46 -0.48
N SER A 145 -28.71 -18.36 -0.96
CA SER A 145 -27.38 -18.58 -0.35
C SER A 145 -26.48 -17.43 -0.73
N SER A 146 -26.47 -17.11 -2.01
CA SER A 146 -25.76 -15.95 -2.49
C SER A 146 -26.06 -14.71 -1.68
N ALA A 147 -27.29 -14.54 -1.24
CA ALA A 147 -27.62 -13.35 -0.53
C ALA A 147 -26.99 -13.41 0.81
N TYR A 148 -27.15 -14.53 1.47
CA TYR A 148 -26.53 -14.73 2.78
C TYR A 148 -25.02 -14.55 2.64
N PHE A 149 -24.44 -15.13 1.60
CA PHE A 149 -22.99 -15.10 1.42
C PHE A 149 -22.47 -13.71 1.32
N ARG A 150 -23.04 -12.92 0.40
CA ARG A 150 -22.59 -11.55 0.21
C ARG A 150 -22.75 -10.75 1.48
N ALA A 151 -23.90 -10.81 2.12
CA ALA A 151 -24.13 -10.03 3.36
C ALA A 151 -23.07 -10.34 4.35
N THR A 152 -22.86 -11.62 4.63
CA THR A 152 -22.04 -12.00 5.79
C THR A 152 -20.57 -11.77 5.52
N ARG A 153 -20.12 -12.08 4.33
CA ARG A 153 -18.71 -11.89 4.03
C ARG A 153 -18.39 -10.40 3.92
N GLU A 154 -19.31 -9.59 3.38
CA GLU A 154 -19.05 -8.16 3.23
C GLU A 154 -18.88 -7.55 4.60
N GLN A 155 -19.68 -8.01 5.54
CA GLN A 155 -19.62 -7.55 6.91
C GLN A 155 -18.32 -8.01 7.50
N GLN A 156 -17.91 -9.20 7.13
CA GLN A 156 -16.78 -9.85 7.76
C GLN A 156 -15.47 -9.11 7.47
N PHE A 157 -15.33 -8.62 6.24
CA PHE A 157 -14.09 -7.96 5.82
C PHE A 157 -14.21 -6.43 5.65
N GLY A 158 -15.32 -5.84 6.08
CA GLY A 158 -15.55 -4.44 5.81
C GLY A 158 -15.54 -3.95 4.35
N LYS A 159 -15.32 -4.80 3.35
CA LYS A 159 -15.35 -4.35 1.96
C LYS A 159 -16.59 -4.85 1.23
N ARG A 160 -16.92 -4.23 0.11
CA ARG A 160 -17.84 -4.85 -0.82
C ARG A 160 -17.09 -5.98 -1.43
N LEU A 161 -17.78 -6.91 -2.01
CA LEU A 161 -17.13 -8.04 -2.59
C LEU A 161 -16.36 -7.59 -3.78
N GLU A 162 -16.86 -6.54 -4.42
CA GLU A 162 -16.25 -6.11 -5.68
C GLU A 162 -14.92 -5.39 -5.43
N GLU A 163 -14.68 -5.00 -4.18
CA GLU A 163 -13.45 -4.40 -3.77
C GLU A 163 -12.37 -5.42 -3.42
N GLN A 164 -12.65 -6.70 -3.56
CA GLN A 164 -11.75 -7.72 -3.03
C GLN A 164 -10.93 -8.28 -4.17
N GLY A 165 -9.74 -8.80 -3.89
CA GLY A 165 -8.93 -9.38 -4.94
C GLY A 165 -7.88 -8.43 -5.52
N GLY A 166 -7.55 -8.63 -6.80
CA GLY A 166 -6.53 -7.80 -7.42
C GLY A 166 -5.09 -8.21 -7.16
N GLU A 167 -4.15 -7.61 -7.91
CA GLU A 167 -2.83 -8.20 -8.09
C GLU A 167 -2.02 -8.31 -6.84
N GLU A 168 -2.32 -7.47 -5.87
CA GLU A 168 -1.59 -7.53 -4.63
C GLU A 168 -1.69 -8.94 -4.06
N ARG A 169 -2.83 -9.57 -4.26
CA ARG A 169 -3.15 -10.88 -3.68
C ARG A 169 -2.74 -12.06 -4.56
N TRP A 170 -2.80 -11.89 -5.88
CA TRP A 170 -2.21 -12.86 -6.79
C TRP A 170 -0.72 -13.05 -6.48
N GLN A 171 -0.10 -12.02 -5.91
CA GLN A 171 1.30 -12.17 -5.56
C GLN A 171 1.42 -12.93 -4.28
N GLN A 172 0.65 -12.49 -3.27
CA GLN A 172 0.64 -13.18 -2.00
C GLN A 172 0.34 -14.68 -2.19
N LEU A 173 -0.54 -14.98 -3.15
CA LEU A 173 -0.89 -16.35 -3.42
C LEU A 173 0.31 -17.09 -3.99
N GLU A 174 0.90 -16.57 -5.05
CA GLU A 174 2.06 -17.21 -5.63
C GLU A 174 3.13 -17.44 -4.57
N ALA A 175 3.24 -16.50 -3.64
CA ALA A 175 4.24 -16.51 -2.57
C ALA A 175 3.99 -17.62 -1.60
N GLY A 176 2.75 -17.71 -1.12
CA GLY A 176 2.34 -18.81 -0.28
C GLY A 176 2.55 -20.12 -1.00
N LEU A 177 2.03 -20.26 -2.20
CA LEU A 177 2.19 -21.53 -2.90
C LEU A 177 3.66 -21.85 -3.10
N GLY A 178 4.45 -20.81 -3.25
CA GLY A 178 5.87 -20.97 -3.30
C GLY A 178 6.43 -21.59 -2.02
N LYS A 179 5.99 -21.06 -0.87
CA LYS A 179 6.41 -21.57 0.41
C LYS A 179 6.10 -23.04 0.49
N PHE A 180 4.94 -23.44 -0.04
CA PHE A 180 4.55 -24.83 -0.03
C PHE A 180 5.44 -25.70 -0.93
N LYS A 181 5.70 -25.23 -2.14
CA LYS A 181 6.67 -25.86 -3.04
C LYS A 181 8.02 -26.01 -2.32
N GLY A 182 8.31 -25.08 -1.44
CA GLY A 182 9.53 -25.16 -0.69
C GLY A 182 9.53 -26.33 0.23
N TYR A 183 8.51 -26.42 1.04
CA TYR A 183 8.40 -27.53 1.95
C TYR A 183 8.46 -28.87 1.22
N LEU A 184 7.77 -28.99 0.11
CA LEU A 184 7.73 -30.24 -0.61
C LEU A 184 9.09 -30.58 -1.16
N GLU A 185 9.82 -29.58 -1.61
CA GLU A 185 11.11 -29.86 -2.18
C GLU A 185 12.07 -30.40 -1.12
N ARG A 186 11.80 -30.20 0.15
CA ARG A 186 12.65 -30.76 1.18
C ARG A 186 12.51 -32.26 1.29
N ASN A 187 11.55 -32.81 0.57
CA ASN A 187 11.41 -34.25 0.55
C ASN A 187 12.38 -34.85 -0.45
N GLY A 188 13.08 -33.99 -1.18
CA GLY A 188 13.99 -34.42 -2.23
C GLY A 188 13.30 -34.71 -3.55
N ALA A 189 14.05 -34.57 -4.63
CA ALA A 189 13.49 -34.81 -5.95
C ALA A 189 12.82 -36.20 -6.11
N GLY A 190 11.73 -36.22 -6.85
CA GLY A 190 10.95 -37.44 -7.00
C GLY A 190 9.96 -37.65 -5.87
N ASN A 191 10.02 -36.79 -4.85
CA ASN A 191 9.13 -36.89 -3.71
C ASN A 191 8.47 -35.57 -3.47
N ASP A 192 8.53 -34.68 -4.43
CA ASP A 192 8.10 -33.32 -4.15
C ASP A 192 6.68 -33.04 -4.56
N LEU A 193 5.83 -34.06 -4.57
CA LEU A 193 4.41 -33.84 -4.91
C LEU A 193 3.42 -34.37 -3.87
N LEU A 194 3.92 -34.86 -2.74
CA LEU A 194 3.04 -35.14 -1.61
C LEU A 194 3.81 -34.89 -0.32
N LEU A 195 3.14 -34.53 0.76
CA LEU A 195 3.88 -34.11 1.94
C LEU A 195 4.79 -35.20 2.50
N MET A 196 4.42 -36.47 2.27
CA MET A 196 5.19 -37.56 2.85
C MET A 196 5.91 -38.29 1.75
N GLY A 197 6.13 -37.61 0.65
CA GLY A 197 6.78 -38.23 -0.49
C GLY A 197 5.74 -38.80 -1.42
N THR A 198 6.02 -38.73 -2.72
CA THR A 198 5.21 -39.39 -3.73
C THR A 198 5.41 -40.92 -3.60
N GLN A 199 6.08 -41.32 -2.52
CA GLN A 199 6.17 -42.69 -2.08
C GLN A 199 5.13 -42.99 -1.01
N GLY A 200 5.33 -42.47 0.20
CA GLY A 200 4.49 -42.79 1.35
C GLY A 200 3.03 -42.31 1.44
N GLY A 201 2.34 -42.11 0.29
CA GLY A 201 0.88 -41.96 0.27
C GLY A 201 0.24 -40.57 0.45
N ILE A 202 -1.06 -40.49 0.16
CA ILE A 202 -1.83 -39.24 0.33
C ILE A 202 -2.25 -39.00 1.76
N THR A 203 -2.05 -37.77 2.27
CA THR A 203 -2.48 -37.41 3.64
C THR A 203 -3.62 -36.37 3.61
N TYR A 204 -4.17 -36.10 4.76
CA TYR A 204 -5.23 -35.16 4.82
C TYR A 204 -4.63 -33.84 4.44
N SER A 205 -3.38 -33.60 4.82
CA SER A 205 -2.77 -32.29 4.61
C SER A 205 -2.62 -32.03 3.13
N ASP A 206 -2.29 -33.07 2.37
CA ASP A 206 -2.23 -33.01 0.92
C ASP A 206 -3.59 -32.65 0.39
N VAL A 207 -4.59 -33.33 0.90
CA VAL A 207 -5.96 -33.13 0.46
C VAL A 207 -6.43 -31.70 0.67
N GLN A 208 -6.07 -31.12 1.81
CA GLN A 208 -6.37 -29.69 2.05
C GLN A 208 -5.91 -28.81 0.87
N ILE A 209 -4.69 -28.98 0.37
CA ILE A 209 -4.24 -28.15 -0.73
C ILE A 209 -5.04 -28.47 -2.01
N ALA A 210 -5.11 -29.77 -2.35
CA ALA A 210 -5.91 -30.28 -3.47
C ALA A 210 -7.27 -29.63 -3.53
N SER A 211 -7.85 -29.42 -2.34
CA SER A 211 -9.16 -28.82 -2.17
C SER A 211 -9.19 -27.34 -2.49
N LEU A 212 -8.18 -26.58 -2.09
CA LEU A 212 -8.14 -25.17 -2.49
C LEU A 212 -8.21 -25.14 -3.99
N PHE A 213 -7.44 -26.00 -4.65
CA PHE A 213 -7.37 -25.94 -6.09
C PHE A 213 -8.69 -26.30 -6.78
N VAL A 214 -9.28 -27.40 -6.36
CA VAL A 214 -10.51 -27.89 -6.99
C VAL A 214 -11.61 -26.85 -6.87
N TRP A 215 -11.67 -26.23 -5.70
CA TRP A 215 -12.49 -25.03 -5.49
C TRP A 215 -12.29 -23.90 -6.55
N ALA A 216 -11.03 -23.52 -6.78
CA ALA A 216 -10.74 -22.55 -7.81
C ALA A 216 -11.19 -23.12 -9.16
N LYS A 217 -10.76 -24.34 -9.46
CA LYS A 217 -11.11 -24.91 -10.74
C LYS A 217 -12.64 -24.93 -10.98
N VAL A 218 -13.41 -25.33 -9.99
CA VAL A 218 -14.85 -25.39 -10.20
C VAL A 218 -15.48 -24.01 -10.40
N VAL A 219 -15.13 -23.03 -9.56
CA VAL A 219 -15.80 -21.74 -9.60
C VAL A 219 -15.35 -20.94 -10.83
N TRP A 220 -14.04 -20.86 -11.09
CA TRP A 220 -13.58 -20.11 -12.28
C TRP A 220 -13.86 -20.86 -13.58
N GLY A 221 -13.79 -22.18 -13.51
CA GLY A 221 -13.99 -23.01 -14.67
C GLY A 221 -12.69 -23.44 -15.31
N GLU A 222 -12.58 -24.72 -15.65
CA GLU A 222 -11.33 -25.32 -16.12
C GLU A 222 -10.76 -24.55 -17.30
N GLY A 223 -11.62 -23.85 -18.01
CA GLY A 223 -11.19 -23.10 -19.17
C GLY A 223 -10.88 -21.65 -18.90
N SER A 224 -11.08 -21.14 -17.70
CA SER A 224 -11.01 -19.70 -17.50
C SER A 224 -9.61 -19.15 -17.62
N GLU A 225 -9.48 -17.83 -17.69
CA GLU A 225 -8.15 -17.24 -17.74
C GLU A 225 -7.52 -17.39 -16.36
N LYS A 226 -8.28 -17.06 -15.31
CA LYS A 226 -7.81 -17.20 -13.92
C LYS A 226 -7.26 -18.61 -13.60
N TRP A 227 -8.02 -19.66 -13.87
CA TRP A 227 -7.57 -21.01 -13.61
C TRP A 227 -6.28 -21.31 -14.35
N LYS A 228 -6.18 -20.85 -15.59
CA LYS A 228 -5.05 -21.25 -16.40
C LYS A 228 -3.81 -20.49 -15.90
N ARG A 229 -4.04 -19.29 -15.39
CA ARG A 229 -2.99 -18.50 -14.76
C ARG A 229 -2.41 -19.19 -13.54
N LEU A 230 -3.30 -19.65 -12.67
CA LEU A 230 -2.91 -20.33 -11.45
C LEU A 230 -2.14 -21.58 -11.80
N MET A 231 -2.62 -22.34 -12.78
CA MET A 231 -1.86 -23.50 -13.21
C MET A 231 -0.56 -23.09 -13.81
N GLY A 232 -0.47 -21.82 -14.19
CA GLY A 232 0.77 -21.28 -14.70
C GLY A 232 1.88 -21.35 -13.67
N PHE A 233 1.51 -21.04 -12.45
CA PHE A 233 2.47 -20.87 -11.38
C PHE A 233 3.50 -21.99 -11.28
N HIS A 234 4.72 -21.58 -10.91
CA HIS A 234 5.83 -22.47 -10.59
C HIS A 234 6.05 -23.56 -11.61
N GLY A 235 5.99 -23.15 -12.88
CA GLY A 235 6.28 -24.03 -14.01
C GLY A 235 5.27 -25.15 -14.10
N GLY A 236 4.09 -24.90 -13.52
CA GLY A 236 2.98 -25.82 -13.60
C GLY A 236 3.08 -26.99 -12.66
N LYS A 237 3.86 -26.83 -11.60
CA LYS A 237 3.94 -27.86 -10.58
C LYS A 237 2.52 -28.18 -10.10
N TRP A 238 1.71 -27.17 -9.89
CA TRP A 238 0.41 -27.42 -9.30
C TRP A 238 -0.49 -28.19 -10.27
N ALA A 239 -0.25 -28.07 -11.57
CA ALA A 239 -0.90 -29.00 -12.49
C ALA A 239 -0.52 -30.44 -12.16
N GLN A 240 0.75 -30.70 -11.93
CA GLN A 240 1.18 -32.05 -11.65
C GLN A 240 0.60 -32.48 -10.34
N PHE A 241 0.61 -31.57 -9.38
CA PHE A 241 0.05 -31.86 -8.05
C PHE A 241 -1.41 -32.23 -8.08
N CYS A 242 -2.23 -31.39 -8.69
CA CYS A 242 -3.64 -31.66 -8.81
C CYS A 242 -4.00 -32.93 -9.59
N ALA A 243 -3.17 -33.30 -10.58
CA ALA A 243 -3.44 -34.51 -11.35
C ALA A 243 -3.57 -35.74 -10.45
N GLN A 244 -2.81 -35.79 -9.36
CA GLN A 244 -2.81 -36.94 -8.46
C GLN A 244 -4.19 -37.13 -7.89
N PHE A 245 -4.97 -36.07 -7.89
CA PHE A 245 -6.28 -36.11 -7.27
C PHE A 245 -7.43 -36.22 -8.25
N ALA A 246 -7.12 -36.36 -9.54
CA ALA A 246 -8.13 -36.36 -10.59
C ALA A 246 -9.13 -37.50 -10.41
N GLU A 247 -8.63 -38.72 -10.29
CA GLU A 247 -9.53 -39.85 -10.17
C GLU A 247 -10.47 -39.75 -8.99
N TYR A 248 -10.24 -38.79 -8.11
CA TYR A 248 -11.04 -38.68 -6.87
C TYR A 248 -12.07 -37.59 -6.88
N GLU A 249 -12.51 -37.19 -8.08
CA GLU A 249 -13.50 -36.13 -8.20
C GLU A 249 -14.87 -36.73 -8.66
N ARG A 250 -15.74 -36.97 -7.69
CA ARG A 250 -17.04 -37.57 -7.96
C ARG A 250 -18.13 -36.78 -7.32
N ALA A 251 -18.56 -35.75 -8.05
CA ALA A 251 -19.69 -34.89 -7.70
C ALA A 251 -21.01 -35.66 -7.62
N ASP A 252 -21.67 -35.61 -6.45
CA ASP A 252 -22.87 -36.41 -6.13
C ASP A 252 -23.53 -35.91 -4.84
N SER B 1 37.94 -40.73 14.02
CA SER B 1 37.08 -39.67 13.38
C SER B 1 37.05 -38.33 14.15
N GLN B 2 37.22 -37.20 13.44
CA GLN B 2 37.57 -35.92 14.07
C GLN B 2 36.39 -35.12 14.52
N PRO B 3 36.58 -34.27 15.53
CA PRO B 3 35.48 -33.44 16.00
C PRO B 3 34.95 -32.47 14.93
N ILE B 4 33.64 -32.23 14.94
CA ILE B 4 33.04 -31.26 14.06
C ILE B 4 33.32 -29.93 14.73
N VAL B 5 33.64 -28.93 13.93
CA VAL B 5 33.79 -27.59 14.41
C VAL B 5 32.47 -26.88 14.28
N PHE B 6 32.06 -26.29 15.39
CA PHE B 6 30.70 -25.79 15.56
C PHE B 6 30.80 -24.32 16.02
N TYR B 7 30.33 -23.40 15.21
CA TYR B 7 30.46 -22.00 15.52
C TYR B 7 29.27 -21.51 16.27
N ASP B 8 29.48 -20.94 17.45
CA ASP B 8 28.39 -20.45 18.33
C ASP B 8 28.80 -19.05 18.81
N ILE B 9 27.82 -18.23 19.21
CA ILE B 9 28.08 -16.87 19.70
C ILE B 9 28.13 -16.86 21.21
N PRO B 10 29.18 -16.26 21.80
CA PRO B 10 29.46 -16.39 23.24
C PRO B 10 28.66 -15.45 24.13
N SER B 11 28.76 -15.67 25.43
CA SER B 11 28.15 -14.75 26.38
C SER B 11 29.21 -14.26 27.34
N ASN B 12 28.90 -13.20 28.09
CA ASN B 12 29.80 -12.62 29.08
C ASN B 12 29.76 -13.29 30.46
N ASP B 13 30.40 -12.70 31.45
CA ASP B 13 30.54 -13.43 32.72
C ASP B 13 29.24 -13.59 33.47
N THR B 14 28.22 -12.86 33.08
CA THR B 14 26.96 -12.93 33.81
C THR B 14 26.21 -14.23 33.54
N LEU B 15 26.56 -14.90 32.43
CA LEU B 15 25.96 -16.18 32.08
C LEU B 15 27.03 -17.28 32.16
N LYS B 16 28.22 -16.93 32.67
CA LYS B 16 29.35 -17.82 32.75
C LYS B 16 29.68 -18.38 31.40
N GLN B 17 29.41 -17.60 30.38
CA GLN B 17 29.86 -17.90 29.04
C GLN B 17 29.24 -19.13 28.45
N SER B 18 28.14 -19.54 29.08
CA SER B 18 27.27 -20.59 28.61
C SER B 18 26.81 -20.22 27.24
N PRO B 19 26.69 -21.17 26.32
CA PRO B 19 26.03 -20.77 25.09
C PRO B 19 24.57 -20.45 25.36
N TRP B 20 23.96 -19.57 24.54
CA TRP B 20 22.60 -19.08 24.79
C TRP B 20 21.68 -19.05 23.56
N SER B 21 22.19 -19.04 22.35
CA SER B 21 21.33 -18.73 21.23
C SER B 21 20.34 -19.79 20.89
N PRO B 22 19.09 -19.42 20.67
CA PRO B 22 18.13 -20.48 20.37
C PRO B 22 18.38 -21.11 18.99
N ASN B 23 19.06 -20.39 18.10
CA ASN B 23 19.42 -20.95 16.81
C ASN B 23 20.59 -21.88 16.90
N THR B 24 21.67 -21.53 17.62
CA THR B 24 22.77 -22.47 17.70
C THR B 24 22.44 -23.65 18.63
N TRP B 25 21.57 -23.45 19.60
CA TRP B 25 21.22 -24.49 20.55
C TRP B 25 20.54 -25.65 19.89
N LYS B 26 19.76 -25.41 18.85
CA LYS B 26 19.09 -26.53 18.20
C LYS B 26 20.13 -27.49 17.55
N ILE B 27 21.27 -26.97 17.11
CA ILE B 27 22.30 -27.83 16.56
C ILE B 27 23.17 -28.38 17.64
N ARG B 28 23.25 -27.72 18.78
CA ARG B 28 24.01 -28.29 19.91
C ARG B 28 23.32 -29.51 20.41
N TYR B 29 22.05 -29.37 20.70
CA TYR B 29 21.13 -30.48 20.94
C TYR B 29 21.25 -31.61 19.92
N ALA B 30 21.30 -31.28 18.64
CA ALA B 30 21.40 -32.28 17.60
C ALA B 30 22.67 -33.09 17.83
N LEU B 31 23.76 -32.38 18.04
CA LEU B 31 25.03 -33.05 18.19
C LEU B 31 25.01 -33.90 19.46
N ASN B 32 24.45 -33.40 20.54
CA ASN B 32 24.44 -34.13 21.78
C ASN B 32 23.50 -35.34 21.70
N ILE B 33 22.32 -35.16 21.13
CA ILE B 33 21.42 -36.27 20.97
C ILE B 33 22.05 -37.32 20.10
N LYS B 34 22.81 -36.91 19.08
CA LYS B 34 23.39 -37.88 18.16
C LYS B 34 24.69 -38.43 18.69
N GLY B 35 25.19 -37.83 19.76
CA GLY B 35 26.48 -38.20 20.32
C GLY B 35 27.67 -38.12 19.34
N ILE B 36 27.65 -37.10 18.47
CA ILE B 36 28.70 -36.84 17.52
C ILE B 36 29.71 -35.91 18.18
N LYS B 37 31.01 -36.17 17.98
CA LYS B 37 32.06 -35.39 18.60
C LYS B 37 32.19 -34.07 17.92
N TYR B 38 32.24 -33.01 18.74
CA TYR B 38 32.38 -31.61 18.26
C TYR B 38 33.15 -30.72 19.28
N LYS B 39 33.74 -29.64 18.78
CA LYS B 39 34.30 -28.60 19.65
C LYS B 39 33.76 -27.29 19.17
N THR B 40 33.35 -26.46 20.11
CA THR B 40 32.81 -25.14 19.78
C THR B 40 33.90 -24.13 19.42
N GLU B 41 33.65 -23.32 18.40
CA GLU B 41 34.50 -22.20 18.03
C GLU B 41 33.72 -20.99 18.33
N TRP B 42 34.13 -20.15 19.26
CA TRP B 42 33.29 -19.01 19.59
C TRP B 42 33.53 -17.90 18.57
N VAL B 43 32.47 -17.22 18.15
CA VAL B 43 32.60 -16.09 17.25
C VAL B 43 31.68 -14.94 17.68
N GLU B 44 32.16 -13.69 17.57
CA GLU B 44 31.39 -12.53 18.03
C GLU B 44 30.45 -12.10 16.91
N TYR B 45 29.29 -11.55 17.25
CA TYR B 45 28.29 -11.11 16.26
C TYR B 45 28.90 -10.36 15.07
N PRO B 46 29.63 -9.27 15.31
CA PRO B 46 30.25 -8.52 14.18
C PRO B 46 31.29 -9.30 13.41
N ASP B 47 31.92 -10.28 13.99
CA ASP B 47 32.89 -11.11 13.25
C ASP B 47 32.26 -12.31 12.51
N ILE B 48 30.93 -12.50 12.55
CA ILE B 48 30.32 -13.68 11.93
C ILE B 48 30.48 -13.65 10.41
N GLU B 49 30.24 -12.50 9.78
CA GLU B 49 30.24 -12.48 8.33
C GLU B 49 31.59 -12.83 7.79
N ASP B 50 32.65 -12.38 8.43
CA ASP B 50 33.98 -12.59 7.90
C ASP B 50 34.43 -13.97 8.17
N VAL B 51 34.16 -14.47 9.36
CA VAL B 51 34.53 -15.83 9.74
C VAL B 51 33.91 -16.81 8.76
N VAL B 52 32.60 -16.71 8.54
CA VAL B 52 31.93 -17.63 7.65
C VAL B 52 32.42 -17.50 6.19
N LYS B 53 32.75 -16.29 5.74
CA LYS B 53 33.27 -16.10 4.38
C LYS B 53 34.64 -16.73 4.28
N LYS B 54 35.56 -16.39 5.19
CA LYS B 54 36.92 -16.93 5.16
C LYS B 54 36.87 -18.43 5.24
N LEU B 55 35.73 -18.98 5.62
CA LEU B 55 35.57 -20.43 5.87
C LEU B 55 35.02 -21.13 4.67
N GLY B 56 34.40 -20.39 3.78
CA GLY B 56 33.85 -20.97 2.59
C GLY B 56 32.38 -21.21 2.72
N GLY B 57 31.76 -20.66 3.75
CA GLY B 57 30.34 -20.87 3.95
C GLY B 57 29.45 -20.01 3.08
N LYS B 58 28.18 -20.37 2.97
CA LYS B 58 27.24 -19.58 2.21
C LYS B 58 26.36 -18.77 3.15
N PRO B 59 25.86 -17.61 2.71
CA PRO B 59 24.90 -16.88 3.53
C PRO B 59 23.58 -17.59 3.53
N THR B 60 22.77 -17.38 4.55
CA THR B 60 21.52 -18.11 4.70
C THR B 60 20.30 -17.28 4.26
N GLY B 61 20.56 -16.08 3.72
CA GLY B 61 19.50 -15.21 3.22
C GLY B 61 20.01 -13.84 2.83
N LYS B 62 19.05 -12.94 2.63
CA LYS B 62 19.32 -11.59 2.23
C LYS B 62 18.83 -10.63 3.32
N LYS B 63 19.57 -9.56 3.56
CA LYS B 63 19.11 -8.50 4.42
C LYS B 63 18.14 -7.73 3.55
N PRO B 64 17.37 -6.81 4.13
CA PRO B 64 16.53 -5.90 3.30
C PRO B 64 17.30 -5.01 2.32
N ASP B 65 18.54 -4.66 2.62
CA ASP B 65 19.39 -3.94 1.68
C ASP B 65 19.78 -4.80 0.50
N GLY B 66 19.18 -6.00 0.39
CA GLY B 66 19.61 -7.03 -0.56
C GLY B 66 21.03 -7.54 -0.31
N ARG B 67 21.63 -7.09 0.79
CA ARG B 67 23.01 -7.38 1.11
C ARG B 67 22.99 -8.85 1.62
N ASP B 68 24.04 -9.62 1.36
CA ASP B 68 24.08 -11.00 1.86
C ASP B 68 24.07 -11.03 3.39
N HIS B 69 23.25 -11.94 3.91
CA HIS B 69 23.12 -12.12 5.33
C HIS B 69 23.78 -13.42 5.81
N TYR B 70 24.93 -13.35 6.49
CA TYR B 70 25.53 -14.57 7.00
C TYR B 70 25.19 -14.74 8.47
N THR B 71 24.92 -15.99 8.88
CA THR B 71 24.44 -16.30 10.25
C THR B 71 25.06 -17.54 10.83
N VAL B 72 24.94 -17.73 12.13
CA VAL B 72 25.21 -19.01 12.75
C VAL B 72 23.87 -19.59 13.22
N PRO B 73 23.76 -20.94 13.39
CA PRO B 73 24.83 -21.94 13.42
C PRO B 73 25.45 -22.24 12.06
N VAL B 74 26.67 -22.75 12.13
CA VAL B 74 27.46 -23.15 10.99
C VAL B 74 28.34 -24.26 11.47
N ILE B 75 28.64 -25.24 10.63
CA ILE B 75 29.60 -26.26 11.02
C ILE B 75 30.59 -26.56 9.93
N TYR B 76 31.78 -26.93 10.35
CA TYR B 76 32.74 -27.53 9.44
C TYR B 76 32.96 -28.95 9.86
N ASP B 77 32.69 -29.88 8.95
CA ASP B 77 32.94 -31.29 9.20
C ASP B 77 34.25 -31.72 8.56
N PRO B 78 35.29 -31.94 9.36
CA PRO B 78 36.55 -32.37 8.78
C PRO B 78 36.40 -33.71 8.12
N ASN B 79 35.62 -34.60 8.72
CA ASN B 79 35.50 -35.94 8.19
C ASN B 79 34.91 -36.02 6.77
N THR B 80 34.26 -34.96 6.30
CA THR B 80 33.74 -34.95 4.95
C THR B 80 34.09 -33.67 4.28
N LYS B 81 35.02 -32.91 4.84
CA LYS B 81 35.48 -31.65 4.25
C LYS B 81 34.35 -30.72 3.75
N THR B 82 33.23 -30.66 4.47
CA THR B 82 32.17 -29.76 4.04
C THR B 82 31.76 -28.78 5.15
N VAL B 83 31.06 -27.74 4.72
CA VAL B 83 30.67 -26.64 5.58
C VAL B 83 29.20 -26.45 5.34
N VAL B 84 28.43 -26.75 6.37
CA VAL B 84 27.03 -26.59 6.30
C VAL B 84 26.65 -25.37 7.11
N GLU B 85 25.74 -24.60 6.55
CA GLU B 85 25.16 -23.44 7.18
C GLU B 85 23.66 -23.67 7.15
N ASP B 86 22.95 -22.95 8.01
CA ASP B 86 21.50 -22.98 8.11
C ASP B 86 21.02 -24.14 8.95
N GLY B 87 20.44 -23.84 10.11
CA GLY B 87 20.08 -24.81 11.12
C GLY B 87 19.39 -26.07 10.60
N ILE B 88 18.31 -25.91 9.84
CA ILE B 88 17.55 -27.09 9.45
C ILE B 88 18.28 -27.91 8.42
N LYS B 89 19.22 -27.30 7.67
CA LYS B 89 20.08 -28.02 6.70
C LYS B 89 21.15 -28.76 7.45
N ILE B 90 21.70 -28.08 8.44
CA ILE B 90 22.73 -28.70 9.28
C ILE B 90 22.20 -29.94 9.97
N ALA B 91 20.98 -29.86 10.50
CA ALA B 91 20.41 -31.00 11.21
C ALA B 91 20.23 -32.16 10.26
N LYS B 92 19.67 -31.90 9.06
CA LYS B 92 19.48 -32.98 8.07
C LYS B 92 20.80 -33.52 7.66
N TYR B 93 21.77 -32.64 7.44
CA TYR B 93 23.10 -33.12 7.13
C TYR B 93 23.58 -34.09 8.21
N LEU B 94 23.46 -33.73 9.48
CA LEU B 94 23.85 -34.67 10.52
C LEU B 94 23.07 -35.97 10.45
N ASP B 95 21.94 -35.98 9.77
CA ASP B 95 21.20 -37.22 9.60
C ASP B 95 21.89 -37.98 8.51
N ASP B 96 21.99 -37.37 7.35
CA ASP B 96 22.50 -38.01 6.16
C ASP B 96 23.90 -38.51 6.31
N ALA B 97 24.77 -37.68 6.82
CA ALA B 97 26.17 -38.05 6.91
C ALA B 97 26.49 -38.95 8.07
N TYR B 98 25.54 -39.13 8.98
CA TYR B 98 25.77 -39.96 10.18
C TYR B 98 24.55 -40.82 10.48
N PRO B 99 24.24 -41.77 9.56
CA PRO B 99 23.01 -42.57 9.64
C PRO B 99 22.82 -43.55 10.81
N ASP B 100 23.79 -43.75 11.68
CA ASP B 100 23.59 -44.67 12.78
C ASP B 100 23.34 -43.93 14.04
N THR B 101 23.17 -42.62 13.89
CA THR B 101 22.81 -41.76 14.99
C THR B 101 21.30 -41.54 14.85
N PRO B 102 20.61 -41.38 15.98
CA PRO B 102 19.19 -41.07 16.00
C PRO B 102 18.75 -40.14 14.89
N ARG B 103 17.70 -40.48 14.13
CA ARG B 103 17.23 -39.64 13.02
C ARG B 103 16.30 -38.56 13.49
N LEU B 104 16.69 -37.32 13.21
CA LEU B 104 15.91 -36.14 13.56
C LEU B 104 14.82 -35.86 12.53
N PHE B 105 15.02 -36.39 11.32
CA PHE B 105 14.01 -36.32 10.26
C PHE B 105 13.59 -37.71 9.82
N PRO B 106 12.74 -38.39 10.63
CA PRO B 106 12.15 -39.71 10.32
C PRO B 106 11.52 -39.70 8.95
N ALA B 107 11.46 -40.86 8.28
CA ALA B 107 11.07 -40.89 6.86
C ALA B 107 9.73 -40.20 6.61
N GLY B 108 9.65 -39.37 5.57
CA GLY B 108 8.42 -38.73 5.17
C GLY B 108 7.96 -37.62 6.07
N THR B 109 8.64 -37.43 7.19
CA THR B 109 8.38 -36.25 8.02
C THR B 109 9.12 -34.98 7.51
N ASP B 110 9.95 -35.12 6.49
CA ASP B 110 10.73 -33.98 5.99
C ASP B 110 9.91 -32.68 5.69
N ALA B 111 8.86 -32.73 4.91
CA ALA B 111 8.16 -31.52 4.59
C ALA B 111 7.32 -31.08 5.75
N PHE B 112 6.78 -32.02 6.51
CA PHE B 112 5.96 -31.63 7.66
C PHE B 112 6.79 -30.78 8.60
N GLN B 113 8.05 -31.16 8.78
CA GLN B 113 8.92 -30.50 9.78
C GLN B 113 9.37 -29.11 9.32
N ALA B 114 9.37 -28.94 8.00
CA ALA B 114 9.68 -27.70 7.31
C ALA B 114 8.49 -26.75 7.46
N ALA B 115 7.27 -27.28 7.41
CA ALA B 115 6.08 -26.47 7.64
C ALA B 115 6.03 -26.04 9.10
N PHE B 116 6.40 -26.95 9.98
CA PHE B 116 6.44 -26.64 11.39
C PHE B 116 7.48 -25.53 11.63
N ASP B 117 8.49 -25.43 10.79
CA ASP B 117 9.53 -24.51 11.05
C ASP B 117 8.96 -23.12 11.01
N ASP B 118 8.09 -22.90 10.04
CA ASP B 118 7.45 -21.60 9.82
C ASP B 118 6.47 -21.29 10.94
N PHE B 119 5.94 -22.35 11.58
CA PHE B 119 5.09 -22.14 12.72
C PHE B 119 5.87 -21.55 13.87
N VAL B 120 7.05 -22.12 14.14
CA VAL B 120 7.87 -21.71 15.26
C VAL B 120 8.38 -20.30 15.10
N TRP B 121 9.00 -20.02 13.97
CA TRP B 121 9.60 -18.70 13.77
C TRP B 121 8.63 -17.72 13.15
N SER B 122 7.72 -17.23 13.99
CA SER B 122 6.61 -16.44 13.51
C SER B 122 6.04 -15.60 14.63
N VAL B 123 5.19 -14.67 14.27
CA VAL B 123 4.62 -13.77 15.24
C VAL B 123 3.80 -14.53 16.28
N THR B 124 3.51 -15.80 15.96
CA THR B 124 2.71 -16.66 16.81
C THR B 124 3.41 -17.08 18.10
N LEU B 125 4.71 -17.32 18.04
CA LEU B 125 5.43 -17.99 19.11
C LEU B 125 6.88 -17.52 19.36
N ALA B 126 7.77 -17.65 18.39
CA ALA B 126 9.14 -17.24 18.65
C ALA B 126 9.29 -15.72 18.81
N PHE B 127 8.53 -14.92 18.07
CA PHE B 127 8.73 -13.49 18.13
C PHE B 127 8.29 -12.89 19.47
N PRO B 128 7.10 -13.26 19.99
CA PRO B 128 6.73 -12.78 21.31
C PRO B 128 7.80 -13.06 22.33
N LEU B 129 8.37 -14.25 22.32
CA LEU B 129 9.43 -14.60 23.29
C LEU B 129 10.71 -13.82 23.01
N LEU B 130 10.95 -13.53 21.73
CA LEU B 130 12.10 -12.69 21.38
C LEU B 130 11.97 -11.36 22.07
N SER B 131 10.80 -10.74 21.97
CA SER B 131 10.59 -9.43 22.54
C SER B 131 10.82 -9.49 24.04
N LEU B 132 10.52 -10.59 24.68
CA LEU B 132 10.78 -10.69 26.10
C LEU B 132 12.26 -10.90 26.45
N LEU B 133 13.07 -11.24 25.44
CA LEU B 133 14.47 -11.54 25.67
C LEU B 133 15.44 -10.53 25.03
N LEU B 134 14.96 -9.73 24.10
CA LEU B 134 15.85 -8.84 23.36
C LEU B 134 16.76 -8.03 24.30
N LEU B 135 16.20 -7.46 25.37
CA LEU B 135 17.03 -6.63 26.22
C LEU B 135 18.02 -7.45 27.01
N ASP B 136 17.56 -8.53 27.65
CA ASP B 136 18.44 -9.31 28.53
C ASP B 136 19.53 -9.95 27.71
N VAL B 137 19.27 -10.21 26.44
CA VAL B 137 20.30 -10.80 25.58
C VAL B 137 21.42 -9.78 25.39
N SER B 138 21.01 -8.52 25.16
CA SER B 138 21.97 -7.45 24.90
C SER B 138 22.89 -7.32 26.10
N ASN B 139 22.35 -7.46 27.30
CA ASN B 139 23.17 -7.39 28.51
C ASN B 139 23.94 -8.66 28.76
N SER B 140 23.72 -9.68 27.95
CA SER B 140 24.38 -10.97 28.18
C SER B 140 25.51 -11.18 27.21
N LEU B 141 25.79 -10.21 26.35
CA LEU B 141 26.80 -10.41 25.35
C LEU B 141 28.13 -9.76 25.75
N PRO B 142 29.27 -10.25 25.19
CA PRO B 142 30.53 -9.53 25.30
C PRO B 142 30.31 -8.17 24.72
N PRO B 143 31.15 -7.19 25.07
CA PRO B 143 30.87 -5.77 24.79
C PRO B 143 30.76 -5.48 23.31
N ARG B 144 31.63 -6.06 22.49
CA ARG B 144 31.58 -5.85 21.04
C ARG B 144 30.33 -6.41 20.45
N SER B 145 29.93 -7.62 20.86
CA SER B 145 28.77 -8.27 20.30
C SER B 145 27.56 -7.56 20.79
N SER B 146 27.51 -7.25 22.07
CA SER B 146 26.41 -6.52 22.65
C SER B 146 26.09 -5.24 21.92
N ALA B 147 27.14 -4.55 21.51
CA ALA B 147 26.99 -3.31 20.82
C ALA B 147 26.36 -3.52 19.47
N TYR B 148 26.89 -4.47 18.73
CA TYR B 148 26.37 -4.85 17.41
C TYR B 148 24.94 -5.32 17.57
N PHE B 149 24.65 -6.14 18.57
CA PHE B 149 23.32 -6.68 18.76
C PHE B 149 22.33 -5.56 18.95
N ARG B 150 22.59 -4.66 19.91
CA ARG B 150 21.66 -3.57 20.21
C ARG B 150 21.44 -2.70 18.96
N ALA B 151 22.52 -2.31 18.30
CA ALA B 151 22.45 -1.49 17.11
C ALA B 151 21.53 -2.08 16.07
N THR B 152 21.85 -3.28 15.64
CA THR B 152 21.18 -3.93 14.53
C THR B 152 19.74 -4.25 14.87
N ARG B 153 19.48 -4.67 16.10
CA ARG B 153 18.13 -5.12 16.42
C ARG B 153 17.24 -3.95 16.66
N GLU B 154 17.83 -2.82 17.08
CA GLU B 154 17.05 -1.62 17.36
C GLU B 154 16.62 -1.03 16.02
N GLN B 155 17.54 -1.05 15.09
CA GLN B 155 17.24 -0.65 13.74
C GLN B 155 16.17 -1.57 13.16
N GLN B 156 16.25 -2.85 13.46
CA GLN B 156 15.40 -3.84 12.80
C GLN B 156 13.94 -3.69 13.13
N PHE B 157 13.63 -3.28 14.36
CA PHE B 157 12.23 -3.22 14.82
C PHE B 157 11.78 -1.80 15.09
N GLY B 158 12.66 -0.83 14.89
CA GLY B 158 12.30 0.55 15.11
C GLY B 158 12.08 0.99 16.56
N LYS B 159 12.27 0.12 17.53
CA LYS B 159 12.19 0.52 18.94
C LYS B 159 13.55 0.44 19.62
N ARG B 160 13.66 1.11 20.76
CA ARG B 160 14.81 0.88 21.58
C ARG B 160 14.52 -0.46 22.14
N LEU B 161 15.53 -1.10 22.66
CA LEU B 161 15.40 -2.42 23.26
C LEU B 161 14.53 -2.35 24.49
N GLU B 162 14.64 -1.24 25.19
CA GLU B 162 13.96 -1.11 26.45
C GLU B 162 12.48 -0.90 26.21
N GLU B 163 12.06 -0.57 24.99
CA GLU B 163 10.64 -0.43 24.65
C GLU B 163 9.99 -1.77 24.29
N GLN B 164 10.77 -2.84 24.34
CA GLN B 164 10.32 -4.12 23.79
C GLN B 164 9.82 -5.00 24.91
N GLY B 165 8.83 -5.82 24.64
CA GLY B 165 8.32 -6.71 25.67
C GLY B 165 6.98 -6.31 26.26
N GLY B 166 6.79 -6.68 27.53
CA GLY B 166 5.58 -6.34 28.24
C GLY B 166 4.44 -7.31 28.06
N GLU B 167 3.41 -7.15 28.87
CA GLU B 167 2.35 -8.14 28.97
C GLU B 167 1.66 -8.48 27.69
N GLU B 168 1.55 -7.53 26.79
CA GLU B 168 0.89 -7.79 25.54
C GLU B 168 1.45 -9.07 24.92
N ARG B 169 2.77 -9.25 25.11
CA ARG B 169 3.55 -10.31 24.46
C ARG B 169 3.60 -11.59 25.28
N TRP B 170 3.63 -11.44 26.60
CA TRP B 170 3.45 -12.60 27.49
C TRP B 170 2.12 -13.32 27.19
N GLN B 171 1.14 -12.60 26.69
CA GLN B 171 -0.08 -13.25 26.33
C GLN B 171 0.08 -13.93 25.00
N GLN B 172 0.63 -13.22 24.02
CA GLN B 172 0.83 -13.81 22.73
C GLN B 172 1.64 -15.08 22.88
N LEU B 173 2.59 -15.05 23.83
CA LEU B 173 3.48 -16.18 24.03
C LEU B 173 2.67 -17.32 24.58
N GLU B 174 1.93 -17.08 25.66
CA GLU B 174 1.08 -18.12 26.19
C GLU B 174 0.12 -18.69 25.13
N ALA B 175 -0.33 -17.84 24.23
CA ALA B 175 -1.26 -18.24 23.21
C ALA B 175 -0.61 -19.19 22.21
N GLY B 176 0.53 -18.79 21.65
CA GLY B 176 1.27 -19.62 20.72
C GLY B 176 1.68 -20.92 21.36
N LEU B 177 2.09 -20.89 22.60
CA LEU B 177 2.48 -22.11 23.30
C LEU B 177 1.26 -22.96 23.51
N GLY B 178 0.10 -22.33 23.71
CA GLY B 178 -1.16 -23.04 23.77
C GLY B 178 -1.45 -23.75 22.46
N LYS B 179 -1.23 -23.07 21.33
CA LYS B 179 -1.48 -23.67 20.06
C LYS B 179 -0.64 -24.89 19.85
N PHE B 180 0.56 -24.88 20.42
CA PHE B 180 1.46 -26.03 20.32
C PHE B 180 0.90 -27.19 21.16
N LYS B 181 0.56 -26.86 22.40
CA LYS B 181 -0.07 -27.80 23.29
C LYS B 181 -1.25 -28.44 22.57
N GLY B 182 -1.97 -27.67 21.79
CA GLY B 182 -3.08 -28.22 21.06
C GLY B 182 -2.66 -29.26 20.02
N TYR B 183 -1.65 -28.94 19.25
CA TYR B 183 -1.18 -29.86 18.27
C TYR B 183 -0.79 -31.13 18.97
N LEU B 184 -0.04 -31.02 20.06
CA LEU B 184 0.54 -32.20 20.68
C LEU B 184 -0.57 -33.11 21.17
N GLU B 185 -1.64 -32.49 21.65
CA GLU B 185 -2.74 -33.19 22.29
C GLU B 185 -3.49 -34.00 21.25
N ARG B 186 -3.31 -33.71 19.99
CA ARG B 186 -3.92 -34.52 18.97
C ARG B 186 -3.25 -35.85 18.84
N ASN B 187 -2.11 -36.00 19.47
CA ASN B 187 -1.43 -37.27 19.45
C ASN B 187 -2.11 -38.24 20.41
N GLY B 188 -3.01 -37.72 21.22
CA GLY B 188 -3.67 -38.49 22.26
C GLY B 188 -2.89 -38.56 23.54
N ALA B 189 -3.58 -38.77 24.66
CA ALA B 189 -2.95 -38.85 25.99
C ALA B 189 -1.80 -39.85 26.01
N GLY B 190 -0.76 -39.51 26.74
CA GLY B 190 0.42 -40.36 26.79
C GLY B 190 1.38 -40.18 25.63
N ASN B 191 0.99 -39.33 24.67
CA ASN B 191 1.80 -39.02 23.49
C ASN B 191 1.96 -37.53 23.26
N ASP B 192 1.53 -36.73 24.22
CA ASP B 192 1.45 -35.30 24.02
C ASP B 192 2.69 -34.52 24.47
N LEU B 193 3.87 -35.13 24.38
CA LEU B 193 5.10 -34.44 24.78
C LEU B 193 6.20 -34.52 23.70
N LEU B 194 5.84 -35.01 22.52
CA LEU B 194 6.72 -35.00 21.38
C LEU B 194 5.82 -35.01 20.15
N LEU B 195 6.25 -34.36 19.08
CA LEU B 195 5.42 -34.24 17.92
C LEU B 195 4.99 -35.58 17.32
N MET B 196 5.84 -36.60 17.45
CA MET B 196 5.53 -37.89 16.87
C MET B 196 5.19 -38.89 17.98
N GLY B 197 4.71 -38.35 19.09
CA GLY B 197 4.37 -39.17 20.24
C GLY B 197 5.58 -39.42 21.12
N THR B 198 5.34 -39.44 22.44
CA THR B 198 6.38 -39.82 23.40
C THR B 198 6.78 -41.31 23.22
N GLN B 199 6.28 -41.90 22.13
CA GLN B 199 6.70 -43.19 21.64
C GLN B 199 7.72 -43.05 20.51
N GLY B 200 7.30 -42.60 19.34
CA GLY B 200 8.15 -42.53 18.16
C GLY B 200 9.35 -41.55 18.08
N GLY B 201 9.93 -41.15 19.23
CA GLY B 201 11.23 -40.47 19.27
C GLY B 201 11.25 -38.95 19.13
N ILE B 202 12.42 -38.33 19.39
CA ILE B 202 12.65 -36.89 19.27
C ILE B 202 12.98 -36.47 17.86
N THR B 203 12.32 -35.43 17.37
CA THR B 203 12.54 -34.94 16.03
C THR B 203 13.23 -33.60 16.05
N TYR B 204 13.58 -33.07 14.87
CA TYR B 204 14.18 -31.77 14.83
C TYR B 204 13.15 -30.76 15.23
N SER B 205 11.91 -31.00 14.87
CA SER B 205 10.89 -30.03 15.22
C SER B 205 10.67 -29.86 16.72
N ASP B 206 10.79 -30.96 17.44
CA ASP B 206 10.79 -30.96 18.89
C ASP B 206 11.95 -30.15 19.43
N VAL B 207 13.12 -30.44 18.90
CA VAL B 207 14.33 -29.77 19.29
C VAL B 207 14.19 -28.27 19.13
N GLN B 208 13.55 -27.81 18.05
CA GLN B 208 13.37 -26.37 17.88
C GLN B 208 12.66 -25.74 19.05
N ILE B 209 11.65 -26.40 19.61
CA ILE B 209 10.92 -25.81 20.73
C ILE B 209 11.81 -25.88 21.95
N ALA B 210 12.42 -27.03 22.19
CA ALA B 210 13.30 -27.21 23.33
C ALA B 210 14.37 -26.11 23.38
N SER B 211 14.79 -25.65 22.21
CA SER B 211 15.79 -24.60 22.06
C SER B 211 15.25 -23.24 22.42
N LEU B 212 14.05 -22.90 22.02
CA LEU B 212 13.48 -21.67 22.51
C LEU B 212 13.55 -21.63 24.04
N PHE B 213 13.24 -22.76 24.68
CA PHE B 213 13.12 -22.77 26.13
C PHE B 213 14.48 -22.69 26.81
N VAL B 214 15.45 -23.48 26.33
CA VAL B 214 16.80 -23.43 26.90
C VAL B 214 17.42 -22.02 26.77
N TRP B 215 17.14 -21.36 25.66
CA TRP B 215 17.48 -19.97 25.48
C TRP B 215 16.94 -19.12 26.60
N ALA B 216 15.65 -19.21 26.86
CA ALA B 216 15.06 -18.45 27.93
C ALA B 216 15.72 -18.81 29.23
N LYS B 217 15.85 -20.12 29.47
CA LYS B 217 16.38 -20.57 30.75
C LYS B 217 17.80 -20.03 31.00
N VAL B 218 18.63 -20.03 29.98
CA VAL B 218 20.00 -19.60 30.17
C VAL B 218 20.04 -18.09 30.39
N VAL B 219 19.34 -17.32 29.57
CA VAL B 219 19.46 -15.90 29.67
C VAL B 219 18.81 -15.40 30.97
N TRP B 220 17.57 -15.79 31.23
CA TRP B 220 16.86 -15.30 32.40
C TRP B 220 17.43 -15.90 33.69
N GLY B 221 17.87 -17.14 33.60
CA GLY B 221 18.36 -17.88 34.76
C GLY B 221 17.30 -18.80 35.35
N GLU B 222 17.72 -20.02 35.67
CA GLU B 222 16.81 -21.06 36.12
C GLU B 222 16.06 -20.62 37.37
N GLY B 223 16.64 -19.67 38.09
CA GLY B 223 16.00 -19.16 39.28
C GLY B 223 15.16 -17.92 39.08
N SER B 224 15.06 -17.37 37.87
CA SER B 224 14.44 -16.04 37.73
C SER B 224 12.93 -16.03 37.92
N GLU B 225 12.34 -14.86 38.08
CA GLU B 225 10.91 -14.82 38.17
C GLU B 225 10.35 -15.17 36.79
N LYS B 226 10.91 -14.55 35.76
CA LYS B 226 10.50 -14.79 34.37
C LYS B 226 10.49 -16.31 33.97
N TRP B 227 11.60 -17.00 34.19
CA TRP B 227 11.69 -18.42 33.88
C TRP B 227 10.63 -19.25 34.61
N LYS B 228 10.43 -18.91 35.88
CA LYS B 228 9.50 -19.68 36.67
C LYS B 228 8.09 -19.39 36.20
N ARG B 229 7.88 -18.18 35.69
CA ARG B 229 6.58 -17.81 35.19
C ARG B 229 6.25 -18.62 33.95
N LEU B 230 7.26 -18.74 33.09
CA LEU B 230 7.07 -19.42 31.82
C LEU B 230 6.82 -20.88 32.11
N MET B 231 7.58 -21.44 33.03
CA MET B 231 7.30 -22.81 33.43
C MET B 231 5.96 -22.97 34.08
N GLY B 232 5.37 -21.85 34.52
CA GLY B 232 4.04 -21.83 35.08
C GLY B 232 3.02 -22.22 34.05
N PHE B 233 3.18 -21.70 32.86
CA PHE B 233 2.23 -21.91 31.78
C PHE B 233 1.71 -23.35 31.64
N HIS B 234 0.42 -23.42 31.28
CA HIS B 234 -0.29 -24.67 30.96
C HIS B 234 -0.07 -25.80 31.97
N GLY B 235 -0.16 -25.44 33.24
CA GLY B 235 -0.02 -26.41 34.31
C GLY B 235 1.32 -27.07 34.38
N GLY B 236 2.32 -26.40 33.84
CA GLY B 236 3.70 -26.88 33.89
C GLY B 236 3.97 -27.95 32.86
N LYS B 237 3.18 -28.01 31.80
CA LYS B 237 3.46 -28.93 30.70
C LYS B 237 4.87 -28.73 30.20
N TRP B 238 5.26 -27.48 30.03
CA TRP B 238 6.53 -27.15 29.42
C TRP B 238 7.65 -27.56 30.33
N ALA B 239 7.42 -27.61 31.64
CA ALA B 239 8.39 -28.27 32.50
C ALA B 239 8.60 -29.73 32.13
N GLN B 240 7.51 -30.43 31.86
CA GLN B 240 7.62 -31.83 31.54
C GLN B 240 8.27 -31.99 30.20
N PHE B 241 7.92 -31.09 29.29
CA PHE B 241 8.45 -31.11 27.93
C PHE B 241 9.95 -30.95 27.96
N CYS B 242 10.39 -29.88 28.62
CA CYS B 242 11.82 -29.59 28.75
C CYS B 242 12.66 -30.67 29.43
N ALA B 243 12.03 -31.46 30.30
CA ALA B 243 12.79 -32.44 31.05
C ALA B 243 13.33 -33.52 30.12
N GLN B 244 12.63 -33.73 29.04
CA GLN B 244 13.00 -34.76 28.12
C GLN B 244 14.30 -34.41 27.52
N PHE B 245 14.63 -33.12 27.52
CA PHE B 245 15.86 -32.67 26.89
C PHE B 245 17.02 -32.46 27.86
N ALA B 246 16.79 -32.67 29.15
CA ALA B 246 17.79 -32.32 30.15
C ALA B 246 19.10 -33.02 29.90
N GLU B 247 19.07 -34.32 29.65
CA GLU B 247 20.34 -35.03 29.53
C GLU B 247 21.13 -34.64 28.31
N TYR B 248 20.60 -33.71 27.51
CA TYR B 248 21.30 -33.28 26.31
C TYR B 248 21.80 -31.87 26.37
N GLU B 249 22.04 -31.34 27.58
CA GLU B 249 22.61 -29.97 27.70
C GLU B 249 24.16 -29.89 28.00
N ARG B 250 25.00 -29.91 27.01
CA ARG B 250 26.40 -29.97 27.31
C ARG B 250 27.07 -28.77 26.69
N ALA B 251 27.05 -27.67 27.44
CA ALA B 251 27.90 -26.52 27.19
C ALA B 251 29.44 -26.83 27.05
N ASP B 252 29.96 -26.50 25.86
CA ASP B 252 31.35 -26.74 25.47
C ASP B 252 31.71 -26.01 24.19
N SER C 1 43.05 -3.95 16.02
CA SER C 1 41.80 -3.15 16.06
C SER C 1 41.86 -1.84 15.27
N GLN C 2 40.88 -1.65 14.38
CA GLN C 2 40.92 -0.58 13.38
C GLN C 2 40.45 0.78 13.86
N PRO C 3 40.89 1.84 13.16
CA PRO C 3 40.45 3.20 13.52
C PRO C 3 38.96 3.42 13.33
N ILE C 4 38.36 4.09 14.29
CA ILE C 4 36.99 4.53 14.16
C ILE C 4 36.96 5.68 13.15
N VAL C 5 36.01 5.67 12.23
CA VAL C 5 35.87 6.77 11.35
C VAL C 5 35.00 7.80 12.03
N PHE C 6 35.46 9.05 12.01
CA PHE C 6 34.82 10.12 12.76
C PHE C 6 34.56 11.28 11.81
N TYR C 7 33.29 11.67 11.65
CA TYR C 7 32.92 12.66 10.64
C TYR C 7 32.83 14.01 11.30
N ASP C 8 33.61 14.97 10.80
CA ASP C 8 33.69 16.30 11.40
C ASP C 8 33.49 17.28 10.27
N ILE C 9 33.09 18.52 10.60
CA ILE C 9 32.97 19.62 9.63
C ILE C 9 34.24 20.48 9.60
N PRO C 10 34.81 20.66 8.40
CA PRO C 10 36.12 21.27 8.27
C PRO C 10 36.09 22.81 8.34
N SER C 11 37.28 23.44 8.35
CA SER C 11 37.38 24.92 8.29
C SER C 11 38.33 25.26 7.20
N ASN C 12 38.35 26.57 6.84
CA ASN C 12 39.08 27.12 5.68
C ASN C 12 40.49 27.49 6.14
N ASP C 13 41.27 28.18 5.30
CA ASP C 13 42.67 28.43 5.63
C ASP C 13 42.86 29.43 6.78
N THR C 14 41.84 30.17 7.17
CA THR C 14 42.02 31.13 8.26
C THR C 14 42.06 30.50 9.65
N LEU C 15 41.72 29.21 9.70
CA LEU C 15 41.77 28.46 10.94
C LEU C 15 42.76 27.30 10.78
N LYS C 16 43.38 27.26 9.61
CA LYS C 16 44.29 26.20 9.25
C LYS C 16 43.60 24.87 9.33
N GLN C 17 42.29 24.87 9.07
CA GLN C 17 41.56 23.65 8.85
C GLN C 17 41.49 22.83 10.12
N SER C 18 41.77 23.52 11.21
CA SER C 18 41.56 23.01 12.52
C SER C 18 40.09 22.62 12.68
N PRO C 19 39.78 21.50 13.34
CA PRO C 19 38.34 21.31 13.62
C PRO C 19 37.84 22.31 14.66
N TRP C 20 36.58 22.73 14.57
CA TRP C 20 36.05 23.84 15.34
C TRP C 20 34.73 23.58 16.06
N SER C 21 33.95 22.59 15.58
CA SER C 21 32.53 22.50 16.00
C SER C 21 32.34 22.08 17.43
N PRO C 22 31.51 22.78 18.20
CA PRO C 22 31.42 22.40 19.61
C PRO C 22 30.71 21.08 19.75
N ASN C 23 29.98 20.70 18.71
CA ASN C 23 29.32 19.41 18.77
C ASN C 23 30.31 18.28 18.43
N THR C 24 31.08 18.40 17.36
CA THR C 24 31.98 17.31 17.08
C THR C 24 33.12 17.30 18.12
N TRP C 25 33.45 18.44 18.70
CA TRP C 25 34.59 18.49 19.59
C TRP C 25 34.33 17.65 20.80
N LYS C 26 33.07 17.49 21.18
CA LYS C 26 32.87 16.75 22.41
C LYS C 26 33.14 15.30 22.19
N ILE C 27 33.07 14.87 20.95
CA ILE C 27 33.40 13.47 20.63
C ILE C 27 34.88 13.28 20.29
N ARG C 28 35.50 14.36 19.80
CA ARG C 28 36.96 14.38 19.59
C ARG C 28 37.66 14.25 20.91
N TYR C 29 37.20 15.02 21.90
CA TYR C 29 37.65 14.92 23.28
C TYR C 29 37.48 13.53 23.88
N ALA C 30 36.33 12.94 23.60
CA ALA C 30 36.02 11.60 24.10
C ALA C 30 37.04 10.60 23.56
N LEU C 31 37.28 10.65 22.26
CA LEU C 31 38.19 9.75 21.64
C LEU C 31 39.58 9.98 22.20
N ASN C 32 39.97 11.24 22.37
CA ASN C 32 41.32 11.54 22.81
C ASN C 32 41.44 11.13 24.25
N ILE C 33 40.47 11.46 25.09
CA ILE C 33 40.58 11.10 26.47
C ILE C 33 40.68 9.59 26.62
N LYS C 34 40.05 8.84 25.73
CA LYS C 34 39.91 7.40 25.94
C LYS C 34 41.02 6.73 25.23
N GLY C 35 41.75 7.50 24.43
CA GLY C 35 42.90 6.98 23.68
C GLY C 35 42.56 5.92 22.65
N ILE C 36 41.38 6.02 22.03
CA ILE C 36 40.88 5.09 21.01
C ILE C 36 41.30 5.61 19.66
N LYS C 37 41.75 4.72 18.78
CA LYS C 37 42.21 5.11 17.46
C LYS C 37 41.09 5.53 16.55
N TYR C 38 41.27 6.64 15.86
CA TYR C 38 40.27 7.15 14.95
C TYR C 38 40.95 7.96 13.84
N LYS C 39 40.29 8.08 12.70
CA LYS C 39 40.71 9.00 11.66
C LYS C 39 39.54 9.86 11.27
N THR C 40 39.78 11.15 11.09
CA THR C 40 38.72 12.08 10.72
C THR C 40 38.38 12.00 9.23
N GLU C 41 37.08 12.01 8.92
CA GLU C 41 36.56 12.08 7.56
C GLU C 41 35.93 13.44 7.50
N TRP C 42 36.43 14.33 6.67
CA TRP C 42 35.83 15.69 6.63
C TRP C 42 34.57 15.70 5.80
N VAL C 43 33.52 16.39 6.26
CA VAL C 43 32.34 16.55 5.44
C VAL C 43 31.81 17.99 5.48
N GLU C 44 31.36 18.50 4.33
CA GLU C 44 30.83 19.86 4.29
C GLU C 44 29.36 19.89 4.69
N TYR C 45 28.96 20.95 5.39
CA TYR C 45 27.58 21.13 5.83
C TYR C 45 26.51 20.62 4.81
N PRO C 46 26.52 21.14 3.58
CA PRO C 46 25.51 20.64 2.65
C PRO C 46 25.59 19.15 2.35
N ASP C 47 26.75 18.56 2.54
CA ASP C 47 26.92 17.15 2.22
C ASP C 47 26.67 16.20 3.41
N ILE C 48 26.28 16.75 4.56
CA ILE C 48 26.08 15.90 5.73
C ILE C 48 24.91 14.99 5.53
N GLU C 49 23.76 15.48 5.02
CA GLU C 49 22.58 14.62 4.91
C GLU C 49 22.86 13.40 4.04
N ASP C 50 23.52 13.55 2.92
CA ASP C 50 23.70 12.42 2.02
C ASP C 50 24.80 11.49 2.46
N VAL C 51 25.82 12.02 3.06
CA VAL C 51 26.89 11.19 3.57
C VAL C 51 26.36 10.29 4.67
N VAL C 52 25.67 10.83 5.66
CA VAL C 52 25.13 9.98 6.72
C VAL C 52 24.04 8.99 6.19
N LYS C 53 23.29 9.39 5.18
CA LYS C 53 22.33 8.49 4.58
C LYS C 53 23.04 7.35 3.91
N LYS C 54 23.93 7.66 2.99
CA LYS C 54 24.66 6.64 2.29
C LYS C 54 25.45 5.77 3.23
N LEU C 55 25.60 6.20 4.47
CA LEU C 55 26.40 5.47 5.45
C LEU C 55 25.53 4.53 6.29
N GLY C 56 24.23 4.75 6.29
CA GLY C 56 23.34 3.96 7.11
C GLY C 56 22.99 4.60 8.44
N GLY C 57 23.24 5.89 8.61
CA GLY C 57 23.04 6.51 9.91
C GLY C 57 21.61 6.97 10.06
N LYS C 58 21.22 7.29 11.28
CA LYS C 58 19.90 7.77 11.52
C LYS C 58 19.98 9.28 11.74
N PRO C 59 18.93 10.01 11.36
CA PRO C 59 18.85 11.42 11.76
C PRO C 59 18.68 11.58 13.26
N THR C 60 19.07 12.72 13.80
CA THR C 60 19.06 12.94 15.23
C THR C 60 17.87 13.78 15.67
N GLY C 61 16.99 14.10 14.72
CA GLY C 61 15.76 14.81 15.06
C GLY C 61 14.93 15.18 13.85
N LYS C 62 14.01 16.11 14.09
CA LYS C 62 13.20 16.63 13.02
C LYS C 62 13.44 18.14 12.88
N LYS C 63 13.26 18.62 11.65
CA LYS C 63 13.33 20.04 11.36
C LYS C 63 11.93 20.50 11.63
N PRO C 64 11.70 21.80 11.73
CA PRO C 64 10.32 22.30 11.85
C PRO C 64 9.40 21.89 10.68
N ASP C 65 9.94 21.75 9.46
CA ASP C 65 9.16 21.23 8.33
C ASP C 65 8.81 19.79 8.50
N GLY C 66 9.07 19.21 9.68
CA GLY C 66 8.88 17.78 9.88
C GLY C 66 9.80 16.91 9.02
N ARG C 67 10.73 17.56 8.35
CA ARG C 67 11.72 16.90 7.49
C ARG C 67 12.85 16.29 8.36
N ASP C 68 13.45 15.19 7.91
CA ASP C 68 14.46 14.56 8.72
C ASP C 68 15.68 15.43 8.83
N HIS C 69 16.19 15.55 10.06
CA HIS C 69 17.36 16.37 10.35
C HIS C 69 18.62 15.52 10.63
N TYR C 70 19.52 15.37 9.67
CA TYR C 70 20.74 14.60 9.90
C TYR C 70 21.88 15.53 10.35
N THR C 71 22.66 15.12 11.35
CA THR C 71 23.72 15.96 11.92
C THR C 71 25.02 15.21 12.21
N VAL C 72 26.09 15.94 12.46
CA VAL C 72 27.31 15.39 13.03
C VAL C 72 27.43 15.94 14.44
N PRO C 73 28.23 15.29 15.31
CA PRO C 73 29.13 14.16 15.09
C PRO C 73 28.45 12.85 14.75
N VAL C 74 29.22 11.96 14.12
CA VAL C 74 28.75 10.65 13.69
C VAL C 74 29.98 9.78 13.63
N ILE C 75 29.86 8.52 14.02
CA ILE C 75 30.99 7.60 13.86
C ILE C 75 30.59 6.27 13.21
N TYR C 76 31.50 5.69 12.47
CA TYR C 76 31.44 4.31 12.05
C TYR C 76 32.57 3.54 12.73
N ASP C 77 32.23 2.50 13.46
CA ASP C 77 33.19 1.71 14.21
C ASP C 77 33.35 0.41 13.49
N PRO C 78 34.47 0.23 12.78
CA PRO C 78 34.63 -1.00 12.00
C PRO C 78 34.70 -2.20 12.92
N ASN C 79 35.18 -1.98 14.14
CA ASN C 79 35.40 -3.07 15.08
C ASN C 79 34.11 -3.72 15.56
N THR C 80 33.00 -3.03 15.38
CA THR C 80 31.70 -3.56 15.76
C THR C 80 30.64 -3.35 14.70
N LYS C 81 31.08 -2.90 13.52
CA LYS C 81 30.25 -2.69 12.34
C LYS C 81 29.01 -1.88 12.66
N THR C 82 29.12 -0.91 13.56
CA THR C 82 27.95 -0.06 13.80
C THR C 82 28.20 1.43 13.50
N VAL C 83 27.12 2.21 13.50
CA VAL C 83 27.13 3.61 13.12
C VAL C 83 26.31 4.35 14.13
N VAL C 84 26.96 5.13 14.95
CA VAL C 84 26.32 5.82 16.03
C VAL C 84 26.28 7.29 15.65
N GLU C 85 25.14 7.90 15.92
CA GLU C 85 24.88 9.29 15.64
C GLU C 85 24.40 9.89 16.93
N ASP C 86 24.44 11.21 17.03
CA ASP C 86 24.04 11.92 18.23
C ASP C 86 25.09 11.90 19.33
N GLY C 87 25.67 13.06 19.60
CA GLY C 87 26.79 13.16 20.52
C GLY C 87 26.71 12.44 21.86
N ILE C 88 25.61 12.55 22.58
CA ILE C 88 25.58 11.94 23.89
C ILE C 88 25.41 10.43 23.80
N LYS C 89 24.88 9.93 22.69
CA LYS C 89 24.82 8.50 22.50
C LYS C 89 26.19 8.00 22.11
N ILE C 90 26.84 8.70 21.22
CA ILE C 90 28.16 8.31 20.78
C ILE C 90 29.08 8.23 21.98
N ALA C 91 28.94 9.14 22.93
CA ALA C 91 29.87 9.14 24.06
C ALA C 91 29.63 7.89 24.90
N LYS C 92 28.36 7.58 25.17
CA LYS C 92 28.04 6.40 25.97
C LYS C 92 28.43 5.13 25.24
N TYR C 93 28.27 5.09 23.92
CA TYR C 93 28.69 3.95 23.13
C TYR C 93 30.17 3.72 23.33
N LEU C 94 30.96 4.79 23.27
CA LEU C 94 32.39 4.66 23.55
C LEU C 94 32.67 4.12 24.97
N ASP C 95 31.69 4.21 25.85
CA ASP C 95 31.87 3.74 27.19
C ASP C 95 31.62 2.26 27.12
N ASP C 96 30.44 1.92 26.66
CA ASP C 96 29.98 0.55 26.65
C ASP C 96 30.84 -0.35 25.81
N ALA C 97 31.19 0.06 24.61
CA ALA C 97 31.92 -0.83 23.74
C ALA C 97 33.39 -0.82 24.05
N TYR C 98 33.88 0.06 24.89
CA TYR C 98 35.31 0.12 25.20
C TYR C 98 35.46 0.35 26.68
N PRO C 99 35.16 -0.66 27.48
CA PRO C 99 35.09 -0.50 28.94
C PRO C 99 36.41 -0.38 29.72
N ASP C 100 37.56 -0.43 29.07
CA ASP C 100 38.83 -0.28 29.78
C ASP C 100 39.40 1.07 29.55
N THR C 101 38.59 1.91 28.91
CA THR C 101 38.92 3.29 28.69
C THR C 101 38.16 4.06 29.76
N PRO C 102 38.69 5.24 30.18
CA PRO C 102 38.07 6.09 31.20
C PRO C 102 36.57 6.29 30.95
N ARG C 103 35.75 6.07 31.97
CA ARG C 103 34.31 6.13 31.80
C ARG C 103 33.80 7.54 31.85
N LEU C 104 33.16 7.97 30.77
CA LEU C 104 32.58 9.30 30.74
C LEU C 104 31.25 9.37 31.47
N PHE C 105 30.58 8.24 31.60
CA PHE C 105 29.34 8.16 32.36
C PHE C 105 29.46 7.20 33.53
N PRO C 106 30.13 7.66 34.60
CA PRO C 106 30.29 6.90 35.84
C PRO C 106 28.96 6.37 36.32
N ALA C 107 28.96 5.30 37.11
CA ALA C 107 27.73 4.64 37.47
C ALA C 107 26.71 5.57 38.12
N GLY C 108 25.48 5.60 37.62
CA GLY C 108 24.41 6.32 38.29
C GLY C 108 24.41 7.77 37.98
N THR C 109 25.41 8.20 37.25
CA THR C 109 25.42 9.57 36.78
C THR C 109 24.65 9.72 35.46
N ASP C 110 24.19 8.61 34.88
CA ASP C 110 23.59 8.64 33.53
C ASP C 110 22.45 9.69 33.38
N ALA C 111 21.51 9.69 34.33
CA ALA C 111 20.39 10.60 34.23
C ALA C 111 20.78 12.02 34.57
N PHE C 112 21.65 12.18 35.57
CA PHE C 112 22.08 13.51 35.97
C PHE C 112 22.74 14.18 34.80
N GLN C 113 23.51 13.43 34.00
CA GLN C 113 24.32 14.06 32.95
C GLN C 113 23.44 14.46 31.80
N ALA C 114 22.26 13.83 31.78
CA ALA C 114 21.28 13.99 30.73
C ALA C 114 20.54 15.24 31.01
N ALA C 115 20.31 15.47 32.31
CA ALA C 115 19.65 16.70 32.74
C ALA C 115 20.64 17.87 32.51
N PHE C 116 21.91 17.61 32.77
CA PHE C 116 22.88 18.63 32.59
C PHE C 116 22.98 18.98 31.12
N ASP C 117 22.57 18.07 30.24
CA ASP C 117 22.70 18.29 28.80
C ASP C 117 21.78 19.43 28.42
N ASP C 118 20.60 19.44 29.04
CA ASP C 118 19.58 20.43 28.75
C ASP C 118 19.99 21.78 29.31
N PHE C 119 20.84 21.79 30.33
CA PHE C 119 21.32 23.03 30.90
C PHE C 119 22.30 23.70 29.96
N VAL C 120 23.18 22.90 29.37
CA VAL C 120 24.18 23.43 28.48
C VAL C 120 23.51 24.00 27.22
N TRP C 121 22.69 23.21 26.54
CA TRP C 121 22.14 23.64 25.28
C TRP C 121 20.84 24.33 25.49
N SER C 122 20.95 25.57 25.95
CA SER C 122 19.81 26.42 26.29
C SER C 122 20.13 27.92 26.27
N VAL C 123 19.07 28.71 26.41
CA VAL C 123 19.20 30.16 26.33
C VAL C 123 20.10 30.67 27.45
N THR C 124 20.28 29.84 28.46
CA THR C 124 21.13 30.14 29.61
C THR C 124 22.63 30.25 29.32
N LEU C 125 23.14 29.41 28.42
CA LEU C 125 24.58 29.29 28.27
C LEU C 125 25.05 29.06 26.83
N ALA C 126 24.68 27.94 26.21
CA ALA C 126 25.19 27.71 24.86
C ALA C 126 24.69 28.72 23.81
N PHE C 127 23.44 29.19 23.93
CA PHE C 127 22.88 30.06 22.88
C PHE C 127 23.49 31.47 22.86
N PRO C 128 23.57 32.11 24.04
CA PRO C 128 24.32 33.38 24.07
C PRO C 128 25.68 33.29 23.32
N LEU C 129 26.48 32.29 23.67
CA LEU C 129 27.79 32.10 23.06
C LEU C 129 27.67 31.81 21.55
N LEU C 130 26.55 31.19 21.17
CA LEU C 130 26.35 30.92 19.77
C LEU C 130 26.26 32.23 18.98
N SER C 131 25.44 33.13 19.53
CA SER C 131 25.19 34.41 18.92
C SER C 131 26.52 35.17 18.77
N LEU C 132 27.43 35.03 19.73
CA LEU C 132 28.72 35.70 19.61
C LEU C 132 29.61 35.07 18.56
N LEU C 133 29.24 33.88 18.11
CA LEU C 133 30.09 33.14 17.18
C LEU C 133 29.48 32.87 15.82
N LEU C 134 28.18 33.09 15.68
CA LEU C 134 27.53 32.81 14.42
C LEU C 134 28.17 33.49 13.20
N LEU C 135 28.55 34.75 13.34
CA LEU C 135 29.14 35.39 12.19
C LEU C 135 30.52 34.84 11.89
N ASP C 136 31.38 34.76 12.92
CA ASP C 136 32.78 34.39 12.72
C ASP C 136 32.87 32.94 12.16
N VAL C 137 31.86 32.13 12.51
CA VAL C 137 31.83 30.75 12.06
C VAL C 137 31.58 30.75 10.58
N SER C 138 30.70 31.66 10.14
CA SER C 138 30.37 31.74 8.72
C SER C 138 31.61 32.04 7.91
N ASN C 139 32.48 32.90 8.45
CA ASN C 139 33.72 33.32 7.78
C ASN C 139 34.85 32.33 7.97
N SER C 140 34.61 31.27 8.73
CA SER C 140 35.64 30.26 8.99
C SER C 140 35.38 28.99 8.21
N LEU C 141 34.32 28.95 7.40
CA LEU C 141 33.96 27.71 6.70
C LEU C 141 34.43 27.73 5.26
N PRO C 142 34.74 26.56 4.70
CA PRO C 142 34.92 26.53 3.23
C PRO C 142 33.73 27.20 2.53
N PRO C 143 33.90 27.61 1.27
CA PRO C 143 32.89 28.43 0.61
C PRO C 143 31.50 27.76 0.57
N ARG C 144 31.42 26.49 0.17
CA ARG C 144 30.13 25.80 0.10
C ARG C 144 29.49 25.72 1.46
N SER C 145 30.27 25.38 2.46
CA SER C 145 29.74 25.20 3.80
C SER C 145 29.30 26.52 4.39
N SER C 146 30.14 27.53 4.21
CA SER C 146 29.81 28.89 4.63
C SER C 146 28.48 29.38 4.09
N ALA C 147 28.23 29.08 2.83
CA ALA C 147 27.02 29.55 2.18
C ALA C 147 25.80 28.86 2.81
N TYR C 148 25.81 27.50 2.83
CA TYR C 148 24.83 26.71 3.57
C TYR C 148 24.67 27.24 5.01
N PHE C 149 25.78 27.50 5.70
CA PHE C 149 25.70 27.93 7.07
C PHE C 149 24.96 29.21 7.23
N ARG C 150 25.28 30.17 6.40
CA ARG C 150 24.69 31.49 6.52
C ARG C 150 23.20 31.43 6.19
N ALA C 151 22.89 30.77 5.08
CA ALA C 151 21.50 30.67 4.66
C ALA C 151 20.68 30.08 5.79
N THR C 152 21.05 28.87 6.23
CA THR C 152 20.24 28.10 7.16
C THR C 152 20.11 28.73 8.53
N ARG C 153 21.15 29.38 8.99
CA ARG C 153 21.09 29.93 10.33
C ARG C 153 20.40 31.27 10.31
N GLU C 154 20.45 31.97 9.17
CA GLU C 154 19.79 33.27 9.08
C GLU C 154 18.29 33.02 9.06
N GLN C 155 17.89 32.01 8.29
CA GLN C 155 16.50 31.53 8.27
C GLN C 155 16.01 31.12 9.67
N GLN C 156 16.85 30.35 10.34
CA GLN C 156 16.57 29.79 11.67
C GLN C 156 16.25 30.81 12.75
N PHE C 157 16.90 31.98 12.73
CA PHE C 157 16.70 33.00 13.77
C PHE C 157 16.06 34.29 13.25
N GLY C 158 15.75 34.31 11.96
CA GLY C 158 15.15 35.49 11.38
C GLY C 158 15.99 36.75 11.33
N LYS C 159 17.24 36.71 11.80
CA LYS C 159 18.16 37.84 11.64
C LYS C 159 19.23 37.61 10.53
N ARG C 160 19.88 38.67 10.09
CA ARG C 160 21.11 38.47 9.35
C ARG C 160 22.12 38.09 10.40
N LEU C 161 23.20 37.46 9.97
CA LEU C 161 24.20 37.03 10.91
C LEU C 161 24.85 38.23 11.57
N GLU C 162 24.93 39.32 10.81
CA GLU C 162 25.59 40.52 11.32
C GLU C 162 24.75 41.20 12.42
N GLU C 163 23.48 40.84 12.52
CA GLU C 163 22.59 41.40 13.53
C GLU C 163 22.70 40.66 14.85
N GLN C 164 23.53 39.63 14.86
CA GLN C 164 23.54 38.73 15.99
C GLN C 164 24.64 39.09 16.95
N GLY C 165 24.44 38.89 18.24
CA GLY C 165 25.53 39.12 19.17
C GLY C 165 25.36 40.36 20.03
N GLY C 166 26.45 41.01 20.38
CA GLY C 166 26.37 42.24 21.17
C GLY C 166 26.16 42.04 22.65
N GLU C 167 26.39 43.11 23.40
CA GLU C 167 26.63 43.03 24.83
C GLU C 167 25.54 42.41 25.64
N GLU C 168 24.33 42.50 25.11
CA GLU C 168 23.21 41.91 25.82
C GLU C 168 23.53 40.44 26.14
N ARG C 169 24.20 39.80 25.19
CA ARG C 169 24.50 38.37 25.19
C ARG C 169 25.79 38.03 25.92
N TRP C 170 26.80 38.86 25.77
CA TRP C 170 27.99 38.75 26.63
C TRP C 170 27.54 38.77 28.11
N GLN C 171 26.43 39.39 28.43
CA GLN C 171 26.02 39.37 29.82
C GLN C 171 25.36 38.06 30.11
N GLN C 172 24.50 37.64 29.20
CA GLN C 172 23.79 36.37 29.38
C GLN C 172 24.79 35.25 29.51
N LEU C 173 25.86 35.36 28.72
CA LEU C 173 26.90 34.36 28.74
C LEU C 173 27.56 34.34 30.08
N GLU C 174 28.08 35.48 30.55
CA GLU C 174 28.72 35.56 31.85
C GLU C 174 27.80 35.03 32.93
N ALA C 175 26.49 35.29 32.79
CA ALA C 175 25.49 34.86 33.77
C ALA C 175 25.39 33.35 33.80
N GLY C 176 25.20 32.76 32.61
CA GLY C 176 25.15 31.32 32.47
C GLY C 176 26.39 30.68 33.05
N LEU C 177 27.55 31.15 32.62
CA LEU C 177 28.82 30.60 33.07
C LEU C 177 28.91 30.77 34.58
N GLY C 178 28.30 31.84 35.07
CA GLY C 178 28.23 32.05 36.51
C GLY C 178 27.47 30.92 37.16
N LYS C 179 26.31 30.60 36.61
CA LYS C 179 25.46 29.57 37.18
C LYS C 179 26.21 28.27 37.30
N PHE C 180 27.06 28.02 36.29
CA PHE C 180 27.89 26.82 36.22
C PHE C 180 28.91 26.85 37.36
N LYS C 181 29.66 27.95 37.44
CA LYS C 181 30.59 28.15 38.53
C LYS C 181 29.91 27.91 39.90
N GLY C 182 28.64 28.27 39.99
CA GLY C 182 27.88 28.06 41.21
C GLY C 182 27.68 26.60 41.50
N TYR C 183 27.28 25.85 40.48
CA TYR C 183 27.12 24.41 40.63
C TYR C 183 28.44 23.83 41.09
N LEU C 184 29.50 24.18 40.39
CA LEU C 184 30.80 23.59 40.69
C LEU C 184 31.24 23.90 42.09
N GLU C 185 30.87 25.06 42.58
CA GLU C 185 31.31 25.44 43.91
C GLU C 185 30.61 24.61 44.97
N ARG C 186 29.53 23.92 44.62
CA ARG C 186 28.87 23.13 45.63
C ARG C 186 29.62 21.87 45.93
N ASN C 187 30.62 21.61 45.10
CA ASN C 187 31.52 20.47 45.29
C ASN C 187 32.53 20.74 46.37
N GLY C 188 32.54 21.96 46.87
CA GLY C 188 33.47 22.34 47.92
C GLY C 188 34.81 22.70 47.35
N ALA C 189 35.53 23.58 48.04
CA ALA C 189 36.84 24.05 47.59
C ALA C 189 37.76 22.88 47.28
N GLY C 190 38.60 23.07 46.26
CA GLY C 190 39.49 22.03 45.77
C GLY C 190 38.84 21.00 44.85
N ASN C 191 37.53 21.11 44.64
CA ASN C 191 36.77 20.20 43.80
C ASN C 191 35.97 20.95 42.77
N ASP C 192 36.21 22.25 42.64
CA ASP C 192 35.29 23.08 41.89
C ASP C 192 35.77 23.26 40.46
N LEU C 193 36.51 22.29 39.95
CA LEU C 193 36.87 22.32 38.53
C LEU C 193 36.42 21.13 37.67
N LEU C 194 35.60 20.25 38.25
CA LEU C 194 34.98 19.16 37.51
C LEU C 194 33.67 18.78 38.19
N LEU C 195 32.67 18.41 37.40
CA LEU C 195 31.36 18.19 37.94
C LEU C 195 31.33 17.18 39.07
N MET C 196 32.28 16.24 39.04
CA MET C 196 32.34 15.20 40.05
C MET C 196 33.55 15.38 40.95
N GLY C 197 34.00 16.62 41.02
CA GLY C 197 35.15 16.91 41.84
C GLY C 197 36.40 16.68 41.02
N THR C 198 37.39 17.53 41.27
CA THR C 198 38.70 17.41 40.66
C THR C 198 39.38 16.14 41.25
N GLN C 199 38.61 15.39 42.02
CA GLN C 199 38.98 14.07 42.46
C GLN C 199 38.40 12.99 41.53
N GLY C 200 37.07 12.78 41.59
CA GLY C 200 36.40 11.71 40.86
C GLY C 200 36.32 11.71 39.30
N GLY C 201 37.27 12.35 38.60
CA GLY C 201 37.45 12.17 37.16
C GLY C 201 36.65 13.06 36.19
N ILE C 202 37.06 13.07 34.91
CA ILE C 202 36.35 13.82 33.86
C ILE C 202 35.09 13.11 33.35
N THR C 203 33.96 13.81 33.28
CA THR C 203 32.75 13.22 32.75
C THR C 203 32.36 13.82 31.40
N TYR C 204 31.30 13.30 30.80
CA TYR C 204 30.89 13.79 29.51
C TYR C 204 30.40 15.20 29.72
N SER C 205 29.75 15.41 30.85
CA SER C 205 29.15 16.71 31.08
C SER C 205 30.24 17.76 31.11
N ASP C 206 31.36 17.43 31.75
CA ASP C 206 32.50 18.32 31.79
C ASP C 206 32.96 18.63 30.41
N VAL C 207 33.12 17.60 29.62
CA VAL C 207 33.59 17.69 28.22
C VAL C 207 32.68 18.56 27.37
N GLN C 208 31.39 18.54 27.68
CA GLN C 208 30.49 19.41 26.98
C GLN C 208 30.91 20.88 27.15
N ILE C 209 31.15 21.31 28.38
CA ILE C 209 31.60 22.70 28.63
C ILE C 209 32.98 22.99 27.96
N ALA C 210 33.95 22.13 28.21
CA ALA C 210 35.23 22.18 27.57
C ALA C 210 35.11 22.44 26.08
N SER C 211 34.08 21.84 25.49
CA SER C 211 33.90 21.91 24.05
C SER C 211 33.32 23.23 23.63
N LEU C 212 32.43 23.82 24.41
CA LEU C 212 32.00 25.19 24.13
C LEU C 212 33.27 26.08 24.04
N PHE C 213 34.14 25.96 25.03
CA PHE C 213 35.28 26.83 25.09
C PHE C 213 36.22 26.63 23.90
N VAL C 214 36.63 25.40 23.62
CA VAL C 214 37.63 25.13 22.54
C VAL C 214 37.11 25.68 21.21
N TRP C 215 35.80 25.59 21.04
CA TRP C 215 35.10 26.15 19.89
C TRP C 215 35.32 27.67 19.80
N ALA C 216 35.02 28.37 20.90
CA ALA C 216 35.37 29.79 20.99
C ALA C 216 36.84 30.03 20.65
N LYS C 217 37.72 29.34 21.38
CA LYS C 217 39.15 29.52 21.20
C LYS C 217 39.56 29.32 19.78
N VAL C 218 39.00 28.33 19.09
CA VAL C 218 39.51 28.03 17.74
C VAL C 218 39.05 29.04 16.72
N VAL C 219 37.81 29.47 16.81
CA VAL C 219 37.25 30.36 15.81
C VAL C 219 37.76 31.83 15.99
N TRP C 220 37.63 32.35 17.22
CA TRP C 220 38.17 33.67 17.55
C TRP C 220 39.73 33.71 17.47
N GLY C 221 40.42 32.64 17.90
CA GLY C 221 41.88 32.66 17.94
C GLY C 221 42.35 32.86 19.36
N GLU C 222 43.38 32.13 19.78
CA GLU C 222 43.84 32.17 21.17
C GLU C 222 44.30 33.59 21.52
N GLY C 223 44.67 34.33 20.49
CA GLY C 223 45.16 35.67 20.67
C GLY C 223 44.13 36.75 20.55
N SER C 224 42.89 36.44 20.26
CA SER C 224 41.92 37.49 20.00
C SER C 224 41.50 38.28 21.23
N GLU C 225 40.85 39.41 20.99
CA GLU C 225 40.33 40.17 22.10
C GLU C 225 39.20 39.39 22.76
N LYS C 226 38.30 38.88 21.92
CA LYS C 226 37.16 38.11 22.39
C LYS C 226 37.59 36.97 23.33
N TRP C 227 38.52 36.14 22.85
CA TRP C 227 38.92 34.96 23.60
C TRP C 227 39.41 35.38 24.97
N LYS C 228 40.21 36.45 24.96
CA LYS C 228 40.92 36.86 26.16
C LYS C 228 39.90 37.46 27.12
N ARG C 229 38.87 38.04 26.54
CA ARG C 229 37.76 38.55 27.34
C ARG C 229 37.05 37.45 28.11
N LEU C 230 36.80 36.36 27.38
CA LEU C 230 36.04 35.27 27.91
C LEU C 230 36.88 34.67 29.02
N MET C 231 38.17 34.52 28.75
CA MET C 231 39.03 33.97 29.78
C MET C 231 39.08 34.90 30.96
N GLY C 232 38.77 36.18 30.73
CA GLY C 232 38.67 37.14 31.81
C GLY C 232 37.64 36.74 32.85
N PHE C 233 36.52 36.21 32.40
CA PHE C 233 35.42 35.98 33.30
C PHE C 233 35.79 35.26 34.57
N HIS C 234 35.06 35.60 35.62
CA HIS C 234 35.10 34.96 36.94
C HIS C 234 36.50 34.67 37.44
N GLY C 235 37.39 35.66 37.28
CA GLY C 235 38.72 35.60 37.86
C GLY C 235 39.58 34.58 37.17
N GLY C 236 39.19 34.25 35.95
CA GLY C 236 39.95 33.33 35.10
C GLY C 236 39.78 31.89 35.50
N LYS C 237 38.68 31.58 36.20
CA LYS C 237 38.35 30.20 36.53
C LYS C 237 38.38 29.39 35.21
N TRP C 238 37.72 29.91 34.17
CA TRP C 238 37.57 29.15 32.95
C TRP C 238 38.93 28.87 32.34
N ALA C 239 39.90 29.75 32.57
CA ALA C 239 41.27 29.41 32.19
C ALA C 239 41.75 28.16 32.91
N GLN C 240 41.49 28.06 34.19
CA GLN C 240 41.96 26.91 34.94
C GLN C 240 41.20 25.67 34.45
N PHE C 241 39.90 25.85 34.20
CA PHE C 241 39.00 24.75 33.80
C PHE C 241 39.48 24.19 32.50
N CYS C 242 39.60 25.03 31.49
CA CYS C 242 40.14 24.61 30.20
C CYS C 242 41.51 23.96 30.19
N ALA C 243 42.38 24.33 31.10
CA ALA C 243 43.72 23.75 31.11
C ALA C 243 43.69 22.24 31.34
N GLN C 244 42.66 21.79 32.06
CA GLN C 244 42.46 20.37 32.36
C GLN C 244 42.33 19.59 31.09
N PHE C 245 41.87 20.25 30.03
CA PHE C 245 41.60 19.59 28.76
C PHE C 245 42.63 19.84 27.69
N ALA C 246 43.73 20.52 28.06
CA ALA C 246 44.75 20.91 27.09
C ALA C 246 45.40 19.69 26.44
N GLU C 247 45.77 18.70 27.23
CA GLU C 247 46.47 17.55 26.68
C GLU C 247 45.63 16.75 25.71
N TYR C 248 44.33 17.06 25.66
CA TYR C 248 43.39 16.29 24.85
C TYR C 248 42.97 16.98 23.57
N GLU C 249 43.77 17.93 23.09
CA GLU C 249 43.49 18.61 21.82
C GLU C 249 44.43 18.13 20.67
N ARG C 250 43.92 17.18 19.90
CA ARG C 250 44.67 16.57 18.80
C ARG C 250 43.88 16.58 17.50
N ALA C 251 43.93 17.72 16.84
CA ALA C 251 43.33 17.92 15.54
C ALA C 251 43.90 16.94 14.52
N ASP C 252 43.02 16.24 13.81
CA ASP C 252 43.44 15.23 12.86
C ASP C 252 42.24 14.76 12.04
N SER D 1 20.96 13.81 72.36
CA SER D 1 20.93 14.79 71.28
C SER D 1 19.50 15.29 70.99
N GLN D 2 19.35 16.62 70.92
CA GLN D 2 18.04 17.26 70.93
C GLN D 2 17.36 17.34 69.59
N PRO D 3 16.03 17.44 69.59
CA PRO D 3 15.32 17.59 68.32
C PRO D 3 15.69 18.89 67.61
N ILE D 4 15.72 18.81 66.28
CA ILE D 4 15.92 19.96 65.46
C ILE D 4 14.56 20.59 65.36
N VAL D 5 14.56 21.91 65.40
CA VAL D 5 13.36 22.67 65.22
C VAL D 5 13.22 22.97 63.75
N PHE D 6 12.05 22.62 63.21
CA PHE D 6 11.76 22.64 61.78
C PHE D 6 10.52 23.48 61.50
N TYR D 7 10.69 24.59 60.78
CA TYR D 7 9.59 25.51 60.57
C TYR D 7 8.83 25.20 59.30
N ASP D 8 7.54 24.95 59.41
CA ASP D 8 6.69 24.53 58.30
C ASP D 8 5.44 25.42 58.33
N ILE D 9 4.72 25.56 57.21
CA ILE D 9 3.45 26.32 57.11
C ILE D 9 2.24 25.41 57.22
N PRO D 10 1.34 25.70 58.12
CA PRO D 10 0.26 24.75 58.44
C PRO D 10 -0.86 24.77 57.45
N SER D 11 -1.81 23.87 57.62
CA SER D 11 -3.03 23.91 56.82
C SER D 11 -4.28 23.89 57.73
N ASN D 12 -5.46 24.18 57.15
CA ASN D 12 -6.69 24.27 57.92
C ASN D 12 -7.32 22.89 58.08
N ASP D 13 -8.57 22.83 58.55
CA ASP D 13 -9.16 21.55 58.90
C ASP D 13 -9.56 20.69 57.72
N THR D 14 -9.55 21.27 56.51
CA THR D 14 -9.90 20.50 55.31
C THR D 14 -8.78 19.54 54.89
N LEU D 15 -7.57 19.79 55.40
CA LEU D 15 -6.42 18.93 55.18
C LEU D 15 -5.95 18.28 56.48
N LYS D 16 -6.76 18.49 57.52
CA LYS D 16 -6.46 18.00 58.84
C LYS D 16 -5.10 18.43 59.27
N GLN D 17 -4.68 19.57 58.76
CA GLN D 17 -3.51 20.25 59.27
C GLN D 17 -2.21 19.49 58.99
N SER D 18 -2.34 18.56 58.04
CA SER D 18 -1.24 17.88 57.38
C SER D 18 -0.32 18.89 56.72
N PRO D 19 1.03 18.74 56.87
CA PRO D 19 1.87 19.70 56.13
C PRO D 19 1.64 19.48 54.63
N TRP D 20 1.89 20.50 53.80
CA TRP D 20 1.53 20.45 52.37
C TRP D 20 2.63 21.02 51.49
N SER D 21 3.45 21.92 52.00
CA SER D 21 4.28 22.69 51.09
C SER D 21 5.35 21.87 50.40
N PRO D 22 5.43 21.98 49.05
CA PRO D 22 6.48 21.24 48.37
C PRO D 22 7.88 21.71 48.78
N ASN D 23 7.99 22.91 49.32
CA ASN D 23 9.29 23.35 49.75
C ASN D 23 9.64 22.81 51.11
N THR D 24 8.70 22.76 52.05
CA THR D 24 9.10 22.27 53.37
C THR D 24 9.11 20.77 53.37
N TRP D 25 8.29 20.15 52.55
CA TRP D 25 8.30 18.70 52.45
C TRP D 25 9.64 18.09 51.97
N LYS D 26 10.41 18.80 51.16
CA LYS D 26 11.68 18.20 50.77
C LYS D 26 12.65 18.09 51.95
N ILE D 27 12.48 18.92 52.96
CA ILE D 27 13.30 18.84 54.14
C ILE D 27 12.64 17.94 55.16
N ARG D 28 11.32 17.79 55.15
CA ARG D 28 10.69 16.80 56.04
C ARG D 28 11.17 15.41 55.61
N TYR D 29 11.09 15.15 54.31
CA TYR D 29 11.61 13.90 53.73
C TYR D 29 13.06 13.66 54.16
N ALA D 30 13.87 14.72 54.10
CA ALA D 30 15.29 14.63 54.43
C ALA D 30 15.46 14.17 55.85
N LEU D 31 14.72 14.78 56.76
CA LEU D 31 14.79 14.40 58.16
C LEU D 31 14.24 12.99 58.35
N ASN D 32 13.16 12.63 57.68
CA ASN D 32 12.63 11.30 57.87
C ASN D 32 13.54 10.19 57.30
N ILE D 33 14.03 10.39 56.09
CA ILE D 33 14.96 9.44 55.49
C ILE D 33 16.20 9.27 56.34
N LYS D 34 16.67 10.35 56.93
CA LYS D 34 17.90 10.30 57.69
C LYS D 34 17.64 9.83 59.13
N GLY D 35 16.36 9.71 59.50
CA GLY D 35 15.96 9.38 60.85
C GLY D 35 16.49 10.30 61.95
N ILE D 36 16.61 11.61 61.68
CA ILE D 36 17.04 12.61 62.66
C ILE D 36 15.84 13.12 63.43
N LYS D 37 15.99 13.37 64.73
CA LYS D 37 14.89 13.79 65.58
C LYS D 37 14.59 15.27 65.38
N TYR D 38 13.32 15.59 65.23
CA TYR D 38 12.90 16.96 64.96
C TYR D 38 11.48 17.17 65.49
N LYS D 39 11.15 18.42 65.82
CA LYS D 39 9.77 18.81 66.07
C LYS D 39 9.40 20.01 65.21
N THR D 40 8.20 19.95 64.63
CA THR D 40 7.73 21.01 63.76
C THR D 40 7.25 22.19 64.58
N GLU D 41 7.62 23.38 64.10
CA GLU D 41 7.14 24.67 64.61
C GLU D 41 6.28 25.25 63.53
N TRP D 42 4.97 25.30 63.72
CA TRP D 42 4.13 25.87 62.67
C TRP D 42 4.25 27.38 62.64
N VAL D 43 4.22 27.95 61.44
CA VAL D 43 4.24 29.41 61.27
C VAL D 43 3.32 29.81 60.10
N GLU D 44 2.60 30.91 60.26
CA GLU D 44 1.70 31.36 59.20
C GLU D 44 2.46 32.23 58.23
N TYR D 45 2.07 32.16 56.97
CA TYR D 45 2.72 32.93 55.91
C TYR D 45 3.10 34.39 56.30
N PRO D 46 2.14 35.20 56.81
CA PRO D 46 2.51 36.58 57.16
C PRO D 46 3.52 36.70 58.28
N ASP D 47 3.62 35.67 59.12
CA ASP D 47 4.52 35.69 60.27
C ASP D 47 5.92 35.16 59.97
N ILE D 48 6.15 34.69 58.75
CA ILE D 48 7.42 34.09 58.44
C ILE D 48 8.54 35.10 58.54
N GLU D 49 8.35 36.31 58.02
CA GLU D 49 9.46 37.26 57.96
C GLU D 49 9.99 37.56 59.35
N ASP D 50 9.07 37.75 60.29
CA ASP D 50 9.45 38.14 61.63
C ASP D 50 9.99 36.97 62.43
N VAL D 51 9.37 35.80 62.28
CA VAL D 51 9.84 34.63 63.00
C VAL D 51 11.27 34.34 62.62
N VAL D 52 11.58 34.33 61.33
CA VAL D 52 12.94 34.02 60.89
C VAL D 52 13.93 35.12 61.29
N LYS D 53 13.48 36.37 61.33
CA LYS D 53 14.38 37.45 61.74
C LYS D 53 14.66 37.35 63.23
N LYS D 54 13.61 37.22 64.05
CA LYS D 54 13.76 37.05 65.50
C LYS D 54 14.60 35.82 65.85
N LEU D 55 14.74 34.92 64.88
CA LEU D 55 15.44 33.67 65.07
C LEU D 55 16.90 33.75 64.70
N GLY D 56 17.26 34.77 63.93
CA GLY D 56 18.63 34.97 63.51
C GLY D 56 18.89 34.50 62.09
N GLY D 57 17.84 34.08 61.38
CA GLY D 57 17.99 33.47 60.07
C GLY D 57 18.26 34.49 58.99
N LYS D 58 18.81 34.02 57.87
CA LYS D 58 19.04 34.89 56.72
C LYS D 58 17.90 34.76 55.68
N PRO D 59 17.68 35.82 54.89
CA PRO D 59 16.72 35.69 53.79
C PRO D 59 17.34 34.94 52.64
N THR D 60 16.49 34.27 51.87
CA THR D 60 16.95 33.35 50.83
C THR D 60 16.94 34.03 49.47
N GLY D 61 16.66 35.32 49.45
CA GLY D 61 16.65 36.06 48.21
C GLY D 61 16.10 37.45 48.33
N LYS D 62 15.87 38.07 47.18
CA LYS D 62 15.36 39.41 47.13
C LYS D 62 14.01 39.36 46.43
N LYS D 63 13.08 40.20 46.87
CA LYS D 63 11.84 40.42 46.16
C LYS D 63 12.18 41.36 45.03
N PRO D 64 11.26 41.55 44.07
CA PRO D 64 11.49 42.53 43.00
C PRO D 64 11.64 43.99 43.49
N ASP D 65 11.02 44.31 44.63
CA ASP D 65 11.20 45.61 45.25
C ASP D 65 12.59 45.73 45.85
N GLY D 66 13.46 44.74 45.60
CA GLY D 66 14.77 44.72 46.25
C GLY D 66 14.67 44.49 47.75
N ARG D 67 13.45 44.22 48.22
CA ARG D 67 13.17 44.00 49.63
C ARG D 67 13.57 42.58 50.01
N ASP D 68 14.10 42.38 51.22
CA ASP D 68 14.54 41.06 51.64
C ASP D 68 13.36 40.08 51.61
N HIS D 69 13.62 38.92 51.02
CA HIS D 69 12.65 37.86 50.94
C HIS D 69 13.00 36.72 51.90
N TYR D 70 12.24 36.58 52.98
CA TYR D 70 12.47 35.48 53.92
C TYR D 70 11.48 34.36 53.64
N THR D 71 11.96 33.11 53.71
CA THR D 71 11.18 31.94 53.31
C THR D 71 11.37 30.73 54.25
N VAL D 72 10.42 29.79 54.21
CA VAL D 72 10.65 28.46 54.75
C VAL D 72 10.89 27.52 53.58
N PRO D 73 11.57 26.37 53.81
CA PRO D 73 11.93 25.76 55.10
C PRO D 73 13.12 26.44 55.75
N VAL D 74 13.15 26.32 57.07
CA VAL D 74 14.24 26.81 57.90
C VAL D 74 14.41 25.85 59.07
N ILE D 75 15.66 25.71 59.54
CA ILE D 75 15.85 24.94 60.75
C ILE D 75 16.76 25.60 61.78
N TYR D 76 16.49 25.28 63.04
CA TYR D 76 17.41 25.57 64.11
C TYR D 76 17.85 24.25 64.71
N ASP D 77 19.17 24.07 64.69
CA ASP D 77 19.78 22.87 65.23
C ASP D 77 20.36 23.15 66.59
N PRO D 78 19.66 22.73 67.67
CA PRO D 78 20.24 22.99 68.99
C PRO D 78 21.64 22.41 69.05
N ASN D 79 21.78 21.20 68.51
CA ASN D 79 22.98 20.43 68.73
C ASN D 79 24.24 21.11 68.18
N THR D 80 24.07 22.13 67.35
CA THR D 80 25.26 22.84 66.82
C THR D 80 25.05 24.34 66.82
N LYS D 81 23.96 24.75 67.49
CA LYS D 81 23.62 26.16 67.65
C LYS D 81 23.67 26.95 66.33
N THR D 82 23.14 26.37 65.25
CA THR D 82 23.08 27.10 64.00
C THR D 82 21.69 27.07 63.40
N VAL D 83 21.52 27.99 62.45
CA VAL D 83 20.25 28.22 61.81
C VAL D 83 20.51 28.17 60.32
N VAL D 84 19.92 27.19 59.66
CA VAL D 84 20.06 27.03 58.23
C VAL D 84 18.75 27.35 57.57
N GLU D 85 18.87 28.10 56.49
CA GLU D 85 17.74 28.50 55.68
C GLU D 85 18.06 28.04 54.28
N ASP D 86 17.03 27.95 53.44
CA ASP D 86 17.16 27.55 52.03
C ASP D 86 17.29 26.04 51.87
N GLY D 87 16.27 25.44 51.24
CA GLY D 87 16.10 23.98 51.18
C GLY D 87 17.34 23.16 50.84
N ILE D 88 18.01 23.51 49.74
CA ILE D 88 19.12 22.71 49.27
C ILE D 88 20.36 22.88 50.15
N LYS D 89 20.39 23.96 50.94
CA LYS D 89 21.49 24.17 51.86
C LYS D 89 21.19 23.38 53.12
N ILE D 90 19.94 23.40 53.53
CA ILE D 90 19.51 22.67 54.70
C ILE D 90 19.74 21.22 54.48
N ALA D 91 19.54 20.73 53.27
CA ALA D 91 19.72 19.28 53.05
C ALA D 91 21.20 18.88 53.14
N LYS D 92 22.06 19.64 52.50
CA LYS D 92 23.48 19.37 52.51
C LYS D 92 23.99 19.54 53.91
N TYR D 93 23.45 20.50 54.67
CA TYR D 93 23.82 20.65 56.08
C TYR D 93 23.49 19.36 56.84
N LEU D 94 22.28 18.86 56.71
CA LEU D 94 21.95 17.59 57.31
C LEU D 94 22.90 16.45 56.86
N ASP D 95 23.64 16.67 55.78
CA ASP D 95 24.59 15.67 55.30
C ASP D 95 25.87 15.86 56.09
N ASP D 96 26.39 17.08 56.01
CA ASP D 96 27.65 17.42 56.63
C ASP D 96 27.65 17.29 58.14
N ALA D 97 26.60 17.72 58.81
CA ALA D 97 26.57 17.67 60.27
C ALA D 97 26.10 16.32 60.81
N TYR D 98 25.54 15.46 59.96
CA TYR D 98 25.12 14.14 60.41
C TYR D 98 25.57 13.07 59.44
N PRO D 99 26.88 12.80 59.40
CA PRO D 99 27.47 11.94 58.38
C PRO D 99 27.19 10.43 58.48
N ASP D 100 26.44 9.96 59.47
CA ASP D 100 26.11 8.55 59.57
C ASP D 100 24.70 8.32 59.21
N THR D 101 24.08 9.36 58.70
CA THR D 101 22.77 9.25 58.14
C THR D 101 22.97 9.16 56.61
N PRO D 102 22.01 8.51 55.90
CA PRO D 102 22.04 8.38 54.43
C PRO D 102 22.45 9.67 53.72
N ARG D 103 23.45 9.67 52.83
CA ARG D 103 23.86 10.89 52.14
C ARG D 103 22.95 11.29 50.97
N LEU D 104 22.35 12.47 51.07
CA LEU D 104 21.49 12.96 50.03
C LEU D 104 22.31 13.55 48.92
N PHE D 105 23.54 13.97 49.23
CA PHE D 105 24.51 14.41 48.21
C PHE D 105 25.76 13.50 48.15
N PRO D 106 25.63 12.29 47.57
CA PRO D 106 26.74 11.37 47.31
C PRO D 106 27.90 12.09 46.61
N ALA D 107 29.10 11.57 46.75
CA ALA D 107 30.26 12.36 46.34
C ALA D 107 30.24 12.75 44.86
N GLY D 108 30.63 14.00 44.55
CA GLY D 108 30.72 14.46 43.16
C GLY D 108 29.38 14.74 42.52
N THR D 109 28.30 14.39 43.22
CA THR D 109 26.99 14.70 42.71
C THR D 109 26.57 16.14 43.00
N ASP D 110 27.35 16.83 43.83
CA ASP D 110 26.94 18.12 44.33
C ASP D 110 26.50 19.12 43.23
N ALA D 111 27.30 19.24 42.18
CA ALA D 111 27.02 20.21 41.14
C ALA D 111 25.90 19.77 40.22
N PHE D 112 25.91 18.47 39.91
CA PHE D 112 24.83 17.84 39.13
C PHE D 112 23.46 18.05 39.79
N GLN D 113 23.38 17.99 41.11
CA GLN D 113 22.10 18.13 41.79
C GLN D 113 21.66 19.57 41.85
N ALA D 114 22.64 20.47 41.68
CA ALA D 114 22.43 21.90 41.69
C ALA D 114 21.84 22.26 40.37
N ALA D 115 22.37 21.64 39.33
CA ALA D 115 21.86 21.85 37.99
C ALA D 115 20.43 21.32 37.91
N PHE D 116 20.20 20.23 38.63
CA PHE D 116 18.94 19.58 38.57
C PHE D 116 17.95 20.44 39.28
N ASP D 117 18.44 21.28 40.18
CA ASP D 117 17.53 22.09 40.96
C ASP D 117 16.80 23.10 40.04
N ASP D 118 17.55 23.65 39.08
CA ASP D 118 17.03 24.62 38.19
C ASP D 118 16.09 23.97 37.20
N PHE D 119 16.26 22.67 36.97
CA PHE D 119 15.33 21.96 36.10
C PHE D 119 13.97 21.92 36.80
N VAL D 120 13.97 21.54 38.05
CA VAL D 120 12.72 21.36 38.75
C VAL D 120 11.93 22.62 38.87
N TRP D 121 12.58 23.67 39.33
CA TRP D 121 11.87 24.91 39.58
C TRP D 121 11.89 25.81 38.37
N SER D 122 11.05 25.48 37.40
CA SER D 122 11.10 26.15 36.10
C SER D 122 9.79 25.97 35.38
N VAL D 123 9.64 26.72 34.30
CA VAL D 123 8.40 26.71 33.56
C VAL D 123 8.14 25.32 32.97
N THR D 124 9.19 24.51 32.99
CA THR D 124 9.15 23.18 32.44
C THR D 124 8.31 22.22 33.24
N LEU D 125 8.39 22.31 34.57
CA LEU D 125 7.81 21.30 35.43
C LEU D 125 7.08 21.83 36.68
N ALA D 126 7.80 22.50 37.60
CA ALA D 126 7.19 22.97 38.85
C ALA D 126 6.10 24.04 38.65
N PHE D 127 6.31 24.98 37.73
CA PHE D 127 5.36 26.08 37.57
C PHE D 127 4.02 25.64 36.98
N PRO D 128 4.03 24.84 35.90
CA PRO D 128 2.73 24.28 35.47
C PRO D 128 1.94 23.67 36.64
N LEU D 129 2.62 22.87 37.45
CA LEU D 129 1.94 22.19 38.55
C LEU D 129 1.48 23.23 39.55
N LEU D 130 2.28 24.30 39.69
CA LEU D 130 1.91 25.33 40.62
C LEU D 130 0.56 25.88 40.23
N SER D 131 0.43 26.20 38.95
CA SER D 131 -0.77 26.83 38.46
C SER D 131 -1.96 25.95 38.70
N LEU D 132 -1.78 24.64 38.69
CA LEU D 132 -2.92 23.76 38.93
C LEU D 132 -3.29 23.71 40.39
N LEU D 133 -2.42 24.24 41.24
CA LEU D 133 -2.59 24.11 42.67
C LEU D 133 -2.82 25.46 43.39
N LEU D 134 -2.48 26.55 42.71
CA LEU D 134 -2.56 27.87 43.34
C LEU D 134 -3.89 28.10 44.02
N LEU D 135 -4.99 27.71 43.39
CA LEU D 135 -6.27 28.01 43.99
C LEU D 135 -6.50 27.10 45.16
N ASP D 136 -6.32 25.81 44.98
CA ASP D 136 -6.70 24.87 46.03
C ASP D 136 -5.84 25.10 47.28
N VAL D 137 -4.64 25.63 47.08
CA VAL D 137 -3.76 25.91 48.21
C VAL D 137 -4.32 27.05 49.02
N SER D 138 -4.85 28.07 48.34
CA SER D 138 -5.44 29.22 49.00
C SER D 138 -6.58 28.77 49.91
N ASN D 139 -7.37 27.80 49.44
CA ASN D 139 -8.47 27.23 50.21
C ASN D 139 -8.04 26.21 51.24
N SER D 140 -6.76 25.95 51.34
CA SER D 140 -6.28 24.96 52.28
C SER D 140 -5.50 25.61 53.40
N LEU D 141 -5.42 26.92 53.40
CA LEU D 141 -4.67 27.58 54.44
C LEU D 141 -5.58 28.11 55.59
N PRO D 142 -5.01 28.26 56.81
CA PRO D 142 -5.68 29.07 57.83
C PRO D 142 -6.04 30.43 57.26
N PRO D 143 -7.04 31.09 57.85
CA PRO D 143 -7.59 32.29 57.24
C PRO D 143 -6.53 33.37 57.04
N ARG D 144 -5.71 33.64 58.06
CA ARG D 144 -4.69 34.64 57.91
C ARG D 144 -3.73 34.34 56.76
N SER D 145 -3.23 33.10 56.73
CA SER D 145 -2.24 32.71 55.72
C SER D 145 -2.89 32.73 54.32
N SER D 146 -4.08 32.15 54.24
CA SER D 146 -4.86 32.16 53.03
C SER D 146 -5.02 33.54 52.40
N ALA D 147 -5.18 34.53 53.26
CA ALA D 147 -5.37 35.88 52.78
C ALA D 147 -4.06 36.34 52.20
N TYR D 148 -2.98 36.19 52.97
CA TYR D 148 -1.64 36.60 52.54
C TYR D 148 -1.30 35.89 51.23
N PHE D 149 -1.68 34.62 51.17
CA PHE D 149 -1.32 33.81 50.03
C PHE D 149 -1.97 34.38 48.79
N ARG D 150 -3.29 34.50 48.86
CA ARG D 150 -4.05 35.01 47.71
C ARG D 150 -3.56 36.38 47.26
N ALA D 151 -3.44 37.31 48.20
CA ALA D 151 -2.91 38.63 47.89
C ALA D 151 -1.60 38.55 47.13
N THR D 152 -0.58 38.00 47.77
CA THR D 152 0.78 38.03 47.23
C THR D 152 0.94 37.29 45.89
N ARG D 153 0.21 36.19 45.73
CA ARG D 153 0.37 35.36 44.55
C ARG D 153 -0.40 35.95 43.39
N GLU D 154 -1.52 36.59 43.68
CA GLU D 154 -2.30 37.23 42.63
C GLU D 154 -1.53 38.43 42.08
N GLN D 155 -0.88 39.16 42.97
CA GLN D 155 -0.01 40.24 42.60
C GLN D 155 1.14 39.69 41.74
N GLN D 156 1.68 38.54 42.17
CA GLN D 156 2.89 37.98 41.57
C GLN D 156 2.74 37.62 40.10
N PHE D 157 1.58 37.09 39.73
CA PHE D 157 1.33 36.60 38.37
C PHE D 157 0.34 37.48 37.59
N GLY D 158 -0.14 38.55 38.22
CA GLY D 158 -1.12 39.43 37.61
C GLY D 158 -2.49 38.84 37.33
N LYS D 159 -2.74 37.59 37.70
CA LYS D 159 -4.06 36.99 37.50
C LYS D 159 -4.76 36.86 38.82
N ARG D 160 -6.06 36.63 38.79
CA ARG D 160 -6.75 36.15 39.97
C ARG D 160 -6.37 34.72 40.05
N LEU D 161 -6.58 34.11 41.22
CA LEU D 161 -6.23 32.70 41.39
C LEU D 161 -7.15 31.83 40.56
N GLU D 162 -8.37 32.31 40.35
CA GLU D 162 -9.36 31.47 39.63
C GLU D 162 -9.08 31.44 38.09
N GLU D 163 -8.22 32.36 37.64
CA GLU D 163 -7.82 32.42 36.23
C GLU D 163 -6.66 31.47 35.93
N GLN D 164 -6.16 30.79 36.95
CA GLN D 164 -4.92 30.05 36.82
C GLN D 164 -5.24 28.59 36.60
N GLY D 165 -4.39 27.91 35.83
CA GLY D 165 -4.57 26.50 35.60
C GLY D 165 -5.09 26.18 34.21
N GLY D 166 -5.87 25.11 34.11
CA GLY D 166 -6.47 24.71 32.85
C GLY D 166 -5.55 23.92 31.96
N GLU D 167 -6.14 23.25 30.97
CA GLU D 167 -5.50 22.18 30.21
C GLU D 167 -4.19 22.53 29.58
N GLU D 168 -4.02 23.78 29.23
CA GLU D 168 -2.78 24.20 28.60
C GLU D 168 -1.63 23.73 29.46
N ARG D 169 -1.85 23.74 30.77
CA ARG D 169 -0.81 23.52 31.77
C ARG D 169 -0.70 22.06 32.18
N TRP D 170 -1.84 21.36 32.23
CA TRP D 170 -1.83 19.91 32.37
C TRP D 170 -0.94 19.28 31.28
N GLN D 171 -0.88 19.93 30.12
CA GLN D 171 -0.03 19.42 29.06
C GLN D 171 1.39 19.74 29.36
N GLN D 172 1.64 20.97 29.73
CA GLN D 172 3.00 21.36 30.04
C GLN D 172 3.53 20.49 31.15
N LEU D 173 2.65 20.14 32.07
CA LEU D 173 3.07 19.31 33.19
C LEU D 173 3.44 17.91 32.70
N GLU D 174 2.52 17.26 32.00
CA GLU D 174 2.83 15.96 31.42
C GLU D 174 4.15 15.98 30.64
N ALA D 175 4.39 17.09 29.96
CA ALA D 175 5.56 17.28 29.13
C ALA D 175 6.84 17.32 29.96
N GLY D 176 6.83 18.14 30.99
CA GLY D 176 7.99 18.23 31.87
C GLY D 176 8.23 16.90 32.54
N LEU D 177 7.19 16.28 33.07
CA LEU D 177 7.32 15.00 33.72
C LEU D 177 7.82 13.97 32.71
N GLY D 178 7.42 14.14 31.45
CA GLY D 178 7.95 13.31 30.40
C GLY D 178 9.45 13.48 30.27
N LYS D 179 9.94 14.71 30.28
CA LYS D 179 11.35 14.99 30.16
C LYS D 179 12.13 14.30 31.25
N PHE D 180 11.55 14.29 32.44
CA PHE D 180 12.15 13.63 33.60
C PHE D 180 12.22 12.14 33.34
N LYS D 181 11.08 11.52 32.99
CA LYS D 181 11.05 10.11 32.64
C LYS D 181 12.19 9.83 31.62
N GLY D 182 12.41 10.76 30.72
CA GLY D 182 13.46 10.58 29.74
C GLY D 182 14.85 10.52 30.36
N TYR D 183 15.15 11.46 31.23
CA TYR D 183 16.42 11.40 31.94
C TYR D 183 16.54 10.07 32.68
N LEU D 184 15.54 9.69 33.47
CA LEU D 184 15.56 8.46 34.26
C LEU D 184 15.80 7.23 33.42
N GLU D 185 15.15 7.19 32.27
CA GLU D 185 15.34 6.07 31.37
C GLU D 185 16.79 5.93 30.85
N ARG D 186 17.60 6.96 30.93
CA ARG D 186 18.99 6.85 30.53
C ARG D 186 19.80 6.04 31.49
N ASN D 187 19.22 5.74 32.63
CA ASN D 187 19.89 4.94 33.61
C ASN D 187 19.78 3.51 33.27
N GLY D 188 18.96 3.23 32.28
CA GLY D 188 18.71 1.88 31.80
C GLY D 188 17.60 1.16 32.57
N ALA D 189 17.00 0.15 31.95
CA ALA D 189 15.90 -0.60 32.58
C ALA D 189 16.25 -1.16 33.95
N GLY D 190 15.34 -1.08 34.89
CA GLY D 190 15.62 -1.52 36.24
C GLY D 190 16.26 -0.46 37.12
N ASN D 191 16.62 0.68 36.51
CA ASN D 191 17.24 1.77 37.23
C ASN D 191 16.51 3.07 37.02
N ASP D 192 15.35 3.01 36.41
CA ASP D 192 14.69 4.20 35.94
C ASP D 192 13.73 4.82 36.95
N LEU D 193 13.96 4.61 38.25
CA LEU D 193 13.08 5.19 39.28
C LEU D 193 13.83 6.05 40.33
N LEU D 194 15.11 6.30 40.09
CA LEU D 194 15.86 7.16 40.96
C LEU D 194 17.02 7.71 40.17
N LEU D 195 17.44 8.93 40.50
CA LEU D 195 18.34 9.62 39.61
C LEU D 195 19.64 8.84 39.44
N MET D 196 20.00 8.09 40.48
CA MET D 196 21.27 7.43 40.49
C MET D 196 21.05 5.95 40.40
N GLY D 197 19.91 5.61 39.84
CA GLY D 197 19.56 4.22 39.69
C GLY D 197 18.88 3.73 40.94
N THR D 198 17.89 2.86 40.74
CA THR D 198 17.22 2.16 41.83
C THR D 198 18.22 1.22 42.55
N GLN D 199 19.49 1.34 42.19
CA GLN D 199 20.59 0.75 42.91
C GLN D 199 21.24 1.75 43.88
N GLY D 200 21.97 2.73 43.34
CA GLY D 200 22.72 3.69 44.14
C GLY D 200 22.01 4.71 45.06
N GLY D 201 20.82 4.41 45.57
CA GLY D 201 20.22 5.18 46.67
C GLY D 201 19.38 6.42 46.35
N ILE D 202 18.67 6.97 47.35
CA ILE D 202 17.85 8.22 47.19
C ILE D 202 18.65 9.50 47.36
N THR D 203 18.52 10.46 46.43
CA THR D 203 19.29 11.70 46.53
C THR D 203 18.36 12.81 46.86
N TYR D 204 18.92 13.99 47.03
CA TYR D 204 18.12 15.17 47.29
C TYR D 204 17.30 15.44 46.06
N SER D 205 17.88 15.23 44.89
CA SER D 205 17.22 15.60 43.67
C SER D 205 16.00 14.74 43.49
N ASP D 206 16.07 13.49 43.91
CA ASP D 206 14.94 12.60 43.85
C ASP D 206 13.87 13.14 44.73
N VAL D 207 14.27 13.49 45.94
CA VAL D 207 13.36 14.02 46.95
C VAL D 207 12.62 15.30 46.51
N GLN D 208 13.28 16.14 45.75
CA GLN D 208 12.60 17.28 45.20
C GLN D 208 11.39 16.85 44.38
N ILE D 209 11.51 15.86 43.49
CA ILE D 209 10.35 15.45 42.68
C ILE D 209 9.28 14.81 43.57
N ALA D 210 9.69 13.87 44.42
CA ALA D 210 8.81 13.25 45.41
C ALA D 210 7.95 14.28 46.12
N SER D 211 8.56 15.46 46.37
CA SER D 211 7.94 16.53 47.11
C SER D 211 6.85 17.22 46.31
N LEU D 212 7.14 17.55 45.04
CA LEU D 212 6.09 18.09 44.17
C LEU D 212 4.93 17.15 44.20
N PHE D 213 5.15 15.85 44.18
CA PHE D 213 3.98 14.94 44.17
C PHE D 213 3.18 14.88 45.48
N VAL D 214 3.87 14.76 46.61
CA VAL D 214 3.20 14.65 47.91
C VAL D 214 2.38 15.92 48.12
N TRP D 215 2.93 17.05 47.65
CA TRP D 215 2.25 18.33 47.67
C TRP D 215 0.90 18.23 46.94
N ALA D 216 0.91 17.79 45.70
CA ALA D 216 -0.35 17.55 44.98
C ALA D 216 -1.27 16.60 45.75
N LYS D 217 -0.71 15.46 46.19
CA LYS D 217 -1.51 14.43 46.85
C LYS D 217 -2.17 14.98 48.11
N VAL D 218 -1.47 15.80 48.89
CA VAL D 218 -2.04 16.29 50.14
C VAL D 218 -3.18 17.29 49.88
N VAL D 219 -2.92 18.27 49.02
CA VAL D 219 -3.86 19.32 48.68
C VAL D 219 -5.09 18.81 47.89
N TRP D 220 -4.88 18.12 46.79
CA TRP D 220 -6.03 17.61 46.06
C TRP D 220 -6.68 16.47 46.79
N GLY D 221 -5.89 15.70 47.52
CA GLY D 221 -6.40 14.50 48.20
C GLY D 221 -6.23 13.21 47.41
N GLU D 222 -5.79 12.18 48.11
CA GLU D 222 -5.41 10.91 47.47
C GLU D 222 -6.54 10.30 46.65
N GLY D 223 -7.77 10.69 46.95
CA GLY D 223 -8.91 10.19 46.21
C GLY D 223 -9.45 11.15 45.16
N SER D 224 -8.83 12.31 44.97
CA SER D 224 -9.44 13.28 44.06
C SER D 224 -9.38 12.83 42.60
N GLU D 225 -10.09 13.51 41.71
CA GLU D 225 -9.96 13.21 40.29
C GLU D 225 -8.60 13.68 39.81
N LYS D 226 -8.23 14.90 40.15
CA LYS D 226 -6.94 15.45 39.77
C LYS D 226 -5.75 14.52 40.12
N TRP D 227 -5.63 14.13 41.38
CA TRP D 227 -4.54 13.23 41.82
C TRP D 227 -4.48 12.00 40.97
N LYS D 228 -5.65 11.40 40.76
CA LYS D 228 -5.72 10.13 40.07
C LYS D 228 -5.34 10.29 38.61
N ARG D 229 -5.64 11.47 38.06
CA ARG D 229 -5.23 11.78 36.70
C ARG D 229 -3.72 11.89 36.59
N LEU D 230 -3.11 12.55 37.58
CA LEU D 230 -1.68 12.78 37.58
C LEU D 230 -1.01 11.44 37.70
N MET D 231 -1.53 10.59 38.57
CA MET D 231 -0.99 9.25 38.65
C MET D 231 -1.26 8.48 37.38
N GLY D 232 -2.16 8.99 36.56
CA GLY D 232 -2.44 8.34 35.29
C GLY D 232 -1.31 8.48 34.30
N PHE D 233 -0.66 9.63 34.35
CA PHE D 233 0.48 9.91 33.48
C PHE D 233 1.53 8.78 33.33
N HIS D 234 2.01 8.69 32.08
CA HIS D 234 3.07 7.80 31.65
C HIS D 234 2.90 6.39 32.20
N GLY D 235 1.69 5.85 32.06
CA GLY D 235 1.41 4.49 32.46
C GLY D 235 1.61 4.28 33.93
N GLY D 236 1.52 5.34 34.71
CA GLY D 236 1.57 5.21 36.15
C GLY D 236 2.97 5.07 36.69
N LYS D 237 3.94 5.52 35.92
CA LYS D 237 5.30 5.50 36.40
C LYS D 237 5.37 6.25 37.70
N TRP D 238 4.72 7.42 37.74
CA TRP D 238 4.82 8.25 38.91
C TRP D 238 4.21 7.59 40.16
N ALA D 239 3.23 6.73 39.96
CA ALA D 239 2.80 5.89 41.06
C ALA D 239 3.93 5.07 41.60
N GLN D 240 4.69 4.45 40.73
CA GLN D 240 5.80 3.60 41.18
C GLN D 240 6.85 4.47 41.84
N PHE D 241 7.04 5.65 41.26
CA PHE D 241 8.06 6.54 41.74
C PHE D 241 7.74 6.93 43.14
N CYS D 242 6.53 7.43 43.33
CA CYS D 242 6.11 7.90 44.65
C CYS D 242 6.09 6.83 45.75
N ALA D 243 5.80 5.58 45.40
CA ALA D 243 5.75 4.53 46.41
C ALA D 243 7.11 4.35 47.14
N GLN D 244 8.22 4.57 46.43
CA GLN D 244 9.51 4.46 47.06
C GLN D 244 9.59 5.40 48.27
N PHE D 245 8.78 6.47 48.25
CA PHE D 245 8.81 7.50 49.31
C PHE D 245 7.67 7.37 50.36
N ALA D 246 6.76 6.40 50.20
CA ALA D 246 5.70 6.18 51.19
C ALA D 246 6.19 6.06 52.65
N GLU D 247 7.10 5.15 52.92
CA GLU D 247 7.49 4.96 54.31
C GLU D 247 8.03 6.22 54.93
N TYR D 248 8.29 7.25 54.14
CA TYR D 248 8.91 8.46 54.69
C TYR D 248 7.96 9.62 54.88
N GLU D 249 6.68 9.31 55.00
CA GLU D 249 5.68 10.36 55.23
C GLU D 249 5.16 10.39 56.73
N ARG D 250 5.79 11.24 57.53
CA ARG D 250 5.45 11.37 58.95
C ARG D 250 5.14 12.80 59.35
N ALA D 251 3.88 13.18 59.12
CA ALA D 251 3.33 14.48 59.48
C ALA D 251 3.39 14.72 61.00
N ASP D 252 4.03 15.81 61.41
CA ASP D 252 4.26 16.11 62.84
C ASP D 252 4.77 17.53 63.06
N SER E 1 -32.36 41.38 -49.49
CA SER E 1 -31.45 40.40 -48.88
C SER E 1 -30.20 40.19 -49.73
N GLN E 2 -29.05 40.25 -49.08
CA GLN E 2 -27.74 40.31 -49.75
C GLN E 2 -27.15 38.99 -50.20
N PRO E 3 -26.32 39.04 -51.25
CA PRO E 3 -25.69 37.80 -51.70
C PRO E 3 -24.76 37.22 -50.63
N ILE E 4 -24.76 35.88 -50.55
CA ILE E 4 -23.83 35.12 -49.70
C ILE E 4 -22.50 35.10 -50.41
N VAL E 5 -21.43 35.35 -49.66
CA VAL E 5 -20.11 35.26 -50.22
C VAL E 5 -19.66 33.80 -50.11
N PHE E 6 -19.16 33.27 -51.22
CA PHE E 6 -18.88 31.86 -51.40
C PHE E 6 -17.47 31.68 -51.92
N TYR E 7 -16.60 31.14 -51.10
CA TYR E 7 -15.19 31.04 -51.45
C TYR E 7 -14.87 29.76 -52.15
N ASP E 8 -14.36 29.89 -53.40
CA ASP E 8 -14.09 28.74 -54.29
C ASP E 8 -12.66 28.86 -54.81
N ILE E 9 -12.05 27.73 -55.19
CA ILE E 9 -10.69 27.75 -55.77
C ILE E 9 -10.76 27.80 -57.30
N PRO E 10 -10.02 28.73 -57.92
CA PRO E 10 -10.16 28.97 -59.36
C PRO E 10 -9.34 28.02 -60.24
N SER E 11 -9.55 28.12 -61.55
CA SER E 11 -8.80 27.34 -62.53
C SER E 11 -8.20 28.28 -63.56
N ASN E 12 -7.23 27.77 -64.32
CA ASN E 12 -6.53 28.55 -65.34
C ASN E 12 -7.30 28.59 -66.65
N ASP E 13 -6.67 29.10 -67.71
CA ASP E 13 -7.43 29.35 -68.93
C ASP E 13 -7.82 28.06 -69.67
N THR E 14 -7.23 26.92 -69.28
CA THR E 14 -7.50 25.65 -69.97
C THR E 14 -8.86 25.13 -69.59
N LEU E 15 -9.43 25.66 -68.50
CA LEU E 15 -10.77 25.27 -68.06
C LEU E 15 -11.71 26.46 -68.15
N LYS E 16 -11.19 27.57 -68.68
CA LYS E 16 -11.93 28.81 -68.78
C LYS E 16 -12.38 29.28 -67.42
N GLN E 17 -11.61 28.89 -66.41
CA GLN E 17 -11.74 29.45 -65.08
C GLN E 17 -13.07 29.07 -64.48
N SER E 18 -13.66 28.04 -65.09
CA SER E 18 -14.81 27.36 -64.55
C SER E 18 -14.44 26.80 -63.17
N PRO E 19 -15.37 26.86 -62.20
CA PRO E 19 -15.05 26.18 -60.94
C PRO E 19 -14.95 24.65 -61.14
N TRP E 20 -14.10 24.00 -60.36
CA TRP E 20 -13.84 22.57 -60.55
C TRP E 20 -13.98 21.70 -59.27
N SER E 21 -13.74 22.25 -58.08
CA SER E 21 -13.50 21.41 -56.91
C SER E 21 -14.71 20.58 -56.53
N PRO E 22 -14.52 19.29 -56.24
CA PRO E 22 -15.72 18.52 -55.92
C PRO E 22 -16.25 18.93 -54.55
N ASN E 23 -15.37 19.45 -53.70
CA ASN E 23 -15.81 19.95 -52.43
C ASN E 23 -16.58 21.26 -52.56
N THR E 24 -16.08 22.24 -53.31
CA THR E 24 -16.86 23.48 -53.36
C THR E 24 -18.14 23.26 -54.18
N TRP E 25 -18.08 22.34 -55.13
CA TRP E 25 -19.20 22.17 -56.05
C TRP E 25 -20.44 21.70 -55.31
N LYS E 26 -20.25 20.96 -54.23
CA LYS E 26 -21.43 20.43 -53.55
C LYS E 26 -22.16 21.60 -52.89
N ILE E 27 -21.43 22.66 -52.54
CA ILE E 27 -22.08 23.85 -52.01
C ILE E 27 -22.64 24.78 -53.11
N ARG E 28 -22.03 24.75 -54.29
CA ARG E 28 -22.52 25.56 -55.39
C ARG E 28 -23.86 25.01 -55.80
N TYR E 29 -23.91 23.70 -55.98
CA TYR E 29 -25.15 22.96 -56.22
C TYR E 29 -26.23 23.26 -55.18
N ALA E 30 -25.84 23.33 -53.90
CA ALA E 30 -26.75 23.70 -52.81
C ALA E 30 -27.37 25.07 -53.02
N LEU E 31 -26.51 26.06 -53.28
CA LEU E 31 -26.97 27.44 -53.56
C LEU E 31 -27.86 27.56 -54.81
N ASN E 32 -27.48 26.87 -55.88
CA ASN E 32 -28.26 26.89 -57.11
C ASN E 32 -29.59 26.16 -56.91
N ILE E 33 -29.57 24.96 -56.35
CA ILE E 33 -30.81 24.23 -56.12
C ILE E 33 -31.73 25.03 -55.24
N LYS E 34 -31.18 25.70 -54.23
CA LYS E 34 -32.01 26.45 -53.29
C LYS E 34 -32.39 27.82 -53.84
N GLY E 35 -31.69 28.24 -54.91
CA GLY E 35 -31.94 29.53 -55.55
C GLY E 35 -31.61 30.69 -54.67
N ILE E 36 -30.62 30.51 -53.80
CA ILE E 36 -30.15 31.57 -52.91
C ILE E 36 -29.09 32.43 -53.63
N LYS E 37 -29.16 33.75 -53.42
CA LYS E 37 -28.24 34.66 -54.10
C LYS E 37 -26.86 34.60 -53.49
N TYR E 38 -25.85 34.48 -54.34
CA TYR E 38 -24.45 34.41 -53.90
C TYR E 38 -23.51 35.03 -54.94
N LYS E 39 -22.33 35.46 -54.52
CA LYS E 39 -21.29 35.81 -55.46
C LYS E 39 -20.03 35.09 -55.06
N THR E 40 -19.31 34.55 -56.05
CA THR E 40 -18.07 33.79 -55.75
C THR E 40 -16.89 34.71 -55.44
N GLU E 41 -16.09 34.33 -54.46
CA GLU E 41 -14.83 35.03 -54.15
C GLU E 41 -13.75 34.04 -54.43
N TRP E 42 -12.91 34.31 -55.42
CA TRP E 42 -11.92 33.29 -55.76
C TRP E 42 -10.76 33.35 -54.82
N VAL E 43 -10.23 32.20 -54.43
CA VAL E 43 -9.03 32.18 -53.58
C VAL E 43 -8.07 31.07 -54.03
N GLU E 44 -6.78 31.39 -54.02
CA GLU E 44 -5.76 30.42 -54.42
C GLU E 44 -5.36 29.51 -53.26
N TYR E 45 -5.05 28.26 -53.58
CA TYR E 45 -4.74 27.26 -52.56
C TYR E 45 -3.83 27.81 -51.40
N PRO E 46 -2.67 28.38 -51.76
CA PRO E 46 -1.79 28.86 -50.68
C PRO E 46 -2.40 29.98 -49.86
N ASP E 47 -3.40 30.66 -50.39
CA ASP E 47 -3.99 31.80 -49.70
C ASP E 47 -5.19 31.42 -48.84
N ILE E 48 -5.59 30.16 -48.86
CA ILE E 48 -6.83 29.78 -48.19
C ILE E 48 -6.66 29.98 -46.68
N GLU E 49 -5.53 29.54 -46.12
CA GLU E 49 -5.39 29.60 -44.67
C GLU E 49 -5.57 31.02 -44.16
N ASP E 50 -4.95 31.99 -44.82
CA ASP E 50 -5.00 33.36 -44.34
C ASP E 50 -6.33 34.04 -44.62
N VAL E 51 -6.90 33.79 -45.79
CA VAL E 51 -8.20 34.36 -46.10
C VAL E 51 -9.25 33.88 -45.09
N VAL E 52 -9.32 32.59 -44.80
CA VAL E 52 -10.30 32.09 -43.82
C VAL E 52 -9.99 32.60 -42.38
N LYS E 53 -8.73 32.82 -42.05
CA LYS E 53 -8.40 33.31 -40.71
C LYS E 53 -8.80 34.78 -40.58
N LYS E 54 -8.38 35.59 -41.56
CA LYS E 54 -8.73 37.00 -41.58
C LYS E 54 -10.23 37.21 -41.63
N LEU E 55 -10.96 36.16 -41.96
CA LEU E 55 -12.42 36.18 -42.11
C LEU E 55 -13.16 35.78 -40.83
N GLY E 56 -12.42 35.12 -39.94
CA GLY E 56 -12.97 34.64 -38.69
C GLY E 56 -13.49 33.22 -38.74
N GLY E 57 -13.09 32.46 -39.77
CA GLY E 57 -13.58 31.11 -39.95
C GLY E 57 -12.79 30.12 -39.13
N LYS E 58 -13.39 28.96 -38.89
CA LYS E 58 -12.71 27.90 -38.16
C LYS E 58 -12.07 26.84 -39.10
N PRO E 59 -10.96 26.23 -38.68
CA PRO E 59 -10.41 25.17 -39.51
C PRO E 59 -11.28 23.95 -39.42
N THR E 60 -11.25 23.10 -40.44
CA THR E 60 -12.18 21.95 -40.50
C THR E 60 -11.51 20.66 -40.06
N GLY E 61 -10.29 20.77 -39.57
CA GLY E 61 -9.58 19.60 -39.10
C GLY E 61 -8.13 19.88 -38.77
N LYS E 62 -7.41 18.80 -38.53
CA LYS E 62 -6.02 18.88 -38.16
C LYS E 62 -5.22 18.23 -39.27
N LYS E 63 -4.04 18.77 -39.54
CA LYS E 63 -3.10 18.11 -40.41
C LYS E 63 -2.41 17.08 -39.53
N PRO E 64 -1.66 16.16 -40.14
CA PRO E 64 -0.91 15.19 -39.33
C PRO E 64 0.13 15.84 -38.42
N ASP E 65 0.66 17.01 -38.80
CA ASP E 65 1.55 17.77 -37.89
C ASP E 65 0.81 18.36 -36.68
N GLY E 66 -0.47 18.01 -36.51
CA GLY E 66 -1.31 18.59 -35.48
C GLY E 66 -1.58 20.05 -35.75
N ARG E 67 -1.14 20.52 -36.90
CA ARG E 67 -1.28 21.91 -37.31
C ARG E 67 -2.75 22.11 -37.80
N ASP E 68 -3.31 23.28 -37.57
CA ASP E 68 -4.67 23.54 -38.02
C ASP E 68 -4.78 23.47 -39.55
N HIS E 69 -5.80 22.74 -39.97
CA HIS E 69 -6.12 22.59 -41.39
C HIS E 69 -7.33 23.42 -41.87
N TYR E 70 -7.09 24.54 -42.55
CA TYR E 70 -8.19 25.37 -43.04
C TYR E 70 -8.49 25.01 -44.48
N THR E 71 -9.79 24.86 -44.82
CA THR E 71 -10.20 24.40 -46.16
C THR E 71 -11.38 25.19 -46.72
N VAL E 72 -11.64 25.04 -48.02
CA VAL E 72 -12.91 25.49 -48.63
C VAL E 72 -13.67 24.24 -48.97
N PRO E 73 -15.00 24.33 -49.14
CA PRO E 73 -15.83 25.55 -49.22
C PRO E 73 -15.99 26.30 -47.89
N VAL E 74 -16.26 27.58 -48.01
CA VAL E 74 -16.57 28.44 -46.87
C VAL E 74 -17.55 29.50 -47.31
N ILE E 75 -18.44 29.96 -46.43
CA ILE E 75 -19.33 31.04 -46.80
C ILE E 75 -19.46 32.08 -45.71
N TYR E 76 -19.61 33.33 -46.16
CA TYR E 76 -20.01 34.40 -45.27
C TYR E 76 -21.40 34.84 -45.66
N ASP E 77 -22.33 34.77 -44.71
CA ASP E 77 -23.70 35.19 -44.94
C ASP E 77 -23.90 36.55 -44.30
N PRO E 78 -23.94 37.62 -45.11
CA PRO E 78 -24.17 38.95 -44.54
C PRO E 78 -25.50 39.00 -43.80
N ASN E 79 -26.50 38.29 -44.32
CA ASN E 79 -27.86 38.38 -43.80
C ASN E 79 -28.01 37.86 -42.39
N THR E 80 -27.02 37.12 -41.91
CA THR E 80 -27.03 36.61 -40.54
C THR E 80 -25.68 36.83 -39.87
N LYS E 81 -24.78 37.55 -40.52
CA LYS E 81 -23.48 37.85 -39.97
C LYS E 81 -22.74 36.62 -39.43
N THR E 82 -22.81 35.51 -40.15
CA THR E 82 -22.07 34.32 -39.75
C THR E 82 -21.17 33.76 -40.87
N VAL E 83 -20.25 32.91 -40.45
CA VAL E 83 -19.27 32.34 -41.33
C VAL E 83 -19.25 30.84 -41.09
N VAL E 84 -19.70 30.11 -42.10
CA VAL E 84 -19.81 28.66 -41.99
C VAL E 84 -18.71 28.02 -42.82
N GLU E 85 -18.06 27.02 -42.22
CA GLU E 85 -17.01 26.27 -42.88
C GLU E 85 -17.43 24.83 -42.82
N ASP E 86 -16.84 24.01 -43.67
CA ASP E 86 -17.12 22.58 -43.73
C ASP E 86 -18.38 22.23 -44.51
N GLY E 87 -18.21 21.60 -45.66
CA GLY E 87 -19.32 21.43 -46.59
C GLY E 87 -20.66 20.95 -46.07
N ILE E 88 -20.64 19.90 -45.25
CA ILE E 88 -21.90 19.31 -44.78
C ILE E 88 -22.55 20.19 -43.74
N LYS E 89 -21.77 21.05 -43.08
CA LYS E 89 -22.34 21.97 -42.13
C LYS E 89 -22.94 23.10 -42.90
N ILE E 90 -22.19 23.58 -43.88
CA ILE E 90 -22.68 24.65 -44.75
C ILE E 90 -24.03 24.29 -45.41
N ALA E 91 -24.20 23.05 -45.86
CA ALA E 91 -25.43 22.66 -46.52
C ALA E 91 -26.57 22.69 -45.53
N LYS E 92 -26.37 22.12 -44.33
CA LYS E 92 -27.42 22.12 -43.31
C LYS E 92 -27.71 23.54 -42.90
N TYR E 93 -26.68 24.36 -42.76
CA TYR E 93 -26.92 25.78 -42.46
C TYR E 93 -27.86 26.39 -43.49
N LEU E 94 -27.62 26.12 -44.78
CA LEU E 94 -28.50 26.61 -45.83
C LEU E 94 -29.88 26.02 -45.71
N ASP E 95 -30.02 24.95 -44.98
CA ASP E 95 -31.34 24.41 -44.73
C ASP E 95 -31.97 25.24 -43.63
N ASP E 96 -31.25 25.32 -42.50
CA ASP E 96 -31.77 25.91 -41.28
C ASP E 96 -32.07 27.37 -41.43
N ALA E 97 -31.16 28.12 -42.04
CA ALA E 97 -31.33 29.57 -42.10
C ALA E 97 -32.19 30.04 -43.27
N TYR E 98 -32.54 29.12 -44.18
CA TYR E 98 -33.39 29.44 -45.36
C TYR E 98 -34.43 28.34 -45.57
N PRO E 99 -35.37 28.21 -44.64
CA PRO E 99 -36.29 27.05 -44.62
C PRO E 99 -37.33 26.95 -45.73
N ASP E 100 -37.43 27.94 -46.62
CA ASP E 100 -38.42 27.92 -47.68
C ASP E 100 -37.80 27.48 -48.96
N THR E 101 -36.52 27.19 -48.89
CA THR E 101 -35.79 26.63 -50.00
C THR E 101 -35.84 25.12 -49.83
N PRO E 102 -35.77 24.37 -50.93
CA PRO E 102 -35.68 22.89 -50.92
C PRO E 102 -34.78 22.34 -49.81
N ARG E 103 -35.27 21.36 -49.03
CA ARG E 103 -34.49 20.82 -47.90
C ARG E 103 -33.56 19.72 -48.34
N LEU E 104 -32.27 19.94 -48.11
CA LEU E 104 -31.24 18.98 -48.50
C LEU E 104 -31.09 17.89 -47.44
N PHE E 105 -31.54 18.20 -46.22
CA PHE E 105 -31.59 17.22 -45.16
C PHE E 105 -33.01 17.01 -44.64
N PRO E 106 -33.85 16.26 -45.39
CA PRO E 106 -35.25 15.95 -45.06
C PRO E 106 -35.28 15.35 -43.67
N ALA E 107 -36.43 15.35 -42.98
CA ALA E 107 -36.45 15.07 -41.54
C ALA E 107 -35.98 13.65 -41.27
N GLY E 108 -35.11 13.48 -40.27
CA GLY E 108 -34.66 12.18 -39.83
C GLY E 108 -33.64 11.52 -40.72
N THR E 109 -33.32 12.19 -41.82
CA THR E 109 -32.26 11.70 -42.71
C THR E 109 -30.90 12.23 -42.25
N ASP E 110 -30.91 13.10 -41.25
CA ASP E 110 -29.67 13.74 -40.83
C ASP E 110 -28.51 12.78 -40.53
N ALA E 111 -28.76 11.69 -39.82
CA ALA E 111 -27.67 10.79 -39.45
C ALA E 111 -27.32 9.83 -40.56
N PHE E 112 -28.34 9.42 -41.31
CA PHE E 112 -28.12 8.56 -42.47
C PHE E 112 -27.21 9.25 -43.50
N GLN E 113 -27.40 10.56 -43.67
CA GLN E 113 -26.63 11.31 -44.66
C GLN E 113 -25.22 11.55 -44.19
N ALA E 114 -25.03 11.42 -42.89
CA ALA E 114 -23.73 11.61 -42.28
C ALA E 114 -22.96 10.33 -42.44
N ALA E 115 -23.70 9.21 -42.46
CA ALA E 115 -23.10 7.89 -42.64
C ALA E 115 -22.72 7.76 -44.08
N PHE E 116 -23.58 8.27 -44.93
CA PHE E 116 -23.29 8.22 -46.34
C PHE E 116 -22.08 9.06 -46.66
N ASP E 117 -21.77 10.03 -45.84
CA ASP E 117 -20.69 10.94 -46.15
C ASP E 117 -19.43 10.14 -46.09
N ASP E 118 -19.34 9.23 -45.11
CA ASP E 118 -18.14 8.38 -44.91
C ASP E 118 -17.99 7.33 -45.99
N PHE E 119 -19.09 7.03 -46.67
CA PHE E 119 -19.04 6.13 -47.79
C PHE E 119 -18.42 6.83 -49.02
N VAL E 120 -18.87 8.04 -49.28
CA VAL E 120 -18.35 8.80 -50.42
C VAL E 120 -16.85 9.03 -50.26
N TRP E 121 -16.43 9.64 -49.16
CA TRP E 121 -15.04 10.02 -49.04
C TRP E 121 -14.23 8.91 -48.43
N SER E 122 -13.97 7.89 -49.24
CA SER E 122 -13.30 6.69 -48.77
C SER E 122 -12.58 6.01 -49.93
N VAL E 123 -11.74 5.03 -49.58
CA VAL E 123 -10.98 4.28 -50.57
C VAL E 123 -11.91 3.58 -51.56
N THR E 124 -13.17 3.45 -51.16
CA THR E 124 -14.19 2.76 -51.95
C THR E 124 -14.58 3.49 -53.21
N LEU E 125 -14.58 4.83 -53.15
CA LEU E 125 -15.19 5.66 -54.23
C LEU E 125 -14.50 7.00 -54.59
N ALA E 126 -14.46 7.94 -53.66
CA ALA E 126 -13.86 9.23 -53.97
C ALA E 126 -12.34 9.12 -54.21
N PHE E 127 -11.64 8.26 -53.45
CA PHE E 127 -10.19 8.22 -53.57
C PHE E 127 -9.69 7.64 -54.90
N PRO E 128 -10.27 6.50 -55.34
CA PRO E 128 -9.96 6.02 -56.70
C PRO E 128 -10.08 7.12 -57.76
N LEU E 129 -11.22 7.81 -57.80
CA LEU E 129 -11.42 8.92 -58.72
C LEU E 129 -10.44 10.08 -58.50
N LEU E 130 -9.99 10.25 -57.25
CA LEU E 130 -9.04 11.31 -56.99
C LEU E 130 -7.76 10.99 -57.73
N SER E 131 -7.29 9.76 -57.59
CA SER E 131 -6.01 9.33 -58.21
C SER E 131 -6.05 9.54 -59.73
N LEU E 132 -7.23 9.43 -60.33
CA LEU E 132 -7.35 9.61 -61.76
C LEU E 132 -7.33 11.08 -62.13
N LEU E 133 -7.52 11.93 -61.13
CA LEU E 133 -7.64 13.36 -61.39
C LEU E 133 -6.51 14.21 -60.80
N LEU E 134 -5.71 13.63 -59.91
CA LEU E 134 -4.66 14.38 -59.25
C LEU E 134 -3.74 15.11 -60.23
N LEU E 135 -3.31 14.44 -61.29
CA LEU E 135 -2.41 15.08 -62.20
C LEU E 135 -3.12 16.17 -62.99
N ASP E 136 -4.27 15.86 -63.57
CA ASP E 136 -4.92 16.83 -64.45
C ASP E 136 -5.32 18.10 -63.69
N VAL E 137 -5.55 17.94 -62.39
CA VAL E 137 -5.99 19.06 -61.57
C VAL E 137 -4.81 19.99 -61.42
N SER E 138 -3.62 19.42 -61.27
CA SER E 138 -2.40 20.21 -61.05
C SER E 138 -2.20 21.08 -62.26
N ASN E 139 -2.47 20.52 -63.45
CA ASN E 139 -2.35 21.24 -64.71
C ASN E 139 -3.51 22.17 -64.99
N SER E 140 -4.52 22.16 -64.12
CA SER E 140 -5.71 23.00 -64.34
C SER E 140 -5.75 24.17 -63.39
N LEU E 141 -4.71 24.33 -62.57
CA LEU E 141 -4.68 25.40 -61.56
C LEU E 141 -3.84 26.60 -62.03
N PRO E 142 -4.18 27.82 -61.57
CA PRO E 142 -3.24 28.94 -61.70
C PRO E 142 -1.87 28.53 -61.18
N PRO E 143 -0.81 29.23 -61.62
CA PRO E 143 0.55 28.75 -61.36
C PRO E 143 0.85 28.62 -59.86
N ARG E 144 0.47 29.61 -59.05
CA ARG E 144 0.72 29.58 -57.60
C ARG E 144 0.01 28.43 -56.94
N SER E 145 -1.25 28.23 -57.30
CA SER E 145 -2.06 27.16 -56.73
C SER E 145 -1.57 25.79 -57.18
N SER E 146 -1.29 25.65 -58.49
CA SER E 146 -0.74 24.43 -59.07
C SER E 146 0.55 23.97 -58.36
N ALA E 147 1.37 24.94 -57.97
CA ALA E 147 2.61 24.62 -57.29
C ALA E 147 2.31 24.08 -55.90
N TYR E 148 1.51 24.82 -55.14
CA TYR E 148 1.08 24.37 -53.82
C TYR E 148 0.43 22.99 -53.95
N PHE E 149 -0.46 22.83 -54.91
CA PHE E 149 -1.22 21.59 -55.04
C PHE E 149 -0.27 20.43 -55.19
N ARG E 150 0.62 20.53 -56.18
CA ARG E 150 1.57 19.45 -56.49
C ARG E 150 2.38 19.11 -55.26
N ALA E 151 3.00 20.12 -54.66
CA ALA E 151 3.87 19.93 -53.49
C ALA E 151 3.15 19.15 -52.41
N THR E 152 2.03 19.69 -51.96
CA THR E 152 1.31 19.18 -50.80
C THR E 152 0.70 17.78 -51.07
N ARG E 153 0.20 17.53 -52.27
CA ARG E 153 -0.43 16.26 -52.55
C ARG E 153 0.62 15.19 -52.76
N GLU E 154 1.78 15.58 -53.31
CA GLU E 154 2.83 14.62 -53.55
C GLU E 154 3.41 14.20 -52.22
N GLN E 155 3.58 15.15 -51.33
CA GLN E 155 3.96 14.84 -49.97
C GLN E 155 2.92 13.91 -49.30
N GLN E 156 1.64 14.20 -49.53
CA GLN E 156 0.55 13.52 -48.85
C GLN E 156 0.45 12.04 -49.14
N PHE E 157 0.76 11.63 -50.37
CA PHE E 157 0.63 10.24 -50.77
C PHE E 157 1.97 9.55 -51.05
N GLY E 158 3.07 10.30 -50.88
CA GLY E 158 4.41 9.80 -51.16
C GLY E 158 4.74 9.47 -52.62
N LYS E 159 3.84 9.70 -53.56
CA LYS E 159 4.15 9.47 -54.96
C LYS E 159 4.34 10.78 -55.68
N ARG E 160 4.95 10.74 -56.86
CA ARG E 160 4.83 11.88 -57.76
C ARG E 160 3.41 11.81 -58.25
N LEU E 161 2.90 12.91 -58.78
CA LEU E 161 1.54 12.93 -59.33
C LEU E 161 1.40 12.06 -60.57
N GLU E 162 2.53 11.92 -61.28
CA GLU E 162 2.54 11.18 -62.53
C GLU E 162 2.48 9.68 -62.26
N GLU E 163 2.82 9.28 -61.02
CA GLU E 163 2.74 7.87 -60.58
C GLU E 163 1.33 7.44 -60.13
N GLN E 164 0.39 8.37 -60.20
CA GLN E 164 -0.91 8.16 -59.62
C GLN E 164 -1.90 7.81 -60.70
N GLY E 165 -2.90 7.00 -60.37
CA GLY E 165 -3.90 6.58 -61.34
C GLY E 165 -3.69 5.17 -61.90
N GLY E 166 -4.14 4.96 -63.13
CA GLY E 166 -3.96 3.69 -63.79
C GLY E 166 -5.07 2.70 -63.49
N GLU E 167 -5.13 1.65 -64.29
CA GLU E 167 -6.29 0.79 -64.37
C GLU E 167 -6.72 0.16 -63.09
N GLU E 168 -5.76 -0.06 -62.19
CA GLU E 168 -6.06 -0.66 -60.90
C GLU E 168 -7.19 0.12 -60.27
N ARG E 169 -7.16 1.44 -60.50
CA ARG E 169 -8.06 2.42 -59.86
C ARG E 169 -9.34 2.65 -60.62
N TRP E 170 -9.26 2.61 -61.95
CA TRP E 170 -10.46 2.61 -62.79
C TRP E 170 -11.36 1.41 -62.43
N GLN E 171 -10.79 0.35 -61.88
CA GLN E 171 -11.60 -0.78 -61.44
C GLN E 171 -12.24 -0.49 -60.11
N GLN E 172 -11.44 -0.06 -59.14
CA GLN E 172 -11.93 0.35 -57.83
C GLN E 172 -13.07 1.35 -57.98
N LEU E 173 -12.95 2.25 -58.94
CA LEU E 173 -13.94 3.28 -59.15
C LEU E 173 -15.20 2.66 -59.64
N GLU E 174 -15.10 1.83 -60.68
CA GLU E 174 -16.27 1.17 -61.22
C GLU E 174 -16.96 0.34 -60.14
N ALA E 175 -16.16 -0.24 -59.25
CA ALA E 175 -16.65 -1.08 -58.15
C ALA E 175 -17.47 -0.26 -57.12
N GLY E 176 -16.85 0.81 -56.61
CA GLY E 176 -17.50 1.75 -55.71
C GLY E 176 -18.78 2.28 -56.30
N LEU E 177 -18.72 2.77 -57.53
CA LEU E 177 -19.91 3.25 -58.22
C LEU E 177 -20.94 2.13 -58.35
N GLY E 178 -20.45 0.90 -58.47
CA GLY E 178 -21.32 -0.24 -58.52
C GLY E 178 -22.05 -0.43 -57.21
N LYS E 179 -21.31 -0.34 -56.09
CA LYS E 179 -21.92 -0.38 -54.75
C LYS E 179 -23.05 0.64 -54.59
N PHE E 180 -22.82 1.86 -55.06
CA PHE E 180 -23.82 2.93 -55.02
C PHE E 180 -25.04 2.53 -55.85
N LYS E 181 -24.80 2.09 -57.08
CA LYS E 181 -25.89 1.63 -57.94
C LYS E 181 -26.68 0.57 -57.19
N GLY E 182 -25.99 -0.23 -56.36
CA GLY E 182 -26.63 -1.27 -55.60
C GLY E 182 -27.57 -0.70 -54.54
N TYR E 183 -27.06 0.28 -53.81
CA TYR E 183 -27.87 0.96 -52.83
C TYR E 183 -29.11 1.53 -53.50
N LEU E 184 -28.91 2.30 -54.58
CA LEU E 184 -30.02 2.98 -55.24
C LEU E 184 -31.08 2.00 -55.71
N GLU E 185 -30.67 0.81 -56.13
CA GLU E 185 -31.59 -0.16 -56.71
C GLU E 185 -32.47 -0.74 -55.63
N ARG E 186 -32.05 -0.61 -54.39
CA ARG E 186 -32.92 -1.04 -53.29
C ARG E 186 -34.16 -0.18 -53.11
N ASN E 187 -34.17 0.97 -53.78
CA ASN E 187 -35.32 1.85 -53.77
C ASN E 187 -36.37 1.32 -54.72
N GLY E 188 -36.03 0.24 -55.43
CA GLY E 188 -36.93 -0.31 -56.41
C GLY E 188 -36.94 0.48 -57.72
N ALA E 189 -37.29 -0.22 -58.81
CA ALA E 189 -37.37 0.38 -60.14
C ALA E 189 -38.17 1.70 -60.18
N GLY E 190 -37.65 2.66 -60.94
CA GLY E 190 -38.27 3.96 -61.08
C GLY E 190 -37.87 4.93 -59.98
N ASN E 191 -37.11 4.44 -59.01
CA ASN E 191 -36.65 5.25 -57.88
C ASN E 191 -35.16 5.20 -57.73
N ASP E 192 -34.50 4.62 -58.71
CA ASP E 192 -33.11 4.25 -58.51
C ASP E 192 -32.16 5.33 -58.99
N LEU E 193 -32.63 6.58 -58.97
CA LEU E 193 -31.77 7.70 -59.39
C LEU E 193 -31.66 8.82 -58.36
N LEU E 194 -32.20 8.62 -57.17
CA LEU E 194 -31.96 9.51 -56.06
C LEU E 194 -32.04 8.71 -54.78
N LEU E 195 -31.27 9.11 -53.78
CA LEU E 195 -31.17 8.29 -52.59
C LEU E 195 -32.52 8.04 -51.92
N MET E 196 -33.43 9.00 -52.04
CA MET E 196 -34.72 8.88 -51.43
C MET E 196 -35.80 8.67 -52.48
N GLY E 197 -35.40 8.09 -53.61
CA GLY E 197 -36.33 7.86 -54.70
C GLY E 197 -36.41 9.07 -55.59
N THR E 198 -36.54 8.82 -56.89
CA THR E 198 -36.76 9.88 -57.87
C THR E 198 -38.15 10.52 -57.64
N GLN E 199 -38.78 10.12 -56.54
CA GLN E 199 -39.98 10.75 -56.03
C GLN E 199 -39.65 11.78 -54.95
N GLY E 200 -39.22 11.31 -53.78
CA GLY E 200 -38.96 12.16 -52.63
C GLY E 200 -37.79 13.16 -52.61
N GLY E 201 -37.37 13.69 -53.78
CA GLY E 201 -36.48 14.86 -53.84
C GLY E 201 -34.97 14.66 -53.80
N ILE E 202 -34.21 15.72 -54.11
CA ILE E 202 -32.74 15.72 -54.03
C ILE E 202 -32.19 16.03 -52.63
N THR E 203 -31.28 15.19 -52.17
CA THR E 203 -30.67 15.37 -50.86
C THR E 203 -29.22 15.79 -51.00
N TYR E 204 -28.62 16.15 -49.88
CA TYR E 204 -27.22 16.52 -49.87
C TYR E 204 -26.39 15.33 -50.23
N SER E 205 -26.83 14.15 -49.89
CA SER E 205 -26.03 12.97 -50.20
C SER E 205 -26.00 12.76 -51.70
N ASP E 206 -27.11 13.06 -52.36
CA ASP E 206 -27.18 12.92 -53.80
C ASP E 206 -26.20 13.90 -54.42
N VAL E 207 -26.27 15.13 -53.95
CA VAL E 207 -25.43 16.21 -54.43
C VAL E 207 -23.95 15.88 -54.27
N GLN E 208 -23.60 15.14 -53.24
CA GLN E 208 -22.20 14.79 -53.07
C GLN E 208 -21.74 13.95 -54.26
N ILE E 209 -22.54 13.00 -54.73
CA ILE E 209 -22.12 12.17 -55.85
C ILE E 209 -22.11 13.01 -57.13
N ALA E 210 -23.19 13.76 -57.35
CA ALA E 210 -23.26 14.72 -58.45
C ALA E 210 -22.01 15.61 -58.59
N SER E 211 -21.41 15.92 -57.44
CA SER E 211 -20.26 16.79 -57.37
C SER E 211 -19.00 16.08 -57.78
N LEU E 212 -18.86 14.81 -57.41
CA LEU E 212 -17.74 14.02 -57.87
C LEU E 212 -17.71 13.96 -59.41
N PHE E 213 -18.88 13.73 -59.99
CA PHE E 213 -18.98 13.71 -61.44
C PHE E 213 -18.67 15.06 -62.10
N VAL E 214 -19.28 16.15 -61.66
CA VAL E 214 -19.10 17.43 -62.33
C VAL E 214 -17.65 17.78 -62.29
N TRP E 215 -16.99 17.44 -61.20
CA TRP E 215 -15.53 17.61 -61.03
C TRP E 215 -14.77 16.90 -62.16
N ALA E 216 -15.04 15.60 -62.37
CA ALA E 216 -14.44 14.87 -63.47
C ALA E 216 -14.78 15.59 -64.80
N LYS E 217 -16.04 15.91 -65.01
CA LYS E 217 -16.47 16.45 -66.29
C LYS E 217 -15.75 17.78 -66.57
N VAL E 218 -15.49 18.58 -65.56
CA VAL E 218 -14.90 19.92 -65.80
C VAL E 218 -13.41 19.77 -66.09
N VAL E 219 -12.72 18.96 -65.30
CA VAL E 219 -11.29 18.81 -65.44
C VAL E 219 -10.87 18.04 -66.71
N TRP E 220 -11.44 16.85 -66.91
CA TRP E 220 -11.19 16.10 -68.14
C TRP E 220 -11.79 16.78 -69.38
N GLY E 221 -12.96 17.36 -69.25
CA GLY E 221 -13.66 17.94 -70.38
C GLY E 221 -14.77 17.03 -70.88
N GLU E 222 -15.93 17.62 -71.18
CA GLU E 222 -17.11 16.88 -71.60
C GLU E 222 -16.83 16.00 -72.81
N GLY E 223 -15.85 16.40 -73.62
CA GLY E 223 -15.50 15.64 -74.80
C GLY E 223 -14.38 14.62 -74.62
N SER E 224 -13.78 14.50 -73.43
CA SER E 224 -12.57 13.69 -73.31
C SER E 224 -12.83 12.20 -73.41
N GLU E 225 -11.77 11.43 -73.56
CA GLU E 225 -11.94 9.99 -73.62
C GLU E 225 -12.32 9.54 -72.23
N LYS E 226 -11.59 10.06 -71.22
CA LYS E 226 -11.82 9.68 -69.81
C LYS E 226 -13.29 9.87 -69.39
N TRP E 227 -13.81 11.09 -69.62
CA TRP E 227 -15.18 11.44 -69.26
C TRP E 227 -16.14 10.47 -69.88
N LYS E 228 -15.92 10.20 -71.17
CA LYS E 228 -16.87 9.39 -71.93
C LYS E 228 -16.80 7.93 -71.47
N ARG E 229 -15.63 7.54 -70.96
CA ARG E 229 -15.46 6.22 -70.36
C ARG E 229 -16.23 6.05 -69.09
N LEU E 230 -16.13 7.09 -68.26
CA LEU E 230 -16.84 7.11 -66.99
C LEU E 230 -18.36 7.03 -67.22
N MET E 231 -18.84 7.83 -68.17
CA MET E 231 -20.23 7.78 -68.50
C MET E 231 -20.59 6.44 -69.09
N GLY E 232 -19.58 5.70 -69.53
CA GLY E 232 -19.79 4.37 -70.06
C GLY E 232 -20.28 3.42 -69.00
N PHE E 233 -19.71 3.55 -67.82
CA PHE E 233 -20.03 2.68 -66.72
C PHE E 233 -21.52 2.40 -66.52
N HIS E 234 -21.79 1.14 -66.17
CA HIS E 234 -23.12 0.68 -65.73
C HIS E 234 -24.25 1.07 -66.66
N GLY E 235 -23.98 0.89 -67.96
CA GLY E 235 -24.96 1.10 -69.01
C GLY E 235 -25.37 2.54 -69.09
N GLY E 236 -24.51 3.42 -68.61
CA GLY E 236 -24.74 4.85 -68.66
C GLY E 236 -25.73 5.33 -67.64
N LYS E 237 -25.88 4.61 -66.54
CA LYS E 237 -26.73 5.06 -65.45
C LYS E 237 -26.31 6.46 -65.01
N TRP E 238 -25.00 6.63 -64.88
CA TRP E 238 -24.46 7.86 -64.31
C TRP E 238 -24.74 9.03 -65.21
N ALA E 239 -24.91 8.74 -66.50
CA ALA E 239 -25.41 9.77 -67.42
C ALA E 239 -26.79 10.22 -66.99
N GLN E 240 -27.64 9.24 -66.67
CA GLN E 240 -29.00 9.58 -66.32
C GLN E 240 -28.98 10.29 -65.00
N PHE E 241 -28.14 9.80 -64.10
CA PHE E 241 -28.03 10.40 -62.77
C PHE E 241 -27.62 11.87 -62.86
N CYS E 242 -26.54 12.14 -63.59
CA CYS E 242 -26.03 13.48 -63.71
C CYS E 242 -26.99 14.40 -64.39
N ALA E 243 -27.83 13.88 -65.27
CA ALA E 243 -28.73 14.75 -66.02
C ALA E 243 -29.70 15.52 -65.09
N GLN E 244 -30.03 14.89 -63.96
CA GLN E 244 -30.92 15.49 -62.98
C GLN E 244 -30.36 16.80 -62.42
N PHE E 245 -29.04 16.94 -62.53
CA PHE E 245 -28.31 18.07 -61.94
C PHE E 245 -27.89 19.11 -62.97
N ALA E 246 -28.22 18.86 -64.25
CA ALA E 246 -27.81 19.75 -65.32
C ALA E 246 -28.27 21.17 -65.07
N GLU E 247 -29.56 21.38 -64.84
CA GLU E 247 -30.08 22.74 -64.70
C GLU E 247 -29.45 23.52 -63.53
N TYR E 248 -28.65 22.86 -62.73
CA TYR E 248 -28.10 23.50 -61.53
C TYR E 248 -26.64 23.82 -61.66
N GLU E 249 -26.13 23.93 -62.89
CA GLU E 249 -24.72 24.24 -63.11
C GLU E 249 -24.51 25.71 -63.59
N ARG E 250 -24.24 26.59 -62.64
CA ARG E 250 -24.12 28.02 -62.92
C ARG E 250 -22.83 28.57 -62.37
N ALA E 251 -21.79 28.43 -63.17
CA ALA E 251 -20.45 28.92 -62.86
C ALA E 251 -20.44 30.45 -62.75
N ASP E 252 -19.93 30.97 -61.64
CA ASP E 252 -19.98 32.40 -61.33
C ASP E 252 -19.14 32.73 -60.11
N SER F 1 -54.86 -16.01 -38.10
CA SER F 1 -53.56 -15.93 -38.75
C SER F 1 -52.46 -16.65 -37.95
N GLN F 2 -51.70 -17.49 -38.64
CA GLN F 2 -50.80 -18.45 -38.00
C GLN F 2 -49.45 -17.91 -37.65
N PRO F 3 -48.82 -18.48 -36.62
CA PRO F 3 -47.46 -18.05 -36.29
C PRO F 3 -46.45 -18.27 -37.44
N ILE F 4 -45.52 -17.32 -37.54
CA ILE F 4 -44.43 -17.41 -38.48
C ILE F 4 -43.42 -18.33 -37.83
N VAL F 5 -42.88 -19.26 -38.61
CA VAL F 5 -41.82 -20.10 -38.09
C VAL F 5 -40.50 -19.34 -38.33
N PHE F 6 -39.72 -19.28 -37.25
CA PHE F 6 -38.52 -18.48 -37.21
C PHE F 6 -37.35 -19.38 -36.78
N TYR F 7 -36.34 -19.54 -37.63
CA TYR F 7 -35.26 -20.46 -37.34
C TYR F 7 -34.12 -19.71 -36.72
N ASP F 8 -33.77 -20.11 -35.49
CA ASP F 8 -32.69 -19.51 -34.69
C ASP F 8 -31.70 -20.60 -34.25
N ILE F 9 -30.45 -20.22 -33.94
CA ILE F 9 -29.43 -21.16 -33.44
C ILE F 9 -29.41 -21.13 -31.94
N PRO F 10 -29.54 -22.28 -31.28
CA PRO F 10 -29.66 -22.34 -29.82
C PRO F 10 -28.34 -22.18 -29.04
N SER F 11 -28.47 -22.15 -27.71
CA SER F 11 -27.31 -22.13 -26.84
C SER F 11 -27.47 -23.20 -25.75
N ASN F 12 -26.37 -23.47 -25.05
CA ASN F 12 -26.33 -24.53 -24.06
C ASN F 12 -26.84 -24.03 -22.72
N ASP F 13 -26.63 -24.79 -21.65
CA ASP F 13 -27.25 -24.43 -20.37
C ASP F 13 -26.58 -23.25 -19.69
N THR F 14 -25.42 -22.84 -20.19
CA THR F 14 -24.69 -21.75 -19.55
C THR F 14 -25.34 -20.41 -19.88
N LEU F 15 -26.23 -20.40 -20.86
CA LEU F 15 -26.94 -19.16 -21.24
C LEU F 15 -28.43 -19.43 -21.09
N LYS F 16 -28.76 -20.57 -20.50
CA LYS F 16 -30.15 -20.95 -20.34
C LYS F 16 -30.87 -20.99 -21.66
N GLN F 17 -30.12 -21.23 -22.72
CA GLN F 17 -30.68 -21.55 -24.01
C GLN F 17 -31.42 -20.36 -24.59
N SER F 18 -31.07 -19.22 -24.03
CA SER F 18 -31.44 -17.93 -24.55
C SER F 18 -30.90 -17.77 -25.97
N PRO F 19 -31.69 -17.16 -26.89
CA PRO F 19 -31.09 -16.97 -28.22
C PRO F 19 -29.96 -15.96 -28.07
N TRP F 20 -28.98 -15.97 -28.97
CA TRP F 20 -27.80 -15.14 -28.81
C TRP F 20 -27.32 -14.48 -30.09
N SER F 21 -27.71 -14.99 -31.24
CA SER F 21 -27.03 -14.58 -32.47
C SER F 21 -27.36 -13.17 -32.88
N PRO F 22 -26.33 -12.33 -33.15
CA PRO F 22 -26.64 -10.97 -33.59
C PRO F 22 -27.37 -10.94 -34.94
N ASN F 23 -27.29 -11.99 -35.73
CA ASN F 23 -28.00 -12.01 -36.98
C ASN F 23 -29.42 -12.44 -36.78
N THR F 24 -29.68 -13.41 -35.94
CA THR F 24 -31.09 -13.82 -35.79
C THR F 24 -31.84 -12.84 -34.90
N TRP F 25 -31.09 -12.19 -34.00
CA TRP F 25 -31.70 -11.24 -33.07
C TRP F 25 -32.30 -10.04 -33.76
N LYS F 26 -31.73 -9.63 -34.88
CA LYS F 26 -32.30 -8.50 -35.57
C LYS F 26 -33.69 -8.87 -36.11
N ILE F 27 -33.93 -10.13 -36.39
CA ILE F 27 -35.26 -10.49 -36.85
C ILE F 27 -36.21 -10.81 -35.68
N ARG F 28 -35.64 -11.17 -34.55
CA ARG F 28 -36.46 -11.44 -33.39
C ARG F 28 -37.05 -10.10 -33.00
N TYR F 29 -36.17 -9.11 -32.92
CA TYR F 29 -36.54 -7.72 -32.63
C TYR F 29 -37.60 -7.20 -33.61
N ALA F 30 -37.43 -7.51 -34.89
CA ALA F 30 -38.41 -7.10 -35.89
C ALA F 30 -39.74 -7.68 -35.51
N LEU F 31 -39.76 -8.98 -35.19
CA LEU F 31 -41.02 -9.64 -34.94
C LEU F 31 -41.66 -9.10 -33.67
N ASN F 32 -40.83 -8.81 -32.68
CA ASN F 32 -41.34 -8.34 -31.41
C ASN F 32 -41.84 -6.91 -31.56
N ILE F 33 -41.03 -6.05 -32.17
CA ILE F 33 -41.44 -4.68 -32.37
C ILE F 33 -42.73 -4.65 -33.18
N LYS F 34 -42.88 -5.56 -34.13
CA LYS F 34 -44.04 -5.50 -34.98
C LYS F 34 -45.18 -6.19 -34.31
N GLY F 35 -44.89 -6.92 -33.24
CA GLY F 35 -45.90 -7.76 -32.60
C GLY F 35 -46.60 -8.78 -33.50
N ILE F 36 -45.81 -9.46 -34.34
CA ILE F 36 -46.31 -10.52 -35.21
C ILE F 36 -46.09 -11.85 -34.51
N LYS F 37 -47.05 -12.75 -34.59
CA LYS F 37 -46.95 -14.01 -33.87
C LYS F 37 -45.95 -14.90 -34.53
N TYR F 38 -45.04 -15.46 -33.73
CA TYR F 38 -44.04 -16.40 -34.26
C TYR F 38 -43.63 -17.48 -33.25
N LYS F 39 -43.24 -18.67 -33.73
CA LYS F 39 -42.60 -19.67 -32.87
C LYS F 39 -41.24 -20.04 -33.40
N THR F 40 -40.30 -20.14 -32.48
CA THR F 40 -38.93 -20.43 -32.84
C THR F 40 -38.80 -21.91 -33.13
N GLU F 41 -38.03 -22.21 -34.18
CA GLU F 41 -37.56 -23.55 -34.50
C GLU F 41 -36.08 -23.52 -34.28
N TRP F 42 -35.56 -24.24 -33.29
CA TRP F 42 -34.12 -24.25 -33.08
C TRP F 42 -33.40 -25.14 -34.10
N VAL F 43 -32.24 -24.69 -34.57
CA VAL F 43 -31.44 -25.50 -35.49
C VAL F 43 -29.95 -25.37 -35.17
N GLU F 44 -29.23 -26.48 -35.20
CA GLU F 44 -27.80 -26.48 -34.86
C GLU F 44 -26.99 -26.08 -36.08
N TYR F 45 -25.88 -25.39 -35.83
CA TYR F 45 -25.04 -24.91 -36.93
C TYR F 45 -24.83 -25.91 -38.09
N PRO F 46 -24.36 -27.15 -37.80
CA PRO F 46 -24.16 -28.12 -38.89
C PRO F 46 -25.43 -28.52 -39.62
N ASP F 47 -26.56 -28.36 -38.97
CA ASP F 47 -27.84 -28.74 -39.59
C ASP F 47 -28.51 -27.61 -40.36
N ILE F 48 -27.90 -26.43 -40.40
CA ILE F 48 -28.54 -25.31 -41.11
C ILE F 48 -28.67 -25.57 -42.61
N GLU F 49 -27.61 -26.00 -43.25
CA GLU F 49 -27.68 -26.17 -44.70
C GLU F 49 -28.83 -27.11 -45.11
N ASP F 50 -29.00 -28.22 -44.41
CA ASP F 50 -29.98 -29.22 -44.82
C ASP F 50 -31.35 -28.72 -44.46
N VAL F 51 -31.44 -28.06 -43.29
CA VAL F 51 -32.72 -27.50 -42.81
C VAL F 51 -33.36 -26.54 -43.84
N VAL F 52 -32.57 -25.60 -44.27
CA VAL F 52 -33.05 -24.58 -45.19
C VAL F 52 -33.30 -25.18 -46.57
N LYS F 53 -32.52 -26.21 -46.95
CA LYS F 53 -32.72 -26.86 -48.27
C LYS F 53 -34.02 -27.63 -48.27
N LYS F 54 -34.21 -28.51 -47.30
CA LYS F 54 -35.45 -29.28 -47.27
C LYS F 54 -36.64 -28.38 -47.11
N LEU F 55 -36.39 -27.13 -46.76
CA LEU F 55 -37.45 -26.16 -46.51
C LEU F 55 -37.84 -25.38 -47.76
N GLY F 56 -36.89 -25.31 -48.69
CA GLY F 56 -37.12 -24.63 -49.93
C GLY F 56 -36.42 -23.31 -49.97
N GLY F 57 -35.55 -23.04 -49.01
CA GLY F 57 -34.92 -21.74 -48.90
C GLY F 57 -33.74 -21.55 -49.84
N LYS F 58 -33.36 -20.31 -50.07
CA LYS F 58 -32.22 -20.02 -50.91
C LYS F 58 -31.00 -19.71 -50.04
N PRO F 59 -29.80 -20.01 -50.53
CA PRO F 59 -28.62 -19.57 -49.79
C PRO F 59 -28.45 -18.07 -49.95
N THR F 60 -27.71 -17.49 -49.02
CA THR F 60 -27.57 -16.05 -48.93
C THR F 60 -26.21 -15.59 -49.44
N GLY F 61 -25.48 -16.52 -50.01
CA GLY F 61 -24.20 -16.17 -50.60
C GLY F 61 -23.41 -17.39 -51.03
N LYS F 62 -22.14 -17.12 -51.31
CA LYS F 62 -21.22 -18.15 -51.72
C LYS F 62 -20.09 -18.18 -50.72
N LYS F 63 -19.60 -19.39 -50.44
CA LYS F 63 -18.39 -19.56 -49.65
C LYS F 63 -17.24 -19.24 -50.61
N PRO F 64 -16.01 -19.09 -50.09
CA PRO F 64 -14.87 -18.93 -50.99
C PRO F 64 -14.64 -20.16 -51.92
N ASP F 65 -15.04 -21.37 -51.51
CA ASP F 65 -14.98 -22.54 -52.40
C ASP F 65 -16.00 -22.45 -53.52
N GLY F 66 -16.70 -21.32 -53.64
CA GLY F 66 -17.78 -21.19 -54.60
C GLY F 66 -18.95 -22.08 -54.24
N ARG F 67 -18.87 -22.70 -53.07
CA ARG F 67 -19.91 -23.59 -52.57
C ARG F 67 -21.07 -22.77 -51.95
N ASP F 68 -22.30 -23.24 -52.13
CA ASP F 68 -23.44 -22.50 -51.63
C ASP F 68 -23.35 -22.34 -50.12
N HIS F 69 -23.54 -21.10 -49.68
CA HIS F 69 -23.59 -20.73 -48.27
C HIS F 69 -25.05 -20.51 -47.77
N TYR F 70 -25.59 -21.45 -47.00
CA TYR F 70 -26.91 -21.26 -46.39
C TYR F 70 -26.78 -20.78 -44.94
N THR F 71 -27.62 -19.82 -44.54
CA THR F 71 -27.47 -19.15 -43.24
C THR F 71 -28.82 -18.89 -42.60
N VAL F 72 -28.81 -18.60 -41.31
CA VAL F 72 -29.96 -18.03 -40.61
C VAL F 72 -29.64 -16.55 -40.34
N PRO F 73 -30.66 -15.72 -40.12
CA PRO F 73 -32.08 -16.04 -39.88
C PRO F 73 -32.81 -16.47 -41.14
N VAL F 74 -33.89 -17.21 -40.94
CA VAL F 74 -34.73 -17.63 -42.03
C VAL F 74 -36.12 -17.68 -41.46
N ILE F 75 -37.14 -17.43 -42.27
CA ILE F 75 -38.51 -17.62 -41.80
C ILE F 75 -39.38 -18.34 -42.81
N TYR F 76 -40.39 -19.05 -42.29
CA TYR F 76 -41.48 -19.54 -43.12
C TYR F 76 -42.74 -18.90 -42.64
N ASP F 77 -43.43 -18.25 -43.57
CA ASP F 77 -44.68 -17.60 -43.28
C ASP F 77 -45.84 -18.46 -43.80
N PRO F 78 -46.56 -19.15 -42.91
CA PRO F 78 -47.66 -19.95 -43.40
C PRO F 78 -48.69 -19.06 -44.06
N ASN F 79 -48.88 -17.88 -43.53
CA ASN F 79 -49.96 -17.03 -43.99
C ASN F 79 -49.82 -16.61 -45.45
N THR F 80 -48.63 -16.77 -46.01
CA THR F 80 -48.40 -16.39 -47.40
C THR F 80 -47.64 -17.47 -48.14
N LYS F 81 -47.41 -18.59 -47.46
CA LYS F 81 -46.71 -19.74 -48.02
C LYS F 81 -45.40 -19.36 -48.64
N THR F 82 -44.63 -18.50 -47.97
CA THR F 82 -43.31 -18.11 -48.50
C THR F 82 -42.20 -18.28 -47.47
N VAL F 83 -40.97 -18.32 -47.98
CA VAL F 83 -39.79 -18.60 -47.20
C VAL F 83 -38.78 -17.53 -47.53
N VAL F 84 -38.50 -16.70 -46.53
CA VAL F 84 -37.58 -15.60 -46.71
C VAL F 84 -36.28 -15.88 -45.97
N GLU F 85 -35.19 -15.60 -46.63
CA GLU F 85 -33.90 -15.81 -46.07
C GLU F 85 -33.21 -14.45 -46.17
N ASP F 86 -32.13 -14.27 -45.41
CA ASP F 86 -31.33 -13.05 -45.42
C ASP F 86 -31.97 -11.95 -44.62
N GLY F 87 -31.31 -11.58 -43.53
CA GLY F 87 -31.87 -10.67 -42.55
C GLY F 87 -32.53 -9.43 -43.07
N ILE F 88 -31.85 -8.67 -43.89
CA ILE F 88 -32.39 -7.42 -44.34
C ILE F 88 -33.57 -7.61 -45.36
N LYS F 89 -33.70 -8.80 -45.92
CA LYS F 89 -34.80 -9.03 -46.82
C LYS F 89 -35.94 -9.46 -45.98
N ILE F 90 -35.66 -10.28 -44.99
CA ILE F 90 -36.71 -10.70 -44.04
C ILE F 90 -37.38 -9.51 -43.39
N ALA F 91 -36.61 -8.55 -42.94
CA ALA F 91 -37.17 -7.37 -42.32
C ALA F 91 -38.09 -6.63 -43.28
N LYS F 92 -37.65 -6.40 -44.50
CA LYS F 92 -38.46 -5.65 -45.43
C LYS F 92 -39.67 -6.47 -45.75
N TYR F 93 -39.52 -7.78 -45.75
CA TYR F 93 -40.67 -8.62 -46.03
C TYR F 93 -41.69 -8.43 -44.94
N LEU F 94 -41.26 -8.49 -43.69
CA LEU F 94 -42.17 -8.16 -42.61
C LEU F 94 -42.81 -6.74 -42.71
N ASP F 95 -42.20 -5.84 -43.49
CA ASP F 95 -42.81 -4.54 -43.74
C ASP F 95 -43.90 -4.73 -44.77
N ASP F 96 -43.53 -5.23 -45.92
CA ASP F 96 -44.42 -5.32 -47.06
C ASP F 96 -45.63 -6.18 -46.77
N ALA F 97 -45.41 -7.32 -46.15
CA ALA F 97 -46.49 -8.28 -45.98
C ALA F 97 -47.32 -7.99 -44.76
N TYR F 98 -46.84 -7.10 -43.91
CA TYR F 98 -47.58 -6.71 -42.70
C TYR F 98 -47.55 -5.20 -42.50
N PRO F 99 -48.27 -4.49 -43.36
CA PRO F 99 -48.19 -3.04 -43.41
C PRO F 99 -48.82 -2.28 -42.26
N ASP F 100 -49.49 -2.95 -41.31
CA ASP F 100 -50.11 -2.31 -40.17
C ASP F 100 -49.29 -2.45 -38.95
N THR F 101 -48.09 -2.95 -39.15
CA THR F 101 -47.10 -3.02 -38.11
C THR F 101 -46.11 -1.90 -38.38
N PRO F 102 -45.49 -1.38 -37.32
CA PRO F 102 -44.45 -0.35 -37.42
C PRO F 102 -43.49 -0.59 -38.60
N ARG F 103 -43.25 0.39 -39.46
CA ARG F 103 -42.36 0.18 -40.60
C ARG F 103 -40.94 0.33 -40.22
N LEU F 104 -40.17 -0.71 -40.51
CA LEU F 104 -38.73 -0.70 -40.24
C LEU F 104 -37.92 0.00 -41.34
N PHE F 105 -38.53 0.11 -42.53
CA PHE F 105 -37.95 0.83 -43.66
C PHE F 105 -38.86 1.97 -44.11
N PRO F 106 -38.92 3.04 -43.31
CA PRO F 106 -39.68 4.24 -43.65
C PRO F 106 -39.43 4.70 -45.09
N ALA F 107 -40.35 5.41 -45.72
CA ALA F 107 -40.24 5.67 -47.16
C ALA F 107 -38.95 6.38 -47.49
N GLY F 108 -38.30 5.93 -48.57
CA GLY F 108 -37.11 6.55 -49.10
C GLY F 108 -35.88 6.32 -48.25
N THR F 109 -36.06 5.63 -47.12
CA THR F 109 -34.90 5.26 -46.34
C THR F 109 -34.30 3.93 -46.85
N ASP F 110 -34.95 3.29 -47.81
CA ASP F 110 -34.51 1.96 -48.23
C ASP F 110 -33.00 1.87 -48.61
N ALA F 111 -32.51 2.82 -49.39
CA ALA F 111 -31.14 2.76 -49.84
C ALA F 111 -30.16 3.20 -48.76
N PHE F 112 -30.51 4.26 -48.06
CA PHE F 112 -29.70 4.71 -46.95
C PHE F 112 -29.39 3.60 -45.95
N GLN F 113 -30.38 2.72 -45.71
CA GLN F 113 -30.29 1.71 -44.66
C GLN F 113 -29.43 0.58 -45.17
N ALA F 114 -29.37 0.50 -46.50
CA ALA F 114 -28.60 -0.51 -47.21
C ALA F 114 -27.14 -0.13 -47.16
N ALA F 115 -26.91 1.14 -47.24
CA ALA F 115 -25.56 1.65 -47.11
C ALA F 115 -25.12 1.50 -45.66
N PHE F 116 -26.05 1.76 -44.75
CA PHE F 116 -25.74 1.62 -43.33
C PHE F 116 -25.41 0.17 -43.04
N ASP F 117 -25.95 -0.75 -43.82
CA ASP F 117 -25.75 -2.15 -43.54
C ASP F 117 -24.27 -2.47 -43.69
N ASP F 118 -23.66 -1.83 -44.70
CA ASP F 118 -22.25 -2.07 -44.99
C ASP F 118 -21.38 -1.43 -43.95
N PHE F 119 -21.90 -0.40 -43.27
CA PHE F 119 -21.16 0.22 -42.19
C PHE F 119 -21.09 -0.70 -40.98
N VAL F 120 -22.21 -1.31 -40.63
CA VAL F 120 -22.22 -2.16 -39.47
C VAL F 120 -21.29 -3.37 -39.65
N TRP F 121 -21.55 -4.15 -40.70
CA TRP F 121 -20.83 -5.41 -40.90
C TRP F 121 -19.50 -5.18 -41.61
N SER F 122 -18.54 -4.63 -40.88
CA SER F 122 -17.25 -4.21 -41.42
C SER F 122 -16.20 -4.16 -40.33
N VAL F 123 -14.95 -4.04 -40.76
CA VAL F 123 -13.80 -4.01 -39.85
C VAL F 123 -13.90 -2.85 -38.88
N THR F 124 -14.79 -1.90 -39.21
CA THR F 124 -15.03 -0.71 -38.41
C THR F 124 -15.71 -0.96 -37.07
N LEU F 125 -16.62 -1.91 -37.03
CA LEU F 125 -17.50 -2.05 -35.88
C LEU F 125 -17.86 -3.51 -35.57
N ALA F 126 -18.56 -4.22 -36.46
CA ALA F 126 -19.00 -5.58 -36.13
C ALA F 126 -17.84 -6.56 -35.95
N PHE F 127 -16.82 -6.45 -36.79
CA PHE F 127 -15.74 -7.43 -36.73
C PHE F 127 -14.92 -7.32 -35.45
N PRO F 128 -14.49 -6.10 -35.05
CA PRO F 128 -13.82 -6.01 -33.75
C PRO F 128 -14.61 -6.74 -32.64
N LEU F 129 -15.90 -6.46 -32.55
CA LEU F 129 -16.73 -7.04 -31.50
C LEU F 129 -16.77 -8.55 -31.67
N LEU F 130 -16.71 -9.01 -32.92
CA LEU F 130 -16.78 -10.43 -33.20
C LEU F 130 -15.61 -11.10 -32.53
N SER F 131 -14.43 -10.51 -32.77
CA SER F 131 -13.17 -11.05 -32.26
C SER F 131 -13.21 -11.13 -30.73
N LEU F 132 -13.91 -10.21 -30.06
CA LEU F 132 -14.05 -10.29 -28.61
C LEU F 132 -15.02 -11.37 -28.16
N LEU F 133 -15.82 -11.88 -29.09
CA LEU F 133 -16.86 -12.81 -28.75
C LEU F 133 -16.69 -14.22 -29.33
N LEU F 134 -15.75 -14.35 -30.28
CA LEU F 134 -15.58 -15.64 -30.98
C LEU F 134 -15.37 -16.77 -30.00
N LEU F 135 -14.53 -16.54 -28.98
CA LEU F 135 -14.24 -17.64 -28.08
C LEU F 135 -15.46 -17.98 -27.22
N ASP F 136 -16.05 -16.96 -26.60
CA ASP F 136 -17.12 -17.20 -25.63
C ASP F 136 -18.35 -17.80 -26.29
N VAL F 137 -18.50 -17.53 -27.58
CA VAL F 137 -19.60 -18.07 -28.35
C VAL F 137 -19.40 -19.56 -28.52
N SER F 138 -18.15 -19.95 -28.78
CA SER F 138 -17.81 -21.36 -28.97
C SER F 138 -18.22 -22.10 -27.70
N ASN F 139 -17.89 -21.52 -26.55
CA ASN F 139 -18.28 -22.10 -25.26
C ASN F 139 -19.79 -22.01 -24.90
N SER F 140 -20.56 -21.33 -25.74
CA SER F 140 -21.95 -21.09 -25.43
C SER F 140 -22.86 -21.91 -26.30
N LEU F 141 -22.27 -22.73 -27.17
CA LEU F 141 -23.07 -23.57 -28.06
C LEU F 141 -23.27 -25.02 -27.56
N PRO F 142 -24.39 -25.66 -27.93
CA PRO F 142 -24.45 -27.12 -27.79
C PRO F 142 -23.22 -27.79 -28.43
N PRO F 143 -22.91 -29.04 -28.02
CA PRO F 143 -21.61 -29.63 -28.37
C PRO F 143 -21.40 -29.74 -29.89
N ARG F 144 -22.42 -30.24 -30.59
CA ARG F 144 -22.32 -30.34 -32.02
C ARG F 144 -22.05 -28.99 -32.63
N SER F 145 -22.82 -27.98 -32.23
CA SER F 145 -22.73 -26.67 -32.89
C SER F 145 -21.38 -26.06 -32.55
N SER F 146 -21.02 -26.20 -31.29
CA SER F 146 -19.75 -25.67 -30.83
C SER F 146 -18.60 -26.16 -31.65
N ALA F 147 -18.67 -27.43 -32.01
CA ALA F 147 -17.58 -28.06 -32.72
C ALA F 147 -17.50 -27.50 -34.11
N TYR F 148 -18.66 -27.44 -34.77
CA TYR F 148 -18.75 -26.85 -36.10
C TYR F 148 -18.27 -25.40 -36.06
N PHE F 149 -18.67 -24.69 -35.01
CA PHE F 149 -18.38 -23.28 -34.94
C PHE F 149 -16.88 -23.08 -34.89
N ARG F 150 -16.25 -23.81 -33.98
CA ARG F 150 -14.83 -23.65 -33.75
C ARG F 150 -14.05 -23.97 -35.00
N ALA F 151 -14.37 -25.13 -35.58
CA ALA F 151 -13.72 -25.58 -36.79
C ALA F 151 -13.77 -24.49 -37.87
N THR F 152 -14.99 -24.13 -38.27
CA THR F 152 -15.20 -23.26 -39.42
C THR F 152 -14.64 -21.87 -39.20
N ARG F 153 -14.73 -21.38 -37.97
CA ARG F 153 -14.32 -19.99 -37.72
C ARG F 153 -12.81 -19.93 -37.65
N GLU F 154 -12.18 -21.00 -37.13
CA GLU F 154 -10.73 -21.04 -37.00
C GLU F 154 -10.10 -21.13 -38.39
N GLN F 155 -10.74 -21.91 -39.23
CA GLN F 155 -10.36 -21.97 -40.64
C GLN F 155 -10.52 -20.62 -41.28
N GLN F 156 -11.62 -19.95 -40.99
CA GLN F 156 -11.99 -18.71 -41.64
C GLN F 156 -10.99 -17.60 -41.41
N PHE F 157 -10.40 -17.51 -40.22
CA PHE F 157 -9.51 -16.39 -39.90
C PHE F 157 -8.05 -16.81 -39.75
N GLY F 158 -7.79 -18.10 -39.94
CA GLY F 158 -6.44 -18.63 -39.75
C GLY F 158 -5.86 -18.63 -38.33
N LYS F 159 -6.62 -18.22 -37.32
CA LYS F 159 -6.15 -18.25 -35.93
C LYS F 159 -6.88 -19.32 -35.14
N ARG F 160 -6.35 -19.70 -33.98
CA ARG F 160 -7.17 -20.44 -33.04
C ARG F 160 -8.10 -19.42 -32.45
N LEU F 161 -9.18 -19.87 -31.81
CA LEU F 161 -10.14 -18.93 -31.26
C LEU F 161 -9.52 -18.20 -30.11
N GLU F 162 -8.58 -18.87 -29.43
CA GLU F 162 -7.96 -18.30 -28.24
C GLU F 162 -6.99 -17.18 -28.60
N GLU F 163 -6.58 -17.12 -29.86
CA GLU F 163 -5.70 -16.07 -30.34
C GLU F 163 -6.44 -14.79 -30.72
N GLN F 164 -7.77 -14.83 -30.59
CA GLN F 164 -8.61 -13.76 -31.12
C GLN F 164 -8.96 -12.79 -30.00
N GLY F 165 -9.05 -11.50 -30.32
CA GLY F 165 -9.49 -10.51 -29.35
C GLY F 165 -8.37 -9.61 -28.88
N GLY F 166 -8.46 -9.18 -27.63
CA GLY F 166 -7.40 -8.37 -27.05
C GLY F 166 -7.54 -6.90 -27.35
N GLU F 167 -6.82 -6.10 -26.59
CA GLU F 167 -7.04 -4.67 -26.52
C GLU F 167 -7.03 -3.93 -27.82
N GLU F 168 -6.25 -4.44 -28.78
CA GLU F 168 -6.14 -3.79 -30.06
C GLU F 168 -7.53 -3.55 -30.62
N ARG F 169 -8.42 -4.50 -30.33
CA ARG F 169 -9.77 -4.58 -30.91
C ARG F 169 -10.78 -3.84 -30.08
N TRP F 170 -10.61 -3.88 -28.75
CA TRP F 170 -11.43 -3.09 -27.86
C TRP F 170 -11.31 -1.62 -28.28
N GLN F 171 -10.16 -1.25 -28.83
CA GLN F 171 -10.00 0.12 -29.29
C GLN F 171 -10.75 0.34 -30.57
N GLN F 172 -10.53 -0.54 -31.53
CA GLN F 172 -11.23 -0.46 -32.79
C GLN F 172 -12.74 -0.45 -32.56
N LEU F 173 -13.19 -1.17 -31.54
CA LEU F 173 -14.61 -1.23 -31.26
C LEU F 173 -15.07 0.12 -30.73
N GLU F 174 -14.38 0.64 -29.72
CA GLU F 174 -14.72 1.96 -29.20
C GLU F 174 -14.73 3.01 -30.30
N ALA F 175 -13.76 2.91 -31.20
CA ALA F 175 -13.66 3.82 -32.34
C ALA F 175 -14.86 3.75 -33.26
N GLY F 176 -15.21 2.54 -33.68
CA GLY F 176 -16.37 2.33 -34.52
C GLY F 176 -17.64 2.82 -33.85
N LEU F 177 -17.86 2.43 -32.60
CA LEU F 177 -19.04 2.89 -31.87
C LEU F 177 -18.98 4.38 -31.76
N GLY F 178 -17.77 4.92 -31.68
CA GLY F 178 -17.60 6.36 -31.72
C GLY F 178 -18.19 6.94 -33.00
N LYS F 179 -17.75 6.43 -34.14
CA LYS F 179 -18.20 6.94 -35.41
C LYS F 179 -19.70 6.97 -35.48
N PHE F 180 -20.34 5.97 -34.85
CA PHE F 180 -21.79 5.83 -34.86
C PHE F 180 -22.38 6.92 -34.03
N LYS F 181 -21.80 7.14 -32.85
CA LYS F 181 -22.21 8.22 -31.97
C LYS F 181 -22.16 9.52 -32.75
N GLY F 182 -21.17 9.63 -33.62
CA GLY F 182 -20.96 10.84 -34.40
C GLY F 182 -22.11 11.04 -35.34
N TYR F 183 -22.49 9.98 -36.04
CA TYR F 183 -23.57 10.05 -37.00
C TYR F 183 -24.81 10.51 -36.28
N LEU F 184 -25.05 9.92 -35.13
CA LEU F 184 -26.31 10.13 -34.39
C LEU F 184 -26.40 11.54 -33.90
N GLU F 185 -25.27 12.08 -33.44
CA GLU F 185 -25.24 13.45 -32.98
C GLU F 185 -25.59 14.47 -34.10
N ARG F 186 -25.43 14.09 -35.36
CA ARG F 186 -25.81 15.00 -36.45
C ARG F 186 -27.28 15.19 -36.50
N ASN F 187 -28.01 14.34 -35.78
CA ASN F 187 -29.45 14.51 -35.68
C ASN F 187 -29.83 15.61 -34.69
N GLY F 188 -28.80 16.16 -34.03
CA GLY F 188 -29.02 17.22 -33.06
C GLY F 188 -29.44 16.69 -31.70
N ALA F 189 -29.09 17.41 -30.65
CA ALA F 189 -29.45 17.03 -29.29
C ALA F 189 -30.95 16.67 -29.17
N GLY F 190 -31.24 15.69 -28.32
CA GLY F 190 -32.61 15.23 -28.15
C GLY F 190 -33.05 14.21 -29.19
N ASN F 191 -32.21 13.99 -30.22
CA ASN F 191 -32.52 13.06 -31.29
C ASN F 191 -31.41 12.08 -31.50
N ASP F 192 -30.45 12.05 -30.60
CA ASP F 192 -29.23 11.32 -30.84
C ASP F 192 -29.27 9.90 -30.28
N LEU F 193 -30.43 9.28 -30.28
CA LEU F 193 -30.55 7.87 -29.89
C LEU F 193 -31.29 7.00 -30.89
N LEU F 194 -31.64 7.52 -32.05
CA LEU F 194 -32.15 6.70 -33.14
C LEU F 194 -31.79 7.32 -34.49
N LEU F 195 -31.58 6.52 -35.51
CA LEU F 195 -31.02 7.06 -36.72
C LEU F 195 -31.90 8.14 -37.31
N MET F 196 -33.21 8.01 -37.11
CA MET F 196 -34.13 8.98 -37.67
C MET F 196 -34.70 9.89 -36.58
N GLY F 197 -33.88 10.08 -35.54
CA GLY F 197 -34.27 10.89 -34.41
C GLY F 197 -35.14 10.10 -33.46
N THR F 198 -34.94 10.37 -32.17
CA THR F 198 -35.77 9.79 -31.09
C THR F 198 -37.23 10.31 -31.23
N GLN F 199 -37.49 11.00 -32.33
CA GLN F 199 -38.81 11.38 -32.76
C GLN F 199 -39.37 10.37 -33.77
N GLY F 200 -38.79 10.35 -34.98
CA GLY F 200 -39.31 9.57 -36.10
C GLY F 200 -39.16 8.03 -36.13
N GLY F 201 -39.09 7.39 -34.97
CA GLY F 201 -39.31 5.95 -34.89
C GLY F 201 -38.10 5.04 -35.00
N ILE F 202 -38.30 3.75 -34.65
CA ILE F 202 -37.24 2.72 -34.78
C ILE F 202 -37.14 2.13 -36.18
N THR F 203 -35.91 2.09 -36.74
CA THR F 203 -35.68 1.54 -38.09
C THR F 203 -34.89 0.27 -38.00
N TYR F 204 -34.78 -0.42 -39.13
CA TYR F 204 -34.04 -1.68 -39.16
C TYR F 204 -32.59 -1.43 -38.81
N SER F 205 -32.09 -0.28 -39.25
CA SER F 205 -30.67 0.05 -39.08
C SER F 205 -30.40 0.23 -37.63
N ASP F 206 -31.34 0.78 -36.89
CA ASP F 206 -31.24 0.91 -35.43
C ASP F 206 -31.15 -0.48 -34.77
N VAL F 207 -32.09 -1.33 -35.16
CA VAL F 207 -32.17 -2.69 -34.69
C VAL F 207 -30.91 -3.48 -34.97
N GLN F 208 -30.21 -3.18 -36.07
CA GLN F 208 -28.94 -3.85 -36.32
C GLN F 208 -27.96 -3.57 -35.21
N ILE F 209 -27.84 -2.32 -34.77
CA ILE F 209 -26.91 -2.02 -33.70
C ILE F 209 -27.41 -2.62 -32.39
N ALA F 210 -28.72 -2.49 -32.12
CA ALA F 210 -29.34 -3.04 -30.92
C ALA F 210 -29.00 -4.49 -30.75
N SER F 211 -28.89 -5.15 -31.92
CA SER F 211 -28.63 -6.58 -32.03
C SER F 211 -27.21 -6.92 -31.70
N LEU F 212 -26.24 -6.15 -32.20
CA LEU F 212 -24.85 -6.36 -31.77
C LEU F 212 -24.73 -6.35 -30.24
N PHE F 213 -25.46 -5.44 -29.60
CA PHE F 213 -25.34 -5.26 -28.17
C PHE F 213 -25.96 -6.44 -27.43
N VAL F 214 -27.21 -6.79 -27.79
CA VAL F 214 -27.92 -7.84 -27.06
C VAL F 214 -27.11 -9.14 -27.12
N TRP F 215 -26.49 -9.33 -28.28
CA TRP F 215 -25.59 -10.44 -28.52
C TRP F 215 -24.48 -10.41 -27.46
N ALA F 216 -23.77 -9.29 -27.31
CA ALA F 216 -22.74 -9.22 -26.28
C ALA F 216 -23.34 -9.45 -24.89
N LYS F 217 -24.47 -8.80 -24.63
CA LYS F 217 -25.06 -8.91 -23.31
C LYS F 217 -25.35 -10.37 -23.02
N VAL F 218 -25.93 -11.11 -23.96
CA VAL F 218 -26.37 -12.48 -23.64
C VAL F 218 -25.16 -13.41 -23.43
N VAL F 219 -24.16 -13.30 -24.30
CA VAL F 219 -23.03 -14.20 -24.25
C VAL F 219 -22.17 -13.92 -23.03
N TRP F 220 -21.75 -12.67 -22.87
CA TRP F 220 -20.91 -12.28 -21.73
C TRP F 220 -21.68 -12.30 -20.42
N GLY F 221 -22.96 -11.94 -20.47
CA GLY F 221 -23.80 -11.89 -19.28
C GLY F 221 -23.89 -10.48 -18.74
N GLU F 222 -25.10 -10.11 -18.33
CA GLU F 222 -25.40 -8.73 -17.96
C GLU F 222 -24.51 -8.32 -16.82
N GLY F 223 -24.01 -9.31 -16.09
CA GLY F 223 -23.19 -9.05 -14.93
C GLY F 223 -21.71 -9.09 -15.22
N SER F 224 -21.29 -9.36 -16.45
CA SER F 224 -19.85 -9.60 -16.67
C SER F 224 -19.01 -8.36 -16.59
N GLU F 225 -17.70 -8.52 -16.55
CA GLU F 225 -16.84 -7.35 -16.56
C GLU F 225 -16.90 -6.77 -17.97
N LYS F 226 -16.78 -7.63 -18.97
CA LYS F 226 -16.78 -7.19 -20.37
C LYS F 226 -18.02 -6.34 -20.65
N TRP F 227 -19.21 -6.87 -20.34
CA TRP F 227 -20.45 -6.18 -20.66
C TRP F 227 -20.45 -4.83 -20.04
N LYS F 228 -19.99 -4.76 -18.80
CA LYS F 228 -20.09 -3.53 -18.05
C LYS F 228 -19.05 -2.56 -18.60
N ARG F 229 -17.98 -3.10 -19.16
CA ARG F 229 -16.98 -2.26 -19.82
C ARG F 229 -17.51 -1.59 -21.08
N LEU F 230 -18.25 -2.38 -21.85
CA LEU F 230 -18.81 -1.92 -23.09
C LEU F 230 -19.84 -0.85 -22.79
N MET F 231 -20.70 -1.10 -21.81
CA MET F 231 -21.64 -0.07 -21.38
C MET F 231 -20.92 1.13 -20.83
N GLY F 232 -19.66 0.97 -20.47
CA GLY F 232 -18.87 2.10 -20.03
C GLY F 232 -18.65 3.14 -21.13
N PHE F 233 -18.42 2.64 -22.33
CA PHE F 233 -18.11 3.50 -23.45
C PHE F 233 -19.01 4.70 -23.60
N HIS F 234 -18.35 5.80 -24.00
CA HIS F 234 -18.99 7.08 -24.39
C HIS F 234 -19.97 7.59 -23.36
N GLY F 235 -19.54 7.55 -22.10
CA GLY F 235 -20.33 8.02 -20.99
C GLY F 235 -21.66 7.28 -20.88
N GLY F 236 -21.65 6.02 -21.34
CA GLY F 236 -22.80 5.14 -21.23
C GLY F 236 -23.94 5.48 -22.13
N LYS F 237 -23.62 6.09 -23.27
CA LYS F 237 -24.63 6.36 -24.26
C LYS F 237 -25.30 5.06 -24.62
N TRP F 238 -24.47 4.03 -24.79
CA TRP F 238 -24.98 2.74 -25.31
C TRP F 238 -25.95 2.08 -24.37
N ALA F 239 -25.79 2.37 -23.08
CA ALA F 239 -26.80 2.01 -22.09
C ALA F 239 -28.12 2.66 -22.40
N GLN F 240 -28.09 3.97 -22.69
CA GLN F 240 -29.32 4.67 -23.00
C GLN F 240 -29.90 4.13 -24.30
N PHE F 241 -29.02 3.87 -25.25
CA PHE F 241 -29.42 3.38 -26.55
C PHE F 241 -30.17 2.07 -26.37
N CYS F 242 -29.50 1.12 -25.71
CA CYS F 242 -30.04 -0.22 -25.55
C CYS F 242 -31.36 -0.25 -24.80
N ALA F 243 -31.56 0.70 -23.91
CA ALA F 243 -32.75 0.70 -23.08
C ALA F 243 -34.00 0.81 -23.97
N GLN F 244 -33.86 1.48 -25.11
CA GLN F 244 -35.01 1.71 -25.97
C GLN F 244 -35.51 0.37 -26.48
N PHE F 245 -34.65 -0.64 -26.41
CA PHE F 245 -34.98 -1.96 -26.96
C PHE F 245 -35.30 -3.03 -25.91
N ALA F 246 -35.19 -2.67 -24.63
CA ALA F 246 -35.52 -3.57 -23.53
C ALA F 246 -36.89 -4.22 -23.70
N GLU F 247 -37.96 -3.44 -23.90
CA GLU F 247 -39.28 -4.06 -23.91
C GLU F 247 -39.44 -5.06 -25.03
N TYR F 248 -38.46 -5.13 -25.93
CA TYR F 248 -38.60 -6.00 -27.10
C TYR F 248 -37.76 -7.27 -27.06
N GLU F 249 -37.36 -7.69 -25.86
CA GLU F 249 -36.55 -8.90 -25.67
C GLU F 249 -37.43 -10.10 -25.09
N ARG F 250 -37.94 -10.90 -26.01
CA ARG F 250 -38.78 -12.03 -25.66
C ARG F 250 -38.24 -13.30 -26.26
N ALA F 251 -37.29 -13.89 -25.53
CA ALA F 251 -36.71 -15.20 -25.83
C ALA F 251 -37.79 -16.31 -25.85
N ASP F 252 -37.90 -17.01 -26.99
CA ASP F 252 -38.95 -18.02 -27.24
C ASP F 252 -38.67 -18.83 -28.49
#